data_5WPB
# 
_entry.id   5WPB 
# 
_audit_conform.dict_name       mmcif_pdbx.dic 
_audit_conform.dict_version    5.387 
_audit_conform.dict_location   http://mmcif.pdb.org/dictionaries/ascii/mmcif_pdbx.dic 
# 
loop_
_database_2.database_id 
_database_2.database_code 
_database_2.pdbx_database_accession 
_database_2.pdbx_DOI 
PDB   5WPB         pdb_00005wpb 10.2210/pdb5wpb/pdb 
WWPDB D_1000229388 ?            ?                   
# 
loop_
_pdbx_audit_revision_history.ordinal 
_pdbx_audit_revision_history.data_content_type 
_pdbx_audit_revision_history.major_revision 
_pdbx_audit_revision_history.minor_revision 
_pdbx_audit_revision_history.revision_date 
1 'Structure model' 1 0 2017-08-23 
2 'Structure model' 1 1 2019-02-27 
3 'Structure model' 1 2 2024-03-13 
# 
_pdbx_audit_revision_details.ordinal             1 
_pdbx_audit_revision_details.revision_ordinal    1 
_pdbx_audit_revision_details.data_content_type   'Structure model' 
_pdbx_audit_revision_details.provider            repository 
_pdbx_audit_revision_details.type                'Initial release' 
_pdbx_audit_revision_details.description         ? 
_pdbx_audit_revision_details.details             ? 
# 
loop_
_pdbx_audit_revision_group.ordinal 
_pdbx_audit_revision_group.revision_ordinal 
_pdbx_audit_revision_group.data_content_type 
_pdbx_audit_revision_group.group 
1 2 'Structure model' 'Data collection'     
2 2 'Structure model' 'Database references' 
3 3 'Structure model' 'Data collection'     
4 3 'Structure model' 'Database references' 
# 
loop_
_pdbx_audit_revision_category.ordinal 
_pdbx_audit_revision_category.revision_ordinal 
_pdbx_audit_revision_category.data_content_type 
_pdbx_audit_revision_category.category 
1 2 'Structure model' citation        
2 2 'Structure model' citation_author 
3 3 'Structure model' chem_comp_atom  
4 3 'Structure model' chem_comp_bond  
5 3 'Structure model' database_2      
# 
loop_
_pdbx_audit_revision_item.ordinal 
_pdbx_audit_revision_item.revision_ordinal 
_pdbx_audit_revision_item.data_content_type 
_pdbx_audit_revision_item.item 
1  2 'Structure model' '_citation.country'                   
2  2 'Structure model' '_citation.journal_abbrev'            
3  2 'Structure model' '_citation.journal_id_ASTM'           
4  2 'Structure model' '_citation.journal_id_CSD'            
5  2 'Structure model' '_citation.journal_id_ISSN'           
6  2 'Structure model' '_citation.journal_volume'            
7  2 'Structure model' '_citation.page_first'                
8  2 'Structure model' '_citation.page_last'                 
9  2 'Structure model' '_citation.pdbx_database_id_DOI'      
10 2 'Structure model' '_citation.pdbx_database_id_PubMed'   
11 2 'Structure model' '_citation.title'                     
12 2 'Structure model' '_citation.year'                      
13 3 'Structure model' '_database_2.pdbx_DOI'                
14 3 'Structure model' '_database_2.pdbx_database_accession' 
# 
_pdbx_database_status.status_code                     REL 
_pdbx_database_status.status_code_sf                  REL 
_pdbx_database_status.status_code_mr                  ? 
_pdbx_database_status.entry_id                        5WPB 
_pdbx_database_status.recvd_initial_deposition_date   2017-08-04 
_pdbx_database_status.SG_entry                        Y 
_pdbx_database_status.deposit_site                    RCSB 
_pdbx_database_status.process_site                    RCSB 
_pdbx_database_status.status_code_cs                  ? 
_pdbx_database_status.methods_development_category    ? 
_pdbx_database_status.pdb_format_compatible           Y 
_pdbx_database_status.status_code_nmr_data            ? 
# 
loop_
_audit_author.name 
_audit_author.pdbx_ordinal 
_audit_author.identifier_ORCID 
'Harding, R.J.'                        1  ? 
'Tempel, W.'                           2  ? 
'Ferreira de Freitas, R.'              3  ? 
'Franzoni, I.'                         4  ? 
'Ravichandran, M.'                     5  ? 
'Lautens, M.'                          6  ? 
'Santhakumar, V.'                      7  ? 
'Schapira, M.'                         8  ? 
'Bountra, C.'                          9  ? 
'Edwards, A.M.'                        10 ? 
'Arrowsmith, C.H.'                     11 ? 
'Structural Genomics Consortium (SGC)' 12 ? 
# 
_citation.abstract                  ? 
_citation.abstract_id_CAS           ? 
_citation.book_id_ISBN              ? 
_citation.book_publisher            ? 
_citation.book_publisher_city       ? 
_citation.book_title                ? 
_citation.coordinate_linkage        ? 
_citation.country                   US 
_citation.database_id_Medline       ? 
_citation.details                   ? 
_citation.id                        primary 
_citation.journal_abbrev            'J. Med. Chem.' 
_citation.journal_id_ASTM           JMCMAR 
_citation.journal_id_CSD            0151 
_citation.journal_id_ISSN           1520-4804 
_citation.journal_full              ? 
_citation.journal_issue             ? 
_citation.journal_volume            60 
_citation.language                  ? 
_citation.page_first                9090 
_citation.page_last                 9096 
_citation.title                     
'Small Molecule Antagonists of the Interaction between the Histone Deacetylase 6 Zinc-Finger Domain and Ubiquitin.' 
_citation.year                      2017 
_citation.database_id_CSD           ? 
_citation.pdbx_database_id_DOI      10.1021/acs.jmedchem.7b00933 
_citation.pdbx_database_id_PubMed   29019676 
_citation.unpublished_flag          ? 
# 
loop_
_citation_author.citation_id 
_citation_author.name 
_citation_author.ordinal 
_citation_author.identifier_ORCID 
primary 'Harding, R.J.'           1  0000-0002-1134-391X 
primary 'Ferreira de Freitas, R.' 2  0000-0001-6195-4236 
primary 'Collins, P.'             3  0000-0002-6265-9922 
primary 'Franzoni, I.'            4  0000-0001-8110-6218 
primary 'Ravichandran, M.'        5  ?                   
primary 'Ouyang, H.'              6  ?                   
primary 'Juarez-Ornelas, K.A.'    7  ?                   
primary 'Lautens, M.'             8  ?                   
primary 'Schapira, M.'            9  0000-0002-1047-3309 
primary 'von Delft, F.'           10 ?                   
primary 'Santhakumar, V.'         11 ?                   
primary 'Arrowsmith, C.H.'        12 0000-0002-4971-3250 
# 
loop_
_entity.id 
_entity.type 
_entity.src_method 
_entity.pdbx_description 
_entity.formula_weight 
_entity.pdbx_number_of_molecules 
_entity.pdbx_ec 
_entity.pdbx_mutation 
_entity.pdbx_fragment 
_entity.details 
1 polymer     man 'Histone deacetylase 6'                                      11321.949 1  3.5.1.98 ? ? ? 
2 non-polymer syn 'ZINC ION'                                                   65.409    3  ?        ? ? ? 
3 non-polymer syn '3-{3-[(pyridin-2-yl)methoxy]quinoxalin-2-yl}propanoic acid' 309.319   1  ?        ? ? ? 
4 non-polymer nat 'UNKNOWN ATOM OR ION'                                        18.015    17 ?        ? ? ? 
5 water       nat water                                                        18.015    93 ?        ? ? ? 
# 
_entity_name_com.entity_id   1 
_entity_name_com.name        HD6 
# 
_entity_poly.entity_id                      1 
_entity_poly.type                           'polypeptide(L)' 
_entity_poly.nstd_linkage                   no 
_entity_poly.nstd_monomer                   no 
_entity_poly.pdbx_seq_one_letter_code       
;GSPLPWCPHLVAVCPIPAAGLDVTQPCGDCGTIQENWVCLSCYQVYCGRYINGHMLQHHGNSGHPLVLSYIDLSAWCYYC
QAYVHHQALLDVKNIAHQNKFG
;
_entity_poly.pdbx_seq_one_letter_code_can   
;GSPLPWCPHLVAVCPIPAAGLDVTQPCGDCGTIQENWVCLSCYQVYCGRYINGHMLQHHGNSGHPLVLSYIDLSAWCYYC
QAYVHHQALLDVKNIAHQNKFG
;
_entity_poly.pdbx_strand_id                 A 
_entity_poly.pdbx_target_identifier         ? 
# 
loop_
_pdbx_entity_nonpoly.entity_id 
_pdbx_entity_nonpoly.name 
_pdbx_entity_nonpoly.comp_id 
2 'ZINC ION'                                                   ZN  
3 '3-{3-[(pyridin-2-yl)methoxy]quinoxalin-2-yl}propanoic acid' B8P 
4 'UNKNOWN ATOM OR ION'                                        UNX 
5 water                                                        HOH 
# 
loop_
_entity_poly_seq.entity_id 
_entity_poly_seq.num 
_entity_poly_seq.mon_id 
_entity_poly_seq.hetero 
1 1   GLY n 
1 2   SER n 
1 3   PRO n 
1 4   LEU n 
1 5   PRO n 
1 6   TRP n 
1 7   CYS n 
1 8   PRO n 
1 9   HIS n 
1 10  LEU n 
1 11  VAL n 
1 12  ALA n 
1 13  VAL n 
1 14  CYS n 
1 15  PRO n 
1 16  ILE n 
1 17  PRO n 
1 18  ALA n 
1 19  ALA n 
1 20  GLY n 
1 21  LEU n 
1 22  ASP n 
1 23  VAL n 
1 24  THR n 
1 25  GLN n 
1 26  PRO n 
1 27  CYS n 
1 28  GLY n 
1 29  ASP n 
1 30  CYS n 
1 31  GLY n 
1 32  THR n 
1 33  ILE n 
1 34  GLN n 
1 35  GLU n 
1 36  ASN n 
1 37  TRP n 
1 38  VAL n 
1 39  CYS n 
1 40  LEU n 
1 41  SER n 
1 42  CYS n 
1 43  TYR n 
1 44  GLN n 
1 45  VAL n 
1 46  TYR n 
1 47  CYS n 
1 48  GLY n 
1 49  ARG n 
1 50  TYR n 
1 51  ILE n 
1 52  ASN n 
1 53  GLY n 
1 54  HIS n 
1 55  MET n 
1 56  LEU n 
1 57  GLN n 
1 58  HIS n 
1 59  HIS n 
1 60  GLY n 
1 61  ASN n 
1 62  SER n 
1 63  GLY n 
1 64  HIS n 
1 65  PRO n 
1 66  LEU n 
1 67  VAL n 
1 68  LEU n 
1 69  SER n 
1 70  TYR n 
1 71  ILE n 
1 72  ASP n 
1 73  LEU n 
1 74  SER n 
1 75  ALA n 
1 76  TRP n 
1 77  CYS n 
1 78  TYR n 
1 79  TYR n 
1 80  CYS n 
1 81  GLN n 
1 82  ALA n 
1 83  TYR n 
1 84  VAL n 
1 85  HIS n 
1 86  HIS n 
1 87  GLN n 
1 88  ALA n 
1 89  LEU n 
1 90  LEU n 
1 91  ASP n 
1 92  VAL n 
1 93  LYS n 
1 94  ASN n 
1 95  ILE n 
1 96  ALA n 
1 97  HIS n 
1 98  GLN n 
1 99  ASN n 
1 100 LYS n 
1 101 PHE n 
1 102 GLY n 
# 
_entity_src_gen.entity_id                          1 
_entity_src_gen.pdbx_src_id                        1 
_entity_src_gen.pdbx_alt_source_flag               sample 
_entity_src_gen.pdbx_seq_type                      'Biological sequence' 
_entity_src_gen.pdbx_beg_seq_num                   1 
_entity_src_gen.pdbx_end_seq_num                   102 
_entity_src_gen.gene_src_common_name               Human 
_entity_src_gen.gene_src_genus                     ? 
_entity_src_gen.pdbx_gene_src_gene                 'HDAC6, KIAA0901, JM21' 
_entity_src_gen.gene_src_species                   ? 
_entity_src_gen.gene_src_strain                    ? 
_entity_src_gen.gene_src_tissue                    ? 
_entity_src_gen.gene_src_tissue_fraction           ? 
_entity_src_gen.gene_src_details                   ? 
_entity_src_gen.pdbx_gene_src_fragment             ? 
_entity_src_gen.pdbx_gene_src_scientific_name      'Homo sapiens' 
_entity_src_gen.pdbx_gene_src_ncbi_taxonomy_id     9606 
_entity_src_gen.pdbx_gene_src_variant              ? 
_entity_src_gen.pdbx_gene_src_cell_line            ? 
_entity_src_gen.pdbx_gene_src_atcc                 ? 
_entity_src_gen.pdbx_gene_src_organ                ? 
_entity_src_gen.pdbx_gene_src_organelle            ? 
_entity_src_gen.pdbx_gene_src_cell                 ? 
_entity_src_gen.pdbx_gene_src_cellular_location    ? 
_entity_src_gen.host_org_common_name               ? 
_entity_src_gen.pdbx_host_org_scientific_name      'Escherichia coli' 
_entity_src_gen.pdbx_host_org_ncbi_taxonomy_id     562 
_entity_src_gen.host_org_genus                     ? 
_entity_src_gen.pdbx_host_org_gene                 ? 
_entity_src_gen.pdbx_host_org_organ                ? 
_entity_src_gen.host_org_species                   ? 
_entity_src_gen.pdbx_host_org_tissue               ? 
_entity_src_gen.pdbx_host_org_tissue_fraction      ? 
_entity_src_gen.pdbx_host_org_strain               'BL21-CodonPlus(DE3)-RIL' 
_entity_src_gen.pdbx_host_org_variant              ? 
_entity_src_gen.pdbx_host_org_cell_line            ? 
_entity_src_gen.pdbx_host_org_atcc                 ? 
_entity_src_gen.pdbx_host_org_culture_collection   ? 
_entity_src_gen.pdbx_host_org_cell                 ? 
_entity_src_gen.pdbx_host_org_organelle            ? 
_entity_src_gen.pdbx_host_org_cellular_location    ? 
_entity_src_gen.pdbx_host_org_vector_type          plasmid 
_entity_src_gen.pdbx_host_org_vector               ? 
_entity_src_gen.host_org_details                   ? 
_entity_src_gen.expression_system_id               ? 
_entity_src_gen.plasmid_name                       PET28-LIC 
_entity_src_gen.plasmid_details                    ? 
_entity_src_gen.pdbx_description                   ? 
# 
loop_
_chem_comp.id 
_chem_comp.type 
_chem_comp.mon_nstd_flag 
_chem_comp.name 
_chem_comp.pdbx_synonyms 
_chem_comp.formula 
_chem_comp.formula_weight 
ALA 'L-peptide linking' y ALANINE                                                      ? 'C3 H7 N O2'     89.093  
ARG 'L-peptide linking' y ARGININE                                                     ? 'C6 H15 N4 O2 1' 175.209 
ASN 'L-peptide linking' y ASPARAGINE                                                   ? 'C4 H8 N2 O3'    132.118 
ASP 'L-peptide linking' y 'ASPARTIC ACID'                                              ? 'C4 H7 N O4'     133.103 
B8P non-polymer         . '3-{3-[(pyridin-2-yl)methoxy]quinoxalin-2-yl}propanoic acid' ? 'C17 H15 N3 O3'  309.319 
CYS 'L-peptide linking' y CYSTEINE                                                     ? 'C3 H7 N O2 S'   121.158 
GLN 'L-peptide linking' y GLUTAMINE                                                    ? 'C5 H10 N2 O3'   146.144 
GLU 'L-peptide linking' y 'GLUTAMIC ACID'                                              ? 'C5 H9 N O4'     147.129 
GLY 'peptide linking'   y GLYCINE                                                      ? 'C2 H5 N O2'     75.067  
HIS 'L-peptide linking' y HISTIDINE                                                    ? 'C6 H10 N3 O2 1' 156.162 
HOH non-polymer         . WATER                                                        ? 'H2 O'           18.015  
ILE 'L-peptide linking' y ISOLEUCINE                                                   ? 'C6 H13 N O2'    131.173 
LEU 'L-peptide linking' y LEUCINE                                                      ? 'C6 H13 N O2'    131.173 
LYS 'L-peptide linking' y LYSINE                                                       ? 'C6 H15 N2 O2 1' 147.195 
MET 'L-peptide linking' y METHIONINE                                                   ? 'C5 H11 N O2 S'  149.211 
PHE 'L-peptide linking' y PHENYLALANINE                                                ? 'C9 H11 N O2'    165.189 
PRO 'L-peptide linking' y PROLINE                                                      ? 'C5 H9 N O2'     115.130 
SER 'L-peptide linking' y SERINE                                                       ? 'C3 H7 N O3'     105.093 
THR 'L-peptide linking' y THREONINE                                                    ? 'C4 H9 N O3'     119.119 
TRP 'L-peptide linking' y TRYPTOPHAN                                                   ? 'C11 H12 N2 O2'  204.225 
TYR 'L-peptide linking' y TYROSINE                                                     ? 'C9 H11 N O3'    181.189 
UNX non-polymer         . 'UNKNOWN ATOM OR ION'                                        ? ?                ?       
VAL 'L-peptide linking' y VALINE                                                       ? 'C5 H11 N O2'    117.146 
ZN  non-polymer         . 'ZINC ION'                                                   ? 'Zn 2'           65.409  
# 
loop_
_pdbx_poly_seq_scheme.asym_id 
_pdbx_poly_seq_scheme.entity_id 
_pdbx_poly_seq_scheme.seq_id 
_pdbx_poly_seq_scheme.mon_id 
_pdbx_poly_seq_scheme.ndb_seq_num 
_pdbx_poly_seq_scheme.pdb_seq_num 
_pdbx_poly_seq_scheme.auth_seq_num 
_pdbx_poly_seq_scheme.pdb_mon_id 
_pdbx_poly_seq_scheme.auth_mon_id 
_pdbx_poly_seq_scheme.pdb_strand_id 
_pdbx_poly_seq_scheme.pdb_ins_code 
_pdbx_poly_seq_scheme.hetero 
A 1 1   GLY 1   1107 1107 GLY GLY A . n 
A 1 2   SER 2   1108 1108 SER SER A . n 
A 1 3   PRO 3   1109 1109 PRO PRO A . n 
A 1 4   LEU 4   1110 1110 LEU LEU A . n 
A 1 5   PRO 5   1111 1111 PRO PRO A . n 
A 1 6   TRP 6   1112 1112 TRP TRP A . n 
A 1 7   CYS 7   1113 1113 CYS CYS A . n 
A 1 8   PRO 8   1114 1114 PRO PRO A . n 
A 1 9   HIS 9   1115 1115 HIS HIS A . n 
A 1 10  LEU 10  1116 1116 LEU LEU A . n 
A 1 11  VAL 11  1117 1117 VAL VAL A . n 
A 1 12  ALA 12  1118 1118 ALA ALA A . n 
A 1 13  VAL 13  1119 1119 VAL VAL A . n 
A 1 14  CYS 14  1120 1120 CYS CYS A . n 
A 1 15  PRO 15  1121 1121 PRO PRO A . n 
A 1 16  ILE 16  1122 1122 ILE ILE A . n 
A 1 17  PRO 17  1123 1123 PRO PRO A . n 
A 1 18  ALA 18  1124 1124 ALA ALA A . n 
A 1 19  ALA 19  1125 1125 ALA ALA A . n 
A 1 20  GLY 20  1126 1126 GLY GLY A . n 
A 1 21  LEU 21  1127 1127 LEU LEU A . n 
A 1 22  ASP 22  1128 1128 ASP ASP A . n 
A 1 23  VAL 23  1129 1129 VAL VAL A . n 
A 1 24  THR 24  1130 1130 THR THR A . n 
A 1 25  GLN 25  1131 1131 GLN GLN A . n 
A 1 26  PRO 26  1132 1132 PRO PRO A . n 
A 1 27  CYS 27  1133 1133 CYS CYS A . n 
A 1 28  GLY 28  1134 1134 GLY GLY A . n 
A 1 29  ASP 29  1135 1135 ASP ASP A . n 
A 1 30  CYS 30  1136 1136 CYS CYS A . n 
A 1 31  GLY 31  1137 1137 GLY GLY A . n 
A 1 32  THR 32  1138 1138 THR THR A . n 
A 1 33  ILE 33  1139 1139 ILE ILE A . n 
A 1 34  GLN 34  1140 1140 GLN GLN A . n 
A 1 35  GLU 35  1141 1141 GLU GLU A . n 
A 1 36  ASN 36  1142 1142 ASN ASN A . n 
A 1 37  TRP 37  1143 1143 TRP TRP A . n 
A 1 38  VAL 38  1144 1144 VAL VAL A . n 
A 1 39  CYS 39  1145 1145 CYS CYS A . n 
A 1 40  LEU 40  1146 1146 LEU LEU A . n 
A 1 41  SER 41  1147 1147 SER SER A . n 
A 1 42  CYS 42  1148 1148 CYS CYS A . n 
A 1 43  TYR 43  1149 1149 TYR TYR A . n 
A 1 44  GLN 44  1150 1150 GLN GLN A . n 
A 1 45  VAL 45  1151 1151 VAL VAL A . n 
A 1 46  TYR 46  1152 1152 TYR TYR A . n 
A 1 47  CYS 47  1153 1153 CYS CYS A . n 
A 1 48  GLY 48  1154 1154 GLY GLY A . n 
A 1 49  ARG 49  1155 1155 ARG ARG A . n 
A 1 50  TYR 50  1156 1156 TYR TYR A . n 
A 1 51  ILE 51  1157 1157 ILE ILE A . n 
A 1 52  ASN 52  1158 1158 ASN ASN A . n 
A 1 53  GLY 53  1159 1159 GLY GLY A . n 
A 1 54  HIS 54  1160 1160 HIS HIS A . n 
A 1 55  MET 55  1161 1161 MET MET A . n 
A 1 56  LEU 56  1162 1162 LEU LEU A . n 
A 1 57  GLN 57  1163 1163 GLN GLN A . n 
A 1 58  HIS 58  1164 1164 HIS HIS A . n 
A 1 59  HIS 59  1165 1165 HIS HIS A . n 
A 1 60  GLY 60  1166 1166 GLY GLY A . n 
A 1 61  ASN 61  1167 1167 ASN ASN A . n 
A 1 62  SER 62  1168 1168 SER SER A . n 
A 1 63  GLY 63  1169 1169 GLY GLY A . n 
A 1 64  HIS 64  1170 1170 HIS HIS A . n 
A 1 65  PRO 65  1171 1171 PRO PRO A . n 
A 1 66  LEU 66  1172 1172 LEU LEU A . n 
A 1 67  VAL 67  1173 1173 VAL VAL A . n 
A 1 68  LEU 68  1174 1174 LEU LEU A . n 
A 1 69  SER 69  1175 1175 SER SER A . n 
A 1 70  TYR 70  1176 1176 TYR TYR A . n 
A 1 71  ILE 71  1177 1177 ILE ILE A . n 
A 1 72  ASP 72  1178 1178 ASP ASP A . n 
A 1 73  LEU 73  1179 1179 LEU LEU A . n 
A 1 74  SER 74  1180 1180 SER SER A . n 
A 1 75  ALA 75  1181 1181 ALA ALA A . n 
A 1 76  TRP 76  1182 1182 TRP TRP A . n 
A 1 77  CYS 77  1183 1183 CYS CYS A . n 
A 1 78  TYR 78  1184 1184 TYR TYR A . n 
A 1 79  TYR 79  1185 1185 TYR TYR A . n 
A 1 80  CYS 80  1186 1186 CYS CYS A . n 
A 1 81  GLN 81  1187 1187 GLN GLN A . n 
A 1 82  ALA 82  1188 1188 ALA ALA A . n 
A 1 83  TYR 83  1189 1189 TYR TYR A . n 
A 1 84  VAL 84  1190 1190 VAL VAL A . n 
A 1 85  HIS 85  1191 1191 HIS HIS A . n 
A 1 86  HIS 86  1192 1192 HIS HIS A . n 
A 1 87  GLN 87  1193 1193 GLN GLN A . n 
A 1 88  ALA 88  1194 1194 ALA ALA A . n 
A 1 89  LEU 89  1195 1195 LEU LEU A . n 
A 1 90  LEU 90  1196 1196 LEU LEU A . n 
A 1 91  ASP 91  1197 1197 ASP ASP A . n 
A 1 92  VAL 92  1198 1198 VAL VAL A . n 
A 1 93  LYS 93  1199 1199 LYS LYS A . n 
A 1 94  ASN 94  1200 1200 ASN ASN A . n 
A 1 95  ILE 95  1201 1201 ILE ILE A . n 
A 1 96  ALA 96  1202 1202 ALA ALA A . n 
A 1 97  HIS 97  1203 1203 HIS HIS A . n 
A 1 98  GLN 98  1204 1204 GLN GLN A . n 
A 1 99  ASN 99  1205 1205 ASN ASN A . n 
A 1 100 LYS 100 1206 1206 LYS LYS A . n 
A 1 101 PHE 101 1207 1207 PHE PHE A . n 
A 1 102 GLY 102 1208 1208 GLY GLY A . n 
# 
loop_
_pdbx_nonpoly_scheme.asym_id 
_pdbx_nonpoly_scheme.entity_id 
_pdbx_nonpoly_scheme.mon_id 
_pdbx_nonpoly_scheme.ndb_seq_num 
_pdbx_nonpoly_scheme.pdb_seq_num 
_pdbx_nonpoly_scheme.auth_seq_num 
_pdbx_nonpoly_scheme.pdb_mon_id 
_pdbx_nonpoly_scheme.auth_mon_id 
_pdbx_nonpoly_scheme.pdb_strand_id 
_pdbx_nonpoly_scheme.pdb_ins_code 
B 2 ZN  1  1301 201 ZN  ZN  A . 
C 2 ZN  1  1302 202 ZN  ZN  A . 
D 2 ZN  1  1303 203 ZN  ZN  A . 
E 3 B8P 1  1304 1   B8P I76 A . 
F 4 UNX 1  1305 3   UNX UNX A . 
G 4 UNX 1  1306 4   UNX UNX A . 
H 4 UNX 1  1307 5   UNX UNX A . 
I 4 UNX 1  1308 6   UNX UNX A . 
J 4 UNX 1  1309 7   UNX UNX A . 
K 4 UNX 1  1310 8   UNX UNX A . 
L 4 UNX 1  1311 9   UNX UNX A . 
M 4 UNX 1  1312 10  UNX UNX A . 
N 4 UNX 1  1313 11  UNX UNX A . 
O 4 UNX 1  1314 12  UNX UNX A . 
P 4 UNX 1  1315 13  UNX UNX A . 
Q 4 UNX 1  1316 14  UNX UNX A . 
R 4 UNX 1  1317 15  UNX UNX A . 
S 4 UNX 1  1318 16  UNX UNX A . 
T 4 UNX 1  1319 17  UNX UNX A . 
U 4 UNX 1  1320 18  UNX UNX A . 
V 4 UNX 1  1321 19  UNX UNX A . 
W 5 HOH 1  1401 85  HOH HOH A . 
W 5 HOH 2  1402 64  HOH HOH A . 
W 5 HOH 3  1403 113 HOH HOH A . 
W 5 HOH 4  1404 70  HOH HOH A . 
W 5 HOH 5  1405 54  HOH HOH A . 
W 5 HOH 6  1406 114 HOH HOH A . 
W 5 HOH 7  1407 12  HOH HOH A . 
W 5 HOH 8  1408 106 HOH HOH A . 
W 5 HOH 9  1409 35  HOH HOH A . 
W 5 HOH 10 1410 69  HOH HOH A . 
W 5 HOH 11 1411 4   HOH HOH A . 
W 5 HOH 12 1412 59  HOH HOH A . 
W 5 HOH 13 1413 36  HOH HOH A . 
W 5 HOH 14 1414 3   HOH HOH A . 
W 5 HOH 15 1415 14  HOH HOH A . 
W 5 HOH 16 1416 28  HOH HOH A . 
W 5 HOH 17 1417 11  HOH HOH A . 
W 5 HOH 18 1418 84  HOH HOH A . 
W 5 HOH 19 1419 37  HOH HOH A . 
W 5 HOH 20 1420 18  HOH HOH A . 
W 5 HOH 21 1421 5   HOH HOH A . 
W 5 HOH 22 1422 58  HOH HOH A . 
W 5 HOH 23 1423 87  HOH HOH A . 
W 5 HOH 24 1424 41  HOH HOH A . 
W 5 HOH 25 1425 62  HOH HOH A . 
W 5 HOH 26 1426 108 HOH HOH A . 
W 5 HOH 27 1427 81  HOH HOH A . 
W 5 HOH 28 1428 45  HOH HOH A . 
W 5 HOH 29 1429 117 HOH HOH A . 
W 5 HOH 30 1430 19  HOH HOH A . 
W 5 HOH 31 1431 76  HOH HOH A . 
W 5 HOH 32 1432 16  HOH HOH A . 
W 5 HOH 33 1433 56  HOH HOH A . 
W 5 HOH 34 1434 43  HOH HOH A . 
W 5 HOH 35 1435 78  HOH HOH A . 
W 5 HOH 36 1436 61  HOH HOH A . 
W 5 HOH 37 1437 38  HOH HOH A . 
W 5 HOH 38 1438 82  HOH HOH A . 
W 5 HOH 39 1439 13  HOH HOH A . 
W 5 HOH 40 1440 2   HOH HOH A . 
W 5 HOH 41 1441 115 HOH HOH A . 
W 5 HOH 42 1442 22  HOH HOH A . 
W 5 HOH 43 1443 67  HOH HOH A . 
W 5 HOH 44 1444 86  HOH HOH A . 
W 5 HOH 45 1445 10  HOH HOH A . 
W 5 HOH 46 1446 68  HOH HOH A . 
W 5 HOH 47 1447 17  HOH HOH A . 
W 5 HOH 48 1448 25  HOH HOH A . 
W 5 HOH 49 1449 109 HOH HOH A . 
W 5 HOH 50 1450 120 HOH HOH A . 
W 5 HOH 51 1451 77  HOH HOH A . 
W 5 HOH 52 1452 46  HOH HOH A . 
W 5 HOH 53 1453 21  HOH HOH A . 
W 5 HOH 54 1454 24  HOH HOH A . 
W 5 HOH 55 1455 72  HOH HOH A . 
W 5 HOH 56 1456 48  HOH HOH A . 
W 5 HOH 57 1457 8   HOH HOH A . 
W 5 HOH 58 1458 6   HOH HOH A . 
W 5 HOH 59 1459 49  HOH HOH A . 
W 5 HOH 60 1460 9   HOH HOH A . 
W 5 HOH 61 1461 60  HOH HOH A . 
W 5 HOH 62 1462 95  HOH HOH A . 
W 5 HOH 63 1463 74  HOH HOH A . 
W 5 HOH 64 1464 63  HOH HOH A . 
W 5 HOH 65 1465 39  HOH HOH A . 
W 5 HOH 66 1466 27  HOH HOH A . 
W 5 HOH 67 1467 107 HOH HOH A . 
W 5 HOH 68 1468 125 HOH HOH A . 
W 5 HOH 69 1469 33  HOH HOH A . 
W 5 HOH 70 1470 73  HOH HOH A . 
W 5 HOH 71 1471 51  HOH HOH A . 
W 5 HOH 72 1472 129 HOH HOH A . 
W 5 HOH 73 1473 47  HOH HOH A . 
W 5 HOH 74 1474 53  HOH HOH A . 
W 5 HOH 75 1475 98  HOH HOH A . 
W 5 HOH 76 1476 127 HOH HOH A . 
W 5 HOH 77 1477 57  HOH HOH A . 
W 5 HOH 78 1478 20  HOH HOH A . 
W 5 HOH 79 1479 116 HOH HOH A . 
W 5 HOH 80 1480 50  HOH HOH A . 
W 5 HOH 81 1481 121 HOH HOH A . 
W 5 HOH 82 1482 96  HOH HOH A . 
W 5 HOH 83 1483 111 HOH HOH A . 
W 5 HOH 84 1484 7   HOH HOH A . 
W 5 HOH 85 1485 110 HOH HOH A . 
W 5 HOH 86 1486 88  HOH HOH A . 
W 5 HOH 87 1487 124 HOH HOH A . 
W 5 HOH 88 1488 128 HOH HOH A . 
W 5 HOH 89 1489 90  HOH HOH A . 
W 5 HOH 90 1490 89  HOH HOH A . 
W 5 HOH 91 1491 93  HOH HOH A . 
W 5 HOH 92 1492 83  HOH HOH A . 
W 5 HOH 93 1493 103 HOH HOH A . 
# 
loop_
_pdbx_unobs_or_zero_occ_atoms.id 
_pdbx_unobs_or_zero_occ_atoms.PDB_model_num 
_pdbx_unobs_or_zero_occ_atoms.polymer_flag 
_pdbx_unobs_or_zero_occ_atoms.occupancy_flag 
_pdbx_unobs_or_zero_occ_atoms.auth_asym_id 
_pdbx_unobs_or_zero_occ_atoms.auth_comp_id 
_pdbx_unobs_or_zero_occ_atoms.auth_seq_id 
_pdbx_unobs_or_zero_occ_atoms.PDB_ins_code 
_pdbx_unobs_or_zero_occ_atoms.auth_atom_id 
_pdbx_unobs_or_zero_occ_atoms.label_alt_id 
_pdbx_unobs_or_zero_occ_atoms.label_asym_id 
_pdbx_unobs_or_zero_occ_atoms.label_comp_id 
_pdbx_unobs_or_zero_occ_atoms.label_seq_id 
_pdbx_unobs_or_zero_occ_atoms.label_atom_id 
1  1 Y 1 A GLY 1107 ? N   ? A GLY 1   N   
2  1 Y 1 A ARG 1155 ? NE  ? A ARG 49  NE  
3  1 Y 1 A ARG 1155 ? CZ  ? A ARG 49  CZ  
4  1 Y 1 A ARG 1155 ? NH1 ? A ARG 49  NH1 
5  1 Y 1 A ARG 1155 ? NH2 ? A ARG 49  NH2 
6  1 Y 1 A GLN 1193 ? CG  ? A GLN 87  CG  
7  1 Y 1 A GLN 1193 ? CD  ? A GLN 87  CD  
8  1 Y 1 A GLN 1193 ? OE1 ? A GLN 87  OE1 
9  1 Y 1 A GLN 1193 ? NE2 ? A GLN 87  NE2 
10 1 Y 1 A LEU 1196 ? CD1 ? A LEU 90  CD1 
11 1 Y 1 A LEU 1196 ? CD2 ? A LEU 90  CD2 
12 1 Y 1 A GLN 1204 ? CD  ? A GLN 98  CD  
13 1 Y 1 A GLN 1204 ? OE1 ? A GLN 98  OE1 
14 1 Y 1 A GLN 1204 ? NE2 ? A GLN 98  NE2 
15 1 Y 1 A GLY 1208 ? CA  ? A GLY 102 CA  
16 1 Y 1 A GLY 1208 ? C   ? A GLY 102 C   
17 1 Y 1 A GLY 1208 ? O   ? A GLY 102 O   
# 
loop_
_software.citation_id 
_software.classification 
_software.compiler_name 
_software.compiler_version 
_software.contact_author 
_software.contact_author_email 
_software.date 
_software.description 
_software.dependencies 
_software.hardware 
_software.language 
_software.location 
_software.mods 
_software.name 
_software.os 
_software.os_version 
_software.type 
_software.version 
_software.pdbx_ordinal 
? refinement        ? ? ? ? ? ? ? ? ? ? ? REFMAC      ? ? ? 5.8.0158 1 
? 'data scaling'    ? ? ? ? ? ? ? ? ? ? ? xia2        ? ? ? .        2 
? 'data extraction' ? ? ? ? ? ? ? ? ? ? ? PDB_EXTRACT ? ? ? 3.22     3 
? 'data scaling'    ? ? ? ? ? ? ? ? ? ? ? Aimless     ? ? ? .        4 
# 
_cell.angle_alpha                  90.000 
_cell.angle_alpha_esd              ? 
_cell.angle_beta                   90.000 
_cell.angle_beta_esd               ? 
_cell.angle_gamma                  90.000 
_cell.angle_gamma_esd              ? 
_cell.entry_id                     5WPB 
_cell.details                      ? 
_cell.formula_units_Z              ? 
_cell.length_a                     40.850 
_cell.length_a_esd                 ? 
_cell.length_b                     43.740 
_cell.length_b_esd                 ? 
_cell.length_c                     55.760 
_cell.length_c_esd                 ? 
_cell.volume                       ? 
_cell.volume_esd                   ? 
_cell.Z_PDB                        4 
_cell.reciprocal_angle_alpha       ? 
_cell.reciprocal_angle_beta        ? 
_cell.reciprocal_angle_gamma       ? 
_cell.reciprocal_angle_alpha_esd   ? 
_cell.reciprocal_angle_beta_esd    ? 
_cell.reciprocal_angle_gamma_esd   ? 
_cell.reciprocal_length_a          ? 
_cell.reciprocal_length_b          ? 
_cell.reciprocal_length_c          ? 
_cell.reciprocal_length_a_esd      ? 
_cell.reciprocal_length_b_esd      ? 
_cell.reciprocal_length_c_esd      ? 
_cell.pdbx_unique_axis             ? 
# 
_symmetry.entry_id                         5WPB 
_symmetry.cell_setting                     ? 
_symmetry.Int_Tables_number                19 
_symmetry.space_group_name_Hall            ? 
_symmetry.space_group_name_H-M             'P 21 21 21' 
_symmetry.pdbx_full_space_group_name_H-M   ? 
# 
_exptl.absorpt_coefficient_mu     ? 
_exptl.absorpt_correction_T_max   ? 
_exptl.absorpt_correction_T_min   ? 
_exptl.absorpt_correction_type    ? 
_exptl.absorpt_process_details    ? 
_exptl.entry_id                   5WPB 
_exptl.crystals_number            1 
_exptl.details                    ? 
_exptl.method                     'X-RAY DIFFRACTION' 
_exptl.method_details             ? 
# 
_exptl_crystal.colour                      ? 
_exptl_crystal.density_diffrn              ? 
_exptl_crystal.density_Matthews            2.21 
_exptl_crystal.density_method              ? 
_exptl_crystal.density_percent_sol         44.36 
_exptl_crystal.description                 ? 
_exptl_crystal.F_000                       ? 
_exptl_crystal.id                          1 
_exptl_crystal.preparation                 ? 
_exptl_crystal.size_max                    ? 
_exptl_crystal.size_mid                    ? 
_exptl_crystal.size_min                    ? 
_exptl_crystal.size_rad                    ? 
_exptl_crystal.colour_lustre               ? 
_exptl_crystal.colour_modifier             ? 
_exptl_crystal.colour_primary              ? 
_exptl_crystal.density_meas                ? 
_exptl_crystal.density_meas_esd            ? 
_exptl_crystal.density_meas_gt             ? 
_exptl_crystal.density_meas_lt             ? 
_exptl_crystal.density_meas_temp           ? 
_exptl_crystal.density_meas_temp_esd       ? 
_exptl_crystal.density_meas_temp_gt        ? 
_exptl_crystal.density_meas_temp_lt        ? 
_exptl_crystal.pdbx_crystal_image_url      ? 
_exptl_crystal.pdbx_crystal_image_format   ? 
_exptl_crystal.pdbx_mosaicity              ? 
_exptl_crystal.pdbx_mosaicity_esd          ? 
# 
_exptl_crystal_grow.apparatus       ? 
_exptl_crystal_grow.atmosphere      ? 
_exptl_crystal_grow.crystal_id      1 
_exptl_crystal_grow.details         ? 
_exptl_crystal_grow.method          'VAPOR DIFFUSION, SITTING DROP' 
_exptl_crystal_grow.method_ref      ? 
_exptl_crystal_grow.pH              4.6 
_exptl_crystal_grow.pressure        ? 
_exptl_crystal_grow.pressure_esd    ? 
_exptl_crystal_grow.seeding         ? 
_exptl_crystal_grow.seeding_ref     ? 
_exptl_crystal_grow.temp            291 
_exptl_crystal_grow.temp_details    ? 
_exptl_crystal_grow.temp_esd        ? 
_exptl_crystal_grow.time            ? 
_exptl_crystal_grow.pdbx_details    '2M Na-formate, 0.2M Na-acetate pH4.6, 5% ethylene glycol' 
_exptl_crystal_grow.pdbx_pH_range   ? 
# 
_diffrn.ambient_environment    ? 
_diffrn.ambient_temp           100 
_diffrn.ambient_temp_details   ? 
_diffrn.ambient_temp_esd       ? 
_diffrn.crystal_id             1 
_diffrn.crystal_support        ? 
_diffrn.crystal_treatment      ? 
_diffrn.details                ? 
_diffrn.id                     1 
_diffrn.ambient_pressure       ? 
_diffrn.ambient_pressure_esd   ? 
_diffrn.ambient_pressure_gt    ? 
_diffrn.ambient_pressure_lt    ? 
_diffrn.ambient_temp_gt        ? 
_diffrn.ambient_temp_lt        ? 
# 
_diffrn_detector.details                      A200 
_diffrn_detector.detector                     CCD 
_diffrn_detector.diffrn_id                    1 
_diffrn_detector.type                         'RIGAKU SATURN A200' 
_diffrn_detector.area_resol_mean              ? 
_diffrn_detector.dtime                        ? 
_diffrn_detector.pdbx_frames_total            ? 
_diffrn_detector.pdbx_collection_time_total   ? 
_diffrn_detector.pdbx_collection_date         2016-07-07 
# 
_diffrn_radiation.collimation                      ? 
_diffrn_radiation.diffrn_id                        1 
_diffrn_radiation.filter_edge                      ? 
_diffrn_radiation.inhomogeneity                    ? 
_diffrn_radiation.monochromator                    ? 
_diffrn_radiation.polarisn_norm                    ? 
_diffrn_radiation.polarisn_ratio                   ? 
_diffrn_radiation.probe                            ? 
_diffrn_radiation.type                             ? 
_diffrn_radiation.xray_symbol                      ? 
_diffrn_radiation.wavelength_id                    1 
_diffrn_radiation.pdbx_monochromatic_or_laue_m_l   M 
_diffrn_radiation.pdbx_wavelength_list             ? 
_diffrn_radiation.pdbx_wavelength                  ? 
_diffrn_radiation.pdbx_diffrn_protocol             'SINGLE WAVELENGTH' 
_diffrn_radiation.pdbx_analyzer                    ? 
_diffrn_radiation.pdbx_scattering_type             x-ray 
# 
_diffrn_radiation_wavelength.id           1 
_diffrn_radiation_wavelength.wavelength   1.54178 
_diffrn_radiation_wavelength.wt           1.0 
# 
_diffrn_source.current                     ? 
_diffrn_source.details                     ? 
_diffrn_source.diffrn_id                   1 
_diffrn_source.power                       ? 
_diffrn_source.size                        ? 
_diffrn_source.source                      'ROTATING ANODE' 
_diffrn_source.target                      ? 
_diffrn_source.type                        'RIGAKU FR-E SUPERBRIGHT' 
_diffrn_source.voltage                     ? 
_diffrn_source.take-off_angle              ? 
_diffrn_source.pdbx_wavelength_list        1.54178 
_diffrn_source.pdbx_wavelength             ? 
_diffrn_source.pdbx_synchrotron_beamline   ? 
_diffrn_source.pdbx_synchrotron_site       ? 
# 
_reflns.B_iso_Wilson_estimate            ? 
_reflns.entry_id                         5WPB 
_reflns.data_reduction_details           ? 
_reflns.data_reduction_method            ? 
_reflns.d_resolution_high                1.550 
_reflns.d_resolution_low                 29.850 
_reflns.details                          ? 
_reflns.limit_h_max                      ? 
_reflns.limit_h_min                      ? 
_reflns.limit_k_max                      ? 
_reflns.limit_k_min                      ? 
_reflns.limit_l_max                      ? 
_reflns.limit_l_min                      ? 
_reflns.number_all                       ? 
_reflns.number_obs                       14896 
_reflns.observed_criterion               ? 
_reflns.observed_criterion_F_max         ? 
_reflns.observed_criterion_F_min         ? 
_reflns.observed_criterion_I_max         ? 
_reflns.observed_criterion_I_min         ? 
_reflns.observed_criterion_sigma_F       ? 
_reflns.observed_criterion_sigma_I       ? 
_reflns.percent_possible_obs             99.200 
_reflns.R_free_details                   ? 
_reflns.Rmerge_F_all                     ? 
_reflns.Rmerge_F_obs                     ? 
_reflns.Friedel_coverage                 ? 
_reflns.number_gt                        ? 
_reflns.threshold_expression             ? 
_reflns.pdbx_redundancy                  6.800 
_reflns.pdbx_Rmerge_I_obs                0.025 
_reflns.pdbx_Rmerge_I_all                ? 
_reflns.pdbx_Rsym_value                  ? 
_reflns.pdbx_netI_over_av_sigmaI         ? 
_reflns.pdbx_netI_over_sigmaI            69.900 
_reflns.pdbx_res_netI_over_av_sigmaI_2   ? 
_reflns.pdbx_res_netI_over_sigmaI_2      ? 
_reflns.pdbx_chi_squared                 ? 
_reflns.pdbx_scaling_rejects             0 
_reflns.pdbx_d_res_high_opt              ? 
_reflns.pdbx_d_res_low_opt               ? 
_reflns.pdbx_d_res_opt_method            ? 
_reflns.phase_calculation_details        ? 
_reflns.pdbx_Rrim_I_all                  0.027 
_reflns.pdbx_Rpim_I_all                  0.010 
_reflns.pdbx_d_opt                       ? 
_reflns.pdbx_number_measured_all         100583 
_reflns.pdbx_diffrn_id                   1 
_reflns.pdbx_ordinal                     1 
_reflns.pdbx_CC_half                     1.000 
_reflns.pdbx_R_split                     ? 
# 
loop_
_reflns_shell.d_res_high 
_reflns_shell.d_res_low 
_reflns_shell.meanI_over_sigI_all 
_reflns_shell.meanI_over_sigI_obs 
_reflns_shell.number_measured_all 
_reflns_shell.number_measured_obs 
_reflns_shell.number_possible 
_reflns_shell.number_unique_all 
_reflns_shell.number_unique_obs 
_reflns_shell.percent_possible_all 
_reflns_shell.percent_possible_obs 
_reflns_shell.Rmerge_F_all 
_reflns_shell.Rmerge_F_obs 
_reflns_shell.Rmerge_I_all 
_reflns_shell.Rmerge_I_obs 
_reflns_shell.meanI_over_sigI_gt 
_reflns_shell.meanI_over_uI_all 
_reflns_shell.meanI_over_uI_gt 
_reflns_shell.number_measured_gt 
_reflns_shell.number_unique_gt 
_reflns_shell.percent_possible_gt 
_reflns_shell.Rmerge_F_gt 
_reflns_shell.Rmerge_I_gt 
_reflns_shell.pdbx_redundancy 
_reflns_shell.pdbx_Rsym_value 
_reflns_shell.pdbx_chi_squared 
_reflns_shell.pdbx_netI_over_sigmaI_all 
_reflns_shell.pdbx_netI_over_sigmaI_obs 
_reflns_shell.pdbx_Rrim_I_all 
_reflns_shell.pdbx_Rpim_I_all 
_reflns_shell.pdbx_rejects 
_reflns_shell.pdbx_ordinal 
_reflns_shell.pdbx_diffrn_id 
_reflns_shell.pdbx_CC_half 
_reflns_shell.pdbx_R_split 
1.550 1.580  ? ? ? ? ? ? 706 95.600 ? ? ? ? 0.083 ? ? ? ? ? ? ? ? 6.400 ? ? ? ? 0.091 0.036 ? 1 1 0.996 ? 
8.490 29.850 ? ? ? ? ? ? 111 97.900 ? ? ? ? 0.021 ? ? ? ? ? ? ? ? 5.300 ? ? ? ? 0.023 0.009 ? 2 1 1.000 ? 
# 
_refine.aniso_B[1][1]                            -0.3300 
_refine.aniso_B[1][2]                            0.0000 
_refine.aniso_B[1][3]                            0.0000 
_refine.aniso_B[2][2]                            0.7600 
_refine.aniso_B[2][3]                            -0.0000 
_refine.aniso_B[3][3]                            -0.4300 
_refine.B_iso_max                                39.190 
_refine.B_iso_mean                               9.9570 
_refine.B_iso_min                                5.130 
_refine.correlation_coeff_Fo_to_Fc               0.9650 
_refine.correlation_coeff_Fo_to_Fc_free          0.9650 
_refine.details                                  
;HYDROGENS HAVE BEEN ADDED IN THE RIDING POSITIONS U VALUES      : REFINED INDIVIDUALLY
Ligand (B8P: 3-{3-[(pyridin-2-yl)methoxy]quinoxalin-2-yl}propanoic acid) occupancy was approximated by manually setting B8P occupancy at 0.1 intervals and then performing cycles of Refmac refinement. The ligand occupancy which brought the B-factors of Tyr1184-OG and B8P-O2 closest in value after refinement, was determined to be the approximate occupancy. This is modelled as alternate conformation A. Residual density observed following ligand modelling and refinement may represent an alternative binding mode in which the quinoxaline ring makes pi-stacking interactions with Arg1155 and Trp1182 (as seen in comparable structures 5KH3, 5KH7, 5kH9 and 5WBN).
;
_refine.diff_density_max                         ? 
_refine.diff_density_max_esd                     ? 
_refine.diff_density_min                         ? 
_refine.diff_density_min_esd                     ? 
_refine.diff_density_rms                         ? 
_refine.diff_density_rms_esd                     ? 
_refine.entry_id                                 5WPB 
_refine.pdbx_refine_id                           'X-RAY DIFFRACTION' 
_refine.ls_abs_structure_details                 ? 
_refine.ls_abs_structure_Flack                   ? 
_refine.ls_abs_structure_Flack_esd               ? 
_refine.ls_abs_structure_Rogers                  ? 
_refine.ls_abs_structure_Rogers_esd              ? 
_refine.ls_d_res_high                            1.5500 
_refine.ls_d_res_low                             29.8500 
_refine.ls_extinction_coef                       ? 
_refine.ls_extinction_coef_esd                   ? 
_refine.ls_extinction_expression                 ? 
_refine.ls_extinction_method                     ? 
_refine.ls_goodness_of_fit_all                   ? 
_refine.ls_goodness_of_fit_all_esd               ? 
_refine.ls_goodness_of_fit_obs                   ? 
_refine.ls_goodness_of_fit_obs_esd               ? 
_refine.ls_hydrogen_treatment                    ? 
_refine.ls_matrix_type                           ? 
_refine.ls_number_constraints                    ? 
_refine.ls_number_parameters                     ? 
_refine.ls_number_reflns_all                     ? 
_refine.ls_number_reflns_obs                     14173 
_refine.ls_number_reflns_R_free                  722 
_refine.ls_number_reflns_R_work                  ? 
_refine.ls_number_restraints                     ? 
_refine.ls_percent_reflns_obs                    98.9600 
_refine.ls_percent_reflns_R_free                 4.8000 
_refine.ls_R_factor_all                          ? 
_refine.ls_R_factor_obs                          0.1437 
_refine.ls_R_factor_R_free                       0.1621 
_refine.ls_R_factor_R_free_error                 ? 
_refine.ls_R_factor_R_free_error_details         ? 
_refine.ls_R_factor_R_work                       0.1427 
_refine.ls_R_Fsqd_factor_obs                     ? 
_refine.ls_R_I_factor_obs                        ? 
_refine.ls_redundancy_reflns_all                 ? 
_refine.ls_redundancy_reflns_obs                 ? 
_refine.ls_restrained_S_all                      ? 
_refine.ls_restrained_S_obs                      ? 
_refine.ls_shift_over_esd_max                    ? 
_refine.ls_shift_over_esd_mean                   ? 
_refine.ls_structure_factor_coef                 ? 
_refine.ls_weighting_details                     ? 
_refine.ls_weighting_scheme                      ? 
_refine.ls_wR_factor_all                         ? 
_refine.ls_wR_factor_obs                         ? 
_refine.ls_wR_factor_R_free                      ? 
_refine.ls_wR_factor_R_work                      ? 
_refine.occupancy_max                            ? 
_refine.occupancy_min                            ? 
_refine.solvent_model_details                    ? 
_refine.solvent_model_param_bsol                 ? 
_refine.solvent_model_param_ksol                 ? 
_refine.ls_R_factor_gt                           ? 
_refine.ls_goodness_of_fit_gt                    ? 
_refine.ls_goodness_of_fit_ref                   ? 
_refine.ls_shift_over_su_max                     ? 
_refine.ls_shift_over_su_max_lt                  ? 
_refine.ls_shift_over_su_mean                    ? 
_refine.ls_shift_over_su_mean_lt                 ? 
_refine.pdbx_ls_sigma_I                          ? 
_refine.pdbx_ls_sigma_F                          0.000 
_refine.pdbx_ls_sigma_Fsqd                       ? 
_refine.pdbx_data_cutoff_high_absF               ? 
_refine.pdbx_data_cutoff_high_rms_absF           ? 
_refine.pdbx_data_cutoff_low_absF                ? 
_refine.pdbx_isotropic_thermal_model             ? 
_refine.pdbx_ls_cross_valid_method               THROUGHOUT 
_refine.pdbx_method_to_determine_struct          ? 
_refine.pdbx_starting_model                      ? 
_refine.pdbx_stereochemistry_target_values       ? 
_refine.pdbx_R_Free_selection_details            RANDOM 
_refine.pdbx_stereochem_target_val_spec_case     ? 
_refine.pdbx_overall_ESU_R                       0.0670 
_refine.pdbx_overall_ESU_R_Free                  0.0660 
_refine.pdbx_solvent_vdw_probe_radii             1.2000 
_refine.pdbx_solvent_ion_probe_radii             0.8000 
_refine.pdbx_solvent_shrinkage_radii             0.8000 
_refine.pdbx_real_space_R                        ? 
_refine.pdbx_density_correlation                 ? 
_refine.pdbx_pd_number_of_powder_patterns        ? 
_refine.pdbx_pd_number_of_points                 ? 
_refine.pdbx_pd_meas_number_of_points            ? 
_refine.pdbx_pd_proc_ls_prof_R_factor            ? 
_refine.pdbx_pd_proc_ls_prof_wR_factor           ? 
_refine.pdbx_pd_Marquardt_correlation_coeff      ? 
_refine.pdbx_pd_Fsqrd_R_factor                   ? 
_refine.pdbx_pd_ls_matrix_band_width             ? 
_refine.pdbx_overall_phase_error                 ? 
_refine.pdbx_overall_SU_R_free_Cruickshank_DPI   ? 
_refine.pdbx_overall_SU_R_free_Blow_DPI          ? 
_refine.pdbx_overall_SU_R_Blow_DPI               ? 
_refine.pdbx_TLS_residual_ADP_flag               ? 
_refine.pdbx_diffrn_id                           1 
_refine.overall_SU_B                             0.9520 
_refine.overall_SU_ML                            0.0360 
_refine.overall_SU_R_Cruickshank_DPI             ? 
_refine.overall_SU_R_free                        ? 
_refine.overall_FOM_free_R_set                   ? 
_refine.overall_FOM_work_R_set                   ? 
_refine.pdbx_average_fsc_overall                 ? 
_refine.pdbx_average_fsc_work                    ? 
_refine.pdbx_average_fsc_free                    ? 
# 
_refine_hist.cycle_id                         final 
_refine_hist.pdbx_refine_id                   'X-RAY DIFFRACTION' 
_refine_hist.d_res_high                       1.5500 
_refine_hist.d_res_low                        29.8500 
_refine_hist.pdbx_number_atoms_ligand         43 
_refine_hist.number_atoms_solvent             93 
_refine_hist.number_atoms_total               911 
_refine_hist.pdbx_number_residues_total       102 
_refine_hist.pdbx_B_iso_mean_ligand           15.12 
_refine_hist.pdbx_B_iso_mean_solvent          22.45 
_refine_hist.pdbx_number_atoms_protein        775 
_refine_hist.pdbx_number_atoms_nucleic_acid   0 
# 
loop_
_refine_ls_restr.pdbx_refine_id 
_refine_ls_restr.criterion 
_refine_ls_restr.dev_ideal 
_refine_ls_restr.dev_ideal_target 
_refine_ls_restr.number 
_refine_ls_restr.rejects 
_refine_ls_restr.type 
_refine_ls_restr.weight 
_refine_ls_restr.pdbx_restraint_function 
'X-RAY DIFFRACTION' ? 0.012  0.019  847  ? r_bond_refined_d       ? ? 
'X-RAY DIFFRACTION' ? 0.002  0.020  701  ? r_bond_other_d         ? ? 
'X-RAY DIFFRACTION' ? 1.541  1.904  1165 ? r_angle_refined_deg    ? ? 
'X-RAY DIFFRACTION' ? 1.091  3.000  1635 ? r_angle_other_deg      ? ? 
'X-RAY DIFFRACTION' ? 6.376  5.000  104  ? r_dihedral_angle_1_deg ? ? 
'X-RAY DIFFRACTION' ? 35.841 24.571 35   ? r_dihedral_angle_2_deg ? ? 
'X-RAY DIFFRACTION' ? 11.504 15.000 111  ? r_dihedral_angle_3_deg ? ? 
'X-RAY DIFFRACTION' ? 0.113  0.200  120  ? r_chiral_restr         ? ? 
'X-RAY DIFFRACTION' ? 0.009  0.021  1064 ? r_gen_planes_refined   ? ? 
'X-RAY DIFFRACTION' ? 0.002  0.020  172  ? r_gen_planes_other     ? ? 
# 
_refine_ls_shell.pdbx_refine_id                   'X-RAY DIFFRACTION' 
_refine_ls_shell.d_res_high                       1.5500 
_refine_ls_shell.d_res_low                        1.5900 
_refine_ls_shell.number_reflns_all                1036 
_refine_ls_shell.number_reflns_obs                ? 
_refine_ls_shell.number_reflns_R_free             55 
_refine_ls_shell.number_reflns_R_work             981 
_refine_ls_shell.percent_reflns_obs               96.4600 
_refine_ls_shell.percent_reflns_R_free            ? 
_refine_ls_shell.R_factor_all                     ? 
_refine_ls_shell.R_factor_obs                     ? 
_refine_ls_shell.R_factor_R_free                  0.1570 
_refine_ls_shell.R_factor_R_free_error            0.0000 
_refine_ls_shell.R_factor_R_work                  0.1330 
_refine_ls_shell.redundancy_reflns_all            ? 
_refine_ls_shell.redundancy_reflns_obs            ? 
_refine_ls_shell.wR_factor_all                    ? 
_refine_ls_shell.wR_factor_obs                    ? 
_refine_ls_shell.wR_factor_R_free                 ? 
_refine_ls_shell.wR_factor_R_work                 ? 
_refine_ls_shell.pdbx_total_number_of_bins_used   20 
_refine_ls_shell.pdbx_phase_error                 ? 
_refine_ls_shell.pdbx_fsc_work                    ? 
_refine_ls_shell.pdbx_fsc_free                    ? 
# 
_struct.entry_id                     5WPB 
_struct.title                        
;Crystal structure of fragment 3-(3-(pyridin-2-ylmethoxy)quinoxalin-2-yl)propanoic acid bound in the ubiquitin binding pocket of the HDAC6 zinc-finger domain
;
_struct.pdbx_model_details           ? 
_struct.pdbx_formula_weight          ? 
_struct.pdbx_formula_weight_method   ? 
_struct.pdbx_model_type_details      ? 
_struct.pdbx_CASP_flag               N 
# 
_struct_keywords.entry_id        5WPB 
_struct_keywords.text            
'HISTONE DEACETYLASE, HDAC, HDAC6, FRAGMENT SCREENING, STRUCTURAL GENOMICS CONSORTIUM, SGC, hydrolase-hydrolase inhibitor complex' 
_struct_keywords.pdbx_keywords   'hydrolase/hydrolase inhibitor' 
# 
loop_
_struct_asym.id 
_struct_asym.pdbx_blank_PDB_chainid_flag 
_struct_asym.pdbx_modified 
_struct_asym.entity_id 
_struct_asym.details 
A N N 1 ? 
B N N 2 ? 
C N N 2 ? 
D N N 2 ? 
E N N 3 ? 
F N N 4 ? 
G N N 4 ? 
H N N 4 ? 
I N N 4 ? 
J N N 4 ? 
K N N 4 ? 
L N N 4 ? 
M N N 4 ? 
N N N 4 ? 
O N N 4 ? 
P N N 4 ? 
Q N N 4 ? 
R N N 4 ? 
S N N 4 ? 
T N N 4 ? 
U N N 4 ? 
V N N 4 ? 
W N N 5 ? 
# 
_struct_ref.id                         1 
_struct_ref.db_name                    UNP 
_struct_ref.db_code                    HDAC6_HUMAN 
_struct_ref.pdbx_db_accession          Q9UBN7 
_struct_ref.pdbx_db_isoform            Q9UBN7-2 
_struct_ref.entity_id                  1 
_struct_ref.pdbx_seq_one_letter_code   
;PLPWCPHLVAVCPIPAAGLDVTQPCGDCGTIQENWVCLSCYQVYCGRYINGHMLQHHGNSGHPLVLSYIDLSAWCYYCQA
YVHHQALLDVKNIAHQNKFG
;
_struct_ref.pdbx_align_begin           957 
# 
_struct_ref_seq.align_id                      1 
_struct_ref_seq.ref_id                        1 
_struct_ref_seq.pdbx_PDB_id_code              5WPB 
_struct_ref_seq.pdbx_strand_id                A 
_struct_ref_seq.seq_align_beg                 3 
_struct_ref_seq.pdbx_seq_align_beg_ins_code   ? 
_struct_ref_seq.seq_align_end                 102 
_struct_ref_seq.pdbx_seq_align_end_ins_code   ? 
_struct_ref_seq.pdbx_db_accession             Q9UBN7 
_struct_ref_seq.db_align_beg                  957 
_struct_ref_seq.pdbx_db_align_beg_ins_code    ? 
_struct_ref_seq.db_align_end                  1056 
_struct_ref_seq.pdbx_db_align_end_ins_code    ? 
_struct_ref_seq.pdbx_auth_seq_align_beg       1109 
_struct_ref_seq.pdbx_auth_seq_align_end       1208 
# 
loop_
_struct_ref_seq_dif.align_id 
_struct_ref_seq_dif.pdbx_pdb_id_code 
_struct_ref_seq_dif.mon_id 
_struct_ref_seq_dif.pdbx_pdb_strand_id 
_struct_ref_seq_dif.seq_num 
_struct_ref_seq_dif.pdbx_pdb_ins_code 
_struct_ref_seq_dif.pdbx_seq_db_name 
_struct_ref_seq_dif.pdbx_seq_db_accession_code 
_struct_ref_seq_dif.db_mon_id 
_struct_ref_seq_dif.pdbx_seq_db_seq_num 
_struct_ref_seq_dif.details 
_struct_ref_seq_dif.pdbx_auth_seq_num 
_struct_ref_seq_dif.pdbx_ordinal 
1 5WPB GLY A 1 ? UNP Q9UBN7 ? ? 'expression tag' 1107 1 
1 5WPB SER A 2 ? UNP Q9UBN7 ? ? 'expression tag' 1108 2 
# 
_pdbx_struct_assembly.id                   1 
_pdbx_struct_assembly.details              author_and_software_defined_assembly 
_pdbx_struct_assembly.method_details       PISA 
_pdbx_struct_assembly.oligomeric_details   monomeric 
_pdbx_struct_assembly.oligomeric_count     1 
# 
_pdbx_struct_assembly_gen.assembly_id       1 
_pdbx_struct_assembly_gen.oper_expression   1 
_pdbx_struct_assembly_gen.asym_id_list      A,B,C,D,E,F,G,H,I,J,K,L,M,N,O,P,Q,R,S,T,U,V,W 
# 
_pdbx_struct_assembly_auth_evidence.id                     1 
_pdbx_struct_assembly_auth_evidence.assembly_id            1 
_pdbx_struct_assembly_auth_evidence.experimental_support   'gel filtration' 
_pdbx_struct_assembly_auth_evidence.details                ? 
# 
_pdbx_struct_oper_list.id                   1 
_pdbx_struct_oper_list.type                 'identity operation' 
_pdbx_struct_oper_list.name                 1_555 
_pdbx_struct_oper_list.symmetry_operation   x,y,z 
_pdbx_struct_oper_list.matrix[1][1]         1.0000000000 
_pdbx_struct_oper_list.matrix[1][2]         0.0000000000 
_pdbx_struct_oper_list.matrix[1][3]         0.0000000000 
_pdbx_struct_oper_list.vector[1]            0.0000000000 
_pdbx_struct_oper_list.matrix[2][1]         0.0000000000 
_pdbx_struct_oper_list.matrix[2][2]         1.0000000000 
_pdbx_struct_oper_list.matrix[2][3]         0.0000000000 
_pdbx_struct_oper_list.vector[2]            0.0000000000 
_pdbx_struct_oper_list.matrix[3][1]         0.0000000000 
_pdbx_struct_oper_list.matrix[3][2]         0.0000000000 
_pdbx_struct_oper_list.matrix[3][3]         1.0000000000 
_pdbx_struct_oper_list.vector[3]            0.0000000000 
# 
loop_
_struct_conf.conf_type_id 
_struct_conf.id 
_struct_conf.pdbx_PDB_helix_id 
_struct_conf.beg_label_comp_id 
_struct_conf.beg_label_asym_id 
_struct_conf.beg_label_seq_id 
_struct_conf.pdbx_beg_PDB_ins_code 
_struct_conf.end_label_comp_id 
_struct_conf.end_label_asym_id 
_struct_conf.end_label_seq_id 
_struct_conf.pdbx_end_PDB_ins_code 
_struct_conf.beg_auth_comp_id 
_struct_conf.beg_auth_asym_id 
_struct_conf.beg_auth_seq_id 
_struct_conf.end_auth_comp_id 
_struct_conf.end_auth_asym_id 
_struct_conf.end_auth_seq_id 
_struct_conf.pdbx_PDB_helix_class 
_struct_conf.details 
_struct_conf.pdbx_PDB_helix_length 
HELX_P HELX_P1 AA1 HIS A 9  ? VAL A 13  ? HIS A 1115 VAL A 1119 5 ? 5  
HELX_P HELX_P2 AA2 GLY A 53 ? GLY A 63  ? GLY A 1159 GLY A 1169 1 ? 11 
HELX_P HELX_P3 AA3 HIS A 86 ? ALA A 88  ? HIS A 1192 ALA A 1194 5 ? 3  
HELX_P HELX_P4 AA4 LEU A 89 ? PHE A 101 ? LEU A 1195 PHE A 1207 1 ? 13 
# 
_struct_conf_type.id          HELX_P 
_struct_conf_type.criteria    ? 
_struct_conf_type.reference   ? 
# 
loop_
_struct_conn.id 
_struct_conn.conn_type_id 
_struct_conn.pdbx_leaving_atom_flag 
_struct_conn.pdbx_PDB_id 
_struct_conn.ptnr1_label_asym_id 
_struct_conn.ptnr1_label_comp_id 
_struct_conn.ptnr1_label_seq_id 
_struct_conn.ptnr1_label_atom_id 
_struct_conn.pdbx_ptnr1_label_alt_id 
_struct_conn.pdbx_ptnr1_PDB_ins_code 
_struct_conn.pdbx_ptnr1_standard_comp_id 
_struct_conn.ptnr1_symmetry 
_struct_conn.ptnr2_label_asym_id 
_struct_conn.ptnr2_label_comp_id 
_struct_conn.ptnr2_label_seq_id 
_struct_conn.ptnr2_label_atom_id 
_struct_conn.pdbx_ptnr2_label_alt_id 
_struct_conn.pdbx_ptnr2_PDB_ins_code 
_struct_conn.ptnr1_auth_asym_id 
_struct_conn.ptnr1_auth_comp_id 
_struct_conn.ptnr1_auth_seq_id 
_struct_conn.ptnr2_auth_asym_id 
_struct_conn.ptnr2_auth_comp_id 
_struct_conn.ptnr2_auth_seq_id 
_struct_conn.ptnr2_symmetry 
_struct_conn.pdbx_ptnr3_label_atom_id 
_struct_conn.pdbx_ptnr3_label_seq_id 
_struct_conn.pdbx_ptnr3_label_comp_id 
_struct_conn.pdbx_ptnr3_label_asym_id 
_struct_conn.pdbx_ptnr3_label_alt_id 
_struct_conn.pdbx_ptnr3_PDB_ins_code 
_struct_conn.details 
_struct_conn.pdbx_dist_value 
_struct_conn.pdbx_value_order 
_struct_conn.pdbx_role 
metalc1  metalc ? ? A CYS 7  SG  ? ? ? 1_555 D ZN . ZN ? ? A CYS 1113 A ZN 1303 1_555 ? ? ? ? ? ? ? 2.314 ? ? 
metalc2  metalc ? ? A HIS 9  ND1 ? ? ? 1_555 D ZN . ZN ? ? A HIS 1115 A ZN 1303 1_555 ? ? ? ? ? ? ? 2.129 ? ? 
metalc3  metalc ? ? A CYS 27 SG  ? ? ? 1_555 C ZN . ZN ? ? A CYS 1133 A ZN 1302 1_555 ? ? ? ? ? ? ? 2.355 ? ? 
metalc4  metalc ? ? A CYS 30 SG  ? ? ? 1_555 C ZN . ZN ? ? A CYS 1136 A ZN 1302 1_555 ? ? ? ? ? ? ? 2.291 ? ? 
metalc5  metalc ? ? A CYS 39 SG  ? ? ? 1_555 B ZN . ZN ? ? A CYS 1145 A ZN 1301 1_555 ? ? ? ? ? ? ? 2.286 ? ? 
metalc6  metalc ? ? A CYS 42 SG  ? ? ? 1_555 B ZN . ZN ? ? A CYS 1148 A ZN 1301 1_555 ? ? ? ? ? ? ? 2.284 ? ? 
metalc7  metalc ? ? A CYS 47 SG  ? ? ? 1_555 C ZN . ZN ? ? A CYS 1153 A ZN 1302 1_555 ? ? ? ? ? ? ? 2.331 ? ? 
metalc8  metalc ? ? A HIS 54 ND1 ? ? ? 1_555 C ZN . ZN ? ? A HIS 1160 A ZN 1302 1_555 ? ? ? ? ? ? ? 2.065 ? ? 
metalc9  metalc ? ? A HIS 58 NE2 ? ? ? 1_555 B ZN . ZN ? ? A HIS 1164 A ZN 1301 1_555 ? ? ? ? ? ? ? 2.067 ? ? 
metalc10 metalc ? ? A HIS 64 ND1 ? ? ? 1_555 B ZN . ZN ? ? A HIS 1170 A ZN 1301 1_555 ? ? ? ? ? ? ? 2.067 ? ? 
metalc11 metalc ? ? A CYS 77 SG  ? ? ? 1_555 D ZN . ZN ? ? A CYS 1183 A ZN 1303 1_555 ? ? ? ? ? ? ? 2.314 ? ? 
metalc12 metalc ? ? A CYS 80 SG  ? ? ? 1_555 D ZN . ZN ? ? A CYS 1186 A ZN 1303 1_555 ? ? ? ? ? ? ? 2.320 ? ? 
# 
_struct_conn_type.id          metalc 
_struct_conn_type.criteria    ? 
_struct_conn_type.reference   ? 
# 
loop_
_pdbx_struct_conn_angle.id 
_pdbx_struct_conn_angle.ptnr1_label_atom_id 
_pdbx_struct_conn_angle.ptnr1_label_alt_id 
_pdbx_struct_conn_angle.ptnr1_label_asym_id 
_pdbx_struct_conn_angle.ptnr1_label_comp_id 
_pdbx_struct_conn_angle.ptnr1_label_seq_id 
_pdbx_struct_conn_angle.ptnr1_auth_atom_id 
_pdbx_struct_conn_angle.ptnr1_auth_asym_id 
_pdbx_struct_conn_angle.ptnr1_auth_comp_id 
_pdbx_struct_conn_angle.ptnr1_auth_seq_id 
_pdbx_struct_conn_angle.ptnr1_PDB_ins_code 
_pdbx_struct_conn_angle.ptnr1_symmetry 
_pdbx_struct_conn_angle.ptnr2_label_atom_id 
_pdbx_struct_conn_angle.ptnr2_label_alt_id 
_pdbx_struct_conn_angle.ptnr2_label_asym_id 
_pdbx_struct_conn_angle.ptnr2_label_comp_id 
_pdbx_struct_conn_angle.ptnr2_label_seq_id 
_pdbx_struct_conn_angle.ptnr2_auth_atom_id 
_pdbx_struct_conn_angle.ptnr2_auth_asym_id 
_pdbx_struct_conn_angle.ptnr2_auth_comp_id 
_pdbx_struct_conn_angle.ptnr2_auth_seq_id 
_pdbx_struct_conn_angle.ptnr2_PDB_ins_code 
_pdbx_struct_conn_angle.ptnr2_symmetry 
_pdbx_struct_conn_angle.ptnr3_label_atom_id 
_pdbx_struct_conn_angle.ptnr3_label_alt_id 
_pdbx_struct_conn_angle.ptnr3_label_asym_id 
_pdbx_struct_conn_angle.ptnr3_label_comp_id 
_pdbx_struct_conn_angle.ptnr3_label_seq_id 
_pdbx_struct_conn_angle.ptnr3_auth_atom_id 
_pdbx_struct_conn_angle.ptnr3_auth_asym_id 
_pdbx_struct_conn_angle.ptnr3_auth_comp_id 
_pdbx_struct_conn_angle.ptnr3_auth_seq_id 
_pdbx_struct_conn_angle.ptnr3_PDB_ins_code 
_pdbx_struct_conn_angle.ptnr3_symmetry 
_pdbx_struct_conn_angle.value 
_pdbx_struct_conn_angle.value_esd 
1  SG  ? A CYS 7  ? A CYS 1113 ? 1_555 ZN ? D ZN . ? A ZN 1303 ? 1_555 ND1 ? A HIS 9  ? A HIS 1115 ? 1_555 109.6 ? 
2  SG  ? A CYS 7  ? A CYS 1113 ? 1_555 ZN ? D ZN . ? A ZN 1303 ? 1_555 SG  ? A CYS 77 ? A CYS 1183 ? 1_555 115.3 ? 
3  ND1 ? A HIS 9  ? A HIS 1115 ? 1_555 ZN ? D ZN . ? A ZN 1303 ? 1_555 SG  ? A CYS 77 ? A CYS 1183 ? 1_555 97.5  ? 
4  SG  ? A CYS 7  ? A CYS 1113 ? 1_555 ZN ? D ZN . ? A ZN 1303 ? 1_555 SG  ? A CYS 80 ? A CYS 1186 ? 1_555 114.3 ? 
5  ND1 ? A HIS 9  ? A HIS 1115 ? 1_555 ZN ? D ZN . ? A ZN 1303 ? 1_555 SG  ? A CYS 80 ? A CYS 1186 ? 1_555 104.4 ? 
6  SG  ? A CYS 77 ? A CYS 1183 ? 1_555 ZN ? D ZN . ? A ZN 1303 ? 1_555 SG  ? A CYS 80 ? A CYS 1186 ? 1_555 113.7 ? 
7  SG  ? A CYS 27 ? A CYS 1133 ? 1_555 ZN ? C ZN . ? A ZN 1302 ? 1_555 SG  ? A CYS 30 ? A CYS 1136 ? 1_555 110.3 ? 
8  SG  ? A CYS 27 ? A CYS 1133 ? 1_555 ZN ? C ZN . ? A ZN 1302 ? 1_555 SG  ? A CYS 47 ? A CYS 1153 ? 1_555 113.0 ? 
9  SG  ? A CYS 30 ? A CYS 1136 ? 1_555 ZN ? C ZN . ? A ZN 1302 ? 1_555 SG  ? A CYS 47 ? A CYS 1153 ? 1_555 115.6 ? 
10 SG  ? A CYS 27 ? A CYS 1133 ? 1_555 ZN ? C ZN . ? A ZN 1302 ? 1_555 ND1 ? A HIS 54 ? A HIS 1160 ? 1_555 106.4 ? 
11 SG  ? A CYS 30 ? A CYS 1136 ? 1_555 ZN ? C ZN . ? A ZN 1302 ? 1_555 ND1 ? A HIS 54 ? A HIS 1160 ? 1_555 110.1 ? 
12 SG  ? A CYS 47 ? A CYS 1153 ? 1_555 ZN ? C ZN . ? A ZN 1302 ? 1_555 ND1 ? A HIS 54 ? A HIS 1160 ? 1_555 100.6 ? 
13 SG  ? A CYS 39 ? A CYS 1145 ? 1_555 ZN ? B ZN . ? A ZN 1301 ? 1_555 SG  ? A CYS 42 ? A CYS 1148 ? 1_555 116.6 ? 
14 SG  ? A CYS 39 ? A CYS 1145 ? 1_555 ZN ? B ZN . ? A ZN 1301 ? 1_555 NE2 ? A HIS 58 ? A HIS 1164 ? 1_555 112.8 ? 
15 SG  ? A CYS 42 ? A CYS 1148 ? 1_555 ZN ? B ZN . ? A ZN 1301 ? 1_555 NE2 ? A HIS 58 ? A HIS 1164 ? 1_555 99.8  ? 
16 SG  ? A CYS 39 ? A CYS 1145 ? 1_555 ZN ? B ZN . ? A ZN 1301 ? 1_555 ND1 ? A HIS 64 ? A HIS 1170 ? 1_555 106.8 ? 
17 SG  ? A CYS 42 ? A CYS 1148 ? 1_555 ZN ? B ZN . ? A ZN 1301 ? 1_555 ND1 ? A HIS 64 ? A HIS 1170 ? 1_555 113.0 ? 
18 NE2 ? A HIS 58 ? A HIS 1164 ? 1_555 ZN ? B ZN . ? A ZN 1301 ? 1_555 ND1 ? A HIS 64 ? A HIS 1170 ? 1_555 107.6 ? 
# 
_struct_sheet.id               AA1 
_struct_sheet.type             ? 
_struct_sheet.number_strands   5 
_struct_sheet.details          ? 
# 
loop_
_struct_sheet_order.sheet_id 
_struct_sheet_order.range_id_1 
_struct_sheet_order.range_id_2 
_struct_sheet_order.offset 
_struct_sheet_order.sense 
AA1 1 2 ? anti-parallel 
AA1 2 3 ? anti-parallel 
AA1 3 4 ? anti-parallel 
AA1 4 5 ? anti-parallel 
# 
loop_
_struct_sheet_range.sheet_id 
_struct_sheet_range.id 
_struct_sheet_range.beg_label_comp_id 
_struct_sheet_range.beg_label_asym_id 
_struct_sheet_range.beg_label_seq_id 
_struct_sheet_range.pdbx_beg_PDB_ins_code 
_struct_sheet_range.end_label_comp_id 
_struct_sheet_range.end_label_asym_id 
_struct_sheet_range.end_label_seq_id 
_struct_sheet_range.pdbx_end_PDB_ins_code 
_struct_sheet_range.beg_auth_comp_id 
_struct_sheet_range.beg_auth_asym_id 
_struct_sheet_range.beg_auth_seq_id 
_struct_sheet_range.end_auth_comp_id 
_struct_sheet_range.end_auth_asym_id 
_struct_sheet_range.end_auth_seq_id 
AA1 1 VAL A 45 ? CYS A 47 ? VAL A 1151 CYS A 1153 
AA1 2 ASN A 36 ? CYS A 39 ? ASN A 1142 CYS A 1145 
AA1 3 LEU A 66 ? SER A 69 ? LEU A 1172 SER A 1175 
AA1 4 ALA A 75 ? CYS A 77 ? ALA A 1181 CYS A 1183 
AA1 5 ALA A 82 ? TYR A 83 ? ALA A 1188 TYR A 1189 
# 
loop_
_pdbx_struct_sheet_hbond.sheet_id 
_pdbx_struct_sheet_hbond.range_id_1 
_pdbx_struct_sheet_hbond.range_id_2 
_pdbx_struct_sheet_hbond.range_1_label_atom_id 
_pdbx_struct_sheet_hbond.range_1_label_comp_id 
_pdbx_struct_sheet_hbond.range_1_label_asym_id 
_pdbx_struct_sheet_hbond.range_1_label_seq_id 
_pdbx_struct_sheet_hbond.range_1_PDB_ins_code 
_pdbx_struct_sheet_hbond.range_1_auth_atom_id 
_pdbx_struct_sheet_hbond.range_1_auth_comp_id 
_pdbx_struct_sheet_hbond.range_1_auth_asym_id 
_pdbx_struct_sheet_hbond.range_1_auth_seq_id 
_pdbx_struct_sheet_hbond.range_2_label_atom_id 
_pdbx_struct_sheet_hbond.range_2_label_comp_id 
_pdbx_struct_sheet_hbond.range_2_label_asym_id 
_pdbx_struct_sheet_hbond.range_2_label_seq_id 
_pdbx_struct_sheet_hbond.range_2_PDB_ins_code 
_pdbx_struct_sheet_hbond.range_2_auth_atom_id 
_pdbx_struct_sheet_hbond.range_2_auth_comp_id 
_pdbx_struct_sheet_hbond.range_2_auth_asym_id 
_pdbx_struct_sheet_hbond.range_2_auth_seq_id 
AA1 1 2 O TYR A 46 ? O TYR A 1152 N TRP A 37 ? N TRP A 1143 
AA1 2 3 N VAL A 38 ? N VAL A 1144 O LEU A 68 ? O LEU A 1174 
AA1 3 4 N VAL A 67 ? N VAL A 1173 O TRP A 76 ? O TRP A 1182 
AA1 4 5 N CYS A 77 ? N CYS A 1183 O ALA A 82 ? O ALA A 1188 
# 
loop_
_struct_site.id 
_struct_site.pdbx_evidence_code 
_struct_site.pdbx_auth_asym_id 
_struct_site.pdbx_auth_comp_id 
_struct_site.pdbx_auth_seq_id 
_struct_site.pdbx_auth_ins_code 
_struct_site.pdbx_num_residues 
_struct_site.details 
AC1 Software A ZN  1301 ? 4  'binding site for residue ZN A 1301'  
AC2 Software A ZN  1302 ? 4  'binding site for residue ZN A 1302'  
AC3 Software A ZN  1303 ? 4  'binding site for residue ZN A 1303'  
AC4 Software A B8P 1304 ? 16 'binding site for residue B8P A 1304' 
# 
loop_
_struct_site_gen.id 
_struct_site_gen.site_id 
_struct_site_gen.pdbx_num_res 
_struct_site_gen.label_comp_id 
_struct_site_gen.label_asym_id 
_struct_site_gen.label_seq_id 
_struct_site_gen.pdbx_auth_ins_code 
_struct_site_gen.auth_comp_id 
_struct_site_gen.auth_asym_id 
_struct_site_gen.auth_seq_id 
_struct_site_gen.label_atom_id 
_struct_site_gen.label_alt_id 
_struct_site_gen.symmetry 
_struct_site_gen.details 
1  AC1 4  CYS A 39 ? CYS A 1145 . ? 1_555 ? 
2  AC1 4  CYS A 42 ? CYS A 1148 . ? 1_555 ? 
3  AC1 4  HIS A 58 ? HIS A 1164 . ? 1_555 ? 
4  AC1 4  HIS A 64 ? HIS A 1170 . ? 1_555 ? 
5  AC2 4  CYS A 27 ? CYS A 1133 . ? 1_555 ? 
6  AC2 4  CYS A 30 ? CYS A 1136 . ? 1_555 ? 
7  AC2 4  CYS A 47 ? CYS A 1153 . ? 1_555 ? 
8  AC2 4  HIS A 54 ? HIS A 1160 . ? 1_555 ? 
9  AC3 4  CYS A 7  ? CYS A 1113 . ? 1_555 ? 
10 AC3 4  HIS A 9  ? HIS A 1115 . ? 1_555 ? 
11 AC3 4  CYS A 77 ? CYS A 1183 . ? 1_555 ? 
12 AC3 4  CYS A 80 ? CYS A 1186 . ? 1_555 ? 
13 AC4 16 GLU A 35 ? GLU A 1141 . ? 1_555 ? 
14 AC4 16 TRP A 37 ? TRP A 1143 . ? 1_555 ? 
15 AC4 16 GLY A 48 ? GLY A 1154 . ? 1_555 ? 
16 AC4 16 ARG A 49 ? ARG A 1155 . ? 1_555 ? 
17 AC4 16 TYR A 50 ? TYR A 1156 . ? 1_555 ? 
18 AC4 16 SER A 69 ? SER A 1175 . ? 1_555 ? 
19 AC4 16 ASP A 72 ? ASP A 1178 . ? 1_555 ? 
20 AC4 16 SER A 74 ? SER A 1180 . ? 1_555 ? 
21 AC4 16 TRP A 76 ? TRP A 1182 . ? 1_555 ? 
22 AC4 16 TYR A 78 ? TYR A 1184 . ? 1_555 ? 
23 AC4 16 TYR A 83 ? TYR A 1189 . ? 1_555 ? 
24 AC4 16 ASN A 94 ? ASN A 1200 . ? 3_555 ? 
25 AC4 16 HIS A 97 ? HIS A 1203 . ? 3_555 ? 
26 AC4 16 HOH W .  ? HOH A 1409 . ? 1_555 ? 
27 AC4 16 HOH W .  ? HOH A 1411 . ? 1_555 ? 
28 AC4 16 HOH W .  ? HOH A 1467 . ? 1_555 ? 
# 
loop_
_pdbx_validate_torsion.id 
_pdbx_validate_torsion.PDB_model_num 
_pdbx_validate_torsion.auth_comp_id 
_pdbx_validate_torsion.auth_asym_id 
_pdbx_validate_torsion.auth_seq_id 
_pdbx_validate_torsion.PDB_ins_code 
_pdbx_validate_torsion.label_alt_id 
_pdbx_validate_torsion.phi 
_pdbx_validate_torsion.psi 
1 1 ASP A 1135 ? ? -96.58  -60.14  
2 1 ILE A 1157 ? ? -102.23 -102.22 
# 
_pdbx_SG_project.id                    1 
_pdbx_SG_project.project_name          ? 
_pdbx_SG_project.full_name_of_center   'Structural Genomics Consortium' 
_pdbx_SG_project.initial_of_center     SGC 
# 
loop_
_chem_comp_atom.comp_id 
_chem_comp_atom.atom_id 
_chem_comp_atom.type_symbol 
_chem_comp_atom.pdbx_aromatic_flag 
_chem_comp_atom.pdbx_stereo_config 
_chem_comp_atom.pdbx_ordinal 
ALA N    N  N N 1   
ALA CA   C  N S 2   
ALA C    C  N N 3   
ALA O    O  N N 4   
ALA CB   C  N N 5   
ALA OXT  O  N N 6   
ALA H    H  N N 7   
ALA H2   H  N N 8   
ALA HA   H  N N 9   
ALA HB1  H  N N 10  
ALA HB2  H  N N 11  
ALA HB3  H  N N 12  
ALA HXT  H  N N 13  
ARG N    N  N N 14  
ARG CA   C  N S 15  
ARG C    C  N N 16  
ARG O    O  N N 17  
ARG CB   C  N N 18  
ARG CG   C  N N 19  
ARG CD   C  N N 20  
ARG NE   N  N N 21  
ARG CZ   C  N N 22  
ARG NH1  N  N N 23  
ARG NH2  N  N N 24  
ARG OXT  O  N N 25  
ARG H    H  N N 26  
ARG H2   H  N N 27  
ARG HA   H  N N 28  
ARG HB2  H  N N 29  
ARG HB3  H  N N 30  
ARG HG2  H  N N 31  
ARG HG3  H  N N 32  
ARG HD2  H  N N 33  
ARG HD3  H  N N 34  
ARG HE   H  N N 35  
ARG HH11 H  N N 36  
ARG HH12 H  N N 37  
ARG HH21 H  N N 38  
ARG HH22 H  N N 39  
ARG HXT  H  N N 40  
ASN N    N  N N 41  
ASN CA   C  N S 42  
ASN C    C  N N 43  
ASN O    O  N N 44  
ASN CB   C  N N 45  
ASN CG   C  N N 46  
ASN OD1  O  N N 47  
ASN ND2  N  N N 48  
ASN OXT  O  N N 49  
ASN H    H  N N 50  
ASN H2   H  N N 51  
ASN HA   H  N N 52  
ASN HB2  H  N N 53  
ASN HB3  H  N N 54  
ASN HD21 H  N N 55  
ASN HD22 H  N N 56  
ASN HXT  H  N N 57  
ASP N    N  N N 58  
ASP CA   C  N S 59  
ASP C    C  N N 60  
ASP O    O  N N 61  
ASP CB   C  N N 62  
ASP CG   C  N N 63  
ASP OD1  O  N N 64  
ASP OD2  O  N N 65  
ASP OXT  O  N N 66  
ASP H    H  N N 67  
ASP H2   H  N N 68  
ASP HA   H  N N 69  
ASP HB2  H  N N 70  
ASP HB3  H  N N 71  
ASP HD2  H  N N 72  
ASP HXT  H  N N 73  
B8P C4   C  Y N 74  
B8P C2   C  Y N 75  
B8P N1   N  Y N 76  
B8P C6   C  Y N 77  
B8P C5   C  Y N 78  
B8P O2   O  N N 79  
B8P C16  C  N N 80  
B8P O1   O  N N 81  
B8P C    C  N N 82  
B8P C1   C  N N 83  
B8P C9   C  Y N 84  
B8P C8   C  Y N 85  
B8P C7   C  Y N 86  
B8P N    N  Y N 87  
B8P C3   C  Y N 88  
B8P O    O  N N 89  
B8P C10  C  N N 90  
B8P C11  C  Y N 91  
B8P N2   N  Y N 92  
B8P C15  C  Y N 93  
B8P C14  C  Y N 94  
B8P C13  C  Y N 95  
B8P C12  C  Y N 96  
B8P H1   H  N N 97  
B8P H2   H  N N 98  
B8P H3   H  N N 99  
B8P H4   H  N N 100 
B8P H5   H  N N 101 
B8P H6   H  N N 102 
B8P H7   H  N N 103 
B8P H8   H  N N 104 
B8P H9   H  N N 105 
B8P H10  H  N N 106 
B8P H11  H  N N 107 
B8P H12  H  N N 108 
B8P H13  H  N N 109 
B8P H14  H  N N 110 
B8P H15  H  N N 111 
CYS N    N  N N 112 
CYS CA   C  N R 113 
CYS C    C  N N 114 
CYS O    O  N N 115 
CYS CB   C  N N 116 
CYS SG   S  N N 117 
CYS OXT  O  N N 118 
CYS H    H  N N 119 
CYS H2   H  N N 120 
CYS HA   H  N N 121 
CYS HB2  H  N N 122 
CYS HB3  H  N N 123 
CYS HG   H  N N 124 
CYS HXT  H  N N 125 
GLN N    N  N N 126 
GLN CA   C  N S 127 
GLN C    C  N N 128 
GLN O    O  N N 129 
GLN CB   C  N N 130 
GLN CG   C  N N 131 
GLN CD   C  N N 132 
GLN OE1  O  N N 133 
GLN NE2  N  N N 134 
GLN OXT  O  N N 135 
GLN H    H  N N 136 
GLN H2   H  N N 137 
GLN HA   H  N N 138 
GLN HB2  H  N N 139 
GLN HB3  H  N N 140 
GLN HG2  H  N N 141 
GLN HG3  H  N N 142 
GLN HE21 H  N N 143 
GLN HE22 H  N N 144 
GLN HXT  H  N N 145 
GLU N    N  N N 146 
GLU CA   C  N S 147 
GLU C    C  N N 148 
GLU O    O  N N 149 
GLU CB   C  N N 150 
GLU CG   C  N N 151 
GLU CD   C  N N 152 
GLU OE1  O  N N 153 
GLU OE2  O  N N 154 
GLU OXT  O  N N 155 
GLU H    H  N N 156 
GLU H2   H  N N 157 
GLU HA   H  N N 158 
GLU HB2  H  N N 159 
GLU HB3  H  N N 160 
GLU HG2  H  N N 161 
GLU HG3  H  N N 162 
GLU HE2  H  N N 163 
GLU HXT  H  N N 164 
GLY N    N  N N 165 
GLY CA   C  N N 166 
GLY C    C  N N 167 
GLY O    O  N N 168 
GLY OXT  O  N N 169 
GLY H    H  N N 170 
GLY H2   H  N N 171 
GLY HA2  H  N N 172 
GLY HA3  H  N N 173 
GLY HXT  H  N N 174 
HIS N    N  N N 175 
HIS CA   C  N S 176 
HIS C    C  N N 177 
HIS O    O  N N 178 
HIS CB   C  N N 179 
HIS CG   C  Y N 180 
HIS ND1  N  Y N 181 
HIS CD2  C  Y N 182 
HIS CE1  C  Y N 183 
HIS NE2  N  Y N 184 
HIS OXT  O  N N 185 
HIS H    H  N N 186 
HIS H2   H  N N 187 
HIS HA   H  N N 188 
HIS HB2  H  N N 189 
HIS HB3  H  N N 190 
HIS HD1  H  N N 191 
HIS HD2  H  N N 192 
HIS HE1  H  N N 193 
HIS HE2  H  N N 194 
HIS HXT  H  N N 195 
HOH O    O  N N 196 
HOH H1   H  N N 197 
HOH H2   H  N N 198 
ILE N    N  N N 199 
ILE CA   C  N S 200 
ILE C    C  N N 201 
ILE O    O  N N 202 
ILE CB   C  N S 203 
ILE CG1  C  N N 204 
ILE CG2  C  N N 205 
ILE CD1  C  N N 206 
ILE OXT  O  N N 207 
ILE H    H  N N 208 
ILE H2   H  N N 209 
ILE HA   H  N N 210 
ILE HB   H  N N 211 
ILE HG12 H  N N 212 
ILE HG13 H  N N 213 
ILE HG21 H  N N 214 
ILE HG22 H  N N 215 
ILE HG23 H  N N 216 
ILE HD11 H  N N 217 
ILE HD12 H  N N 218 
ILE HD13 H  N N 219 
ILE HXT  H  N N 220 
LEU N    N  N N 221 
LEU CA   C  N S 222 
LEU C    C  N N 223 
LEU O    O  N N 224 
LEU CB   C  N N 225 
LEU CG   C  N N 226 
LEU CD1  C  N N 227 
LEU CD2  C  N N 228 
LEU OXT  O  N N 229 
LEU H    H  N N 230 
LEU H2   H  N N 231 
LEU HA   H  N N 232 
LEU HB2  H  N N 233 
LEU HB3  H  N N 234 
LEU HG   H  N N 235 
LEU HD11 H  N N 236 
LEU HD12 H  N N 237 
LEU HD13 H  N N 238 
LEU HD21 H  N N 239 
LEU HD22 H  N N 240 
LEU HD23 H  N N 241 
LEU HXT  H  N N 242 
LYS N    N  N N 243 
LYS CA   C  N S 244 
LYS C    C  N N 245 
LYS O    O  N N 246 
LYS CB   C  N N 247 
LYS CG   C  N N 248 
LYS CD   C  N N 249 
LYS CE   C  N N 250 
LYS NZ   N  N N 251 
LYS OXT  O  N N 252 
LYS H    H  N N 253 
LYS H2   H  N N 254 
LYS HA   H  N N 255 
LYS HB2  H  N N 256 
LYS HB3  H  N N 257 
LYS HG2  H  N N 258 
LYS HG3  H  N N 259 
LYS HD2  H  N N 260 
LYS HD3  H  N N 261 
LYS HE2  H  N N 262 
LYS HE3  H  N N 263 
LYS HZ1  H  N N 264 
LYS HZ2  H  N N 265 
LYS HZ3  H  N N 266 
LYS HXT  H  N N 267 
MET N    N  N N 268 
MET CA   C  N S 269 
MET C    C  N N 270 
MET O    O  N N 271 
MET CB   C  N N 272 
MET CG   C  N N 273 
MET SD   S  N N 274 
MET CE   C  N N 275 
MET OXT  O  N N 276 
MET H    H  N N 277 
MET H2   H  N N 278 
MET HA   H  N N 279 
MET HB2  H  N N 280 
MET HB3  H  N N 281 
MET HG2  H  N N 282 
MET HG3  H  N N 283 
MET HE1  H  N N 284 
MET HE2  H  N N 285 
MET HE3  H  N N 286 
MET HXT  H  N N 287 
PHE N    N  N N 288 
PHE CA   C  N S 289 
PHE C    C  N N 290 
PHE O    O  N N 291 
PHE CB   C  N N 292 
PHE CG   C  Y N 293 
PHE CD1  C  Y N 294 
PHE CD2  C  Y N 295 
PHE CE1  C  Y N 296 
PHE CE2  C  Y N 297 
PHE CZ   C  Y N 298 
PHE OXT  O  N N 299 
PHE H    H  N N 300 
PHE H2   H  N N 301 
PHE HA   H  N N 302 
PHE HB2  H  N N 303 
PHE HB3  H  N N 304 
PHE HD1  H  N N 305 
PHE HD2  H  N N 306 
PHE HE1  H  N N 307 
PHE HE2  H  N N 308 
PHE HZ   H  N N 309 
PHE HXT  H  N N 310 
PRO N    N  N N 311 
PRO CA   C  N S 312 
PRO C    C  N N 313 
PRO O    O  N N 314 
PRO CB   C  N N 315 
PRO CG   C  N N 316 
PRO CD   C  N N 317 
PRO OXT  O  N N 318 
PRO H    H  N N 319 
PRO HA   H  N N 320 
PRO HB2  H  N N 321 
PRO HB3  H  N N 322 
PRO HG2  H  N N 323 
PRO HG3  H  N N 324 
PRO HD2  H  N N 325 
PRO HD3  H  N N 326 
PRO HXT  H  N N 327 
SER N    N  N N 328 
SER CA   C  N S 329 
SER C    C  N N 330 
SER O    O  N N 331 
SER CB   C  N N 332 
SER OG   O  N N 333 
SER OXT  O  N N 334 
SER H    H  N N 335 
SER H2   H  N N 336 
SER HA   H  N N 337 
SER HB2  H  N N 338 
SER HB3  H  N N 339 
SER HG   H  N N 340 
SER HXT  H  N N 341 
THR N    N  N N 342 
THR CA   C  N S 343 
THR C    C  N N 344 
THR O    O  N N 345 
THR CB   C  N R 346 
THR OG1  O  N N 347 
THR CG2  C  N N 348 
THR OXT  O  N N 349 
THR H    H  N N 350 
THR H2   H  N N 351 
THR HA   H  N N 352 
THR HB   H  N N 353 
THR HG1  H  N N 354 
THR HG21 H  N N 355 
THR HG22 H  N N 356 
THR HG23 H  N N 357 
THR HXT  H  N N 358 
TRP N    N  N N 359 
TRP CA   C  N S 360 
TRP C    C  N N 361 
TRP O    O  N N 362 
TRP CB   C  N N 363 
TRP CG   C  Y N 364 
TRP CD1  C  Y N 365 
TRP CD2  C  Y N 366 
TRP NE1  N  Y N 367 
TRP CE2  C  Y N 368 
TRP CE3  C  Y N 369 
TRP CZ2  C  Y N 370 
TRP CZ3  C  Y N 371 
TRP CH2  C  Y N 372 
TRP OXT  O  N N 373 
TRP H    H  N N 374 
TRP H2   H  N N 375 
TRP HA   H  N N 376 
TRP HB2  H  N N 377 
TRP HB3  H  N N 378 
TRP HD1  H  N N 379 
TRP HE1  H  N N 380 
TRP HE3  H  N N 381 
TRP HZ2  H  N N 382 
TRP HZ3  H  N N 383 
TRP HH2  H  N N 384 
TRP HXT  H  N N 385 
TYR N    N  N N 386 
TYR CA   C  N S 387 
TYR C    C  N N 388 
TYR O    O  N N 389 
TYR CB   C  N N 390 
TYR CG   C  Y N 391 
TYR CD1  C  Y N 392 
TYR CD2  C  Y N 393 
TYR CE1  C  Y N 394 
TYR CE2  C  Y N 395 
TYR CZ   C  Y N 396 
TYR OH   O  N N 397 
TYR OXT  O  N N 398 
TYR H    H  N N 399 
TYR H2   H  N N 400 
TYR HA   H  N N 401 
TYR HB2  H  N N 402 
TYR HB3  H  N N 403 
TYR HD1  H  N N 404 
TYR HD2  H  N N 405 
TYR HE1  H  N N 406 
TYR HE2  H  N N 407 
TYR HH   H  N N 408 
TYR HXT  H  N N 409 
VAL N    N  N N 410 
VAL CA   C  N S 411 
VAL C    C  N N 412 
VAL O    O  N N 413 
VAL CB   C  N N 414 
VAL CG1  C  N N 415 
VAL CG2  C  N N 416 
VAL OXT  O  N N 417 
VAL H    H  N N 418 
VAL H2   H  N N 419 
VAL HA   H  N N 420 
VAL HB   H  N N 421 
VAL HG11 H  N N 422 
VAL HG12 H  N N 423 
VAL HG13 H  N N 424 
VAL HG21 H  N N 425 
VAL HG22 H  N N 426 
VAL HG23 H  N N 427 
VAL HXT  H  N N 428 
ZN  ZN   ZN N N 429 
# 
loop_
_chem_comp_bond.comp_id 
_chem_comp_bond.atom_id_1 
_chem_comp_bond.atom_id_2 
_chem_comp_bond.value_order 
_chem_comp_bond.pdbx_aromatic_flag 
_chem_comp_bond.pdbx_stereo_config 
_chem_comp_bond.pdbx_ordinal 
ALA N   CA   sing N N 1   
ALA N   H    sing N N 2   
ALA N   H2   sing N N 3   
ALA CA  C    sing N N 4   
ALA CA  CB   sing N N 5   
ALA CA  HA   sing N N 6   
ALA C   O    doub N N 7   
ALA C   OXT  sing N N 8   
ALA CB  HB1  sing N N 9   
ALA CB  HB2  sing N N 10  
ALA CB  HB3  sing N N 11  
ALA OXT HXT  sing N N 12  
ARG N   CA   sing N N 13  
ARG N   H    sing N N 14  
ARG N   H2   sing N N 15  
ARG CA  C    sing N N 16  
ARG CA  CB   sing N N 17  
ARG CA  HA   sing N N 18  
ARG C   O    doub N N 19  
ARG C   OXT  sing N N 20  
ARG CB  CG   sing N N 21  
ARG CB  HB2  sing N N 22  
ARG CB  HB3  sing N N 23  
ARG CG  CD   sing N N 24  
ARG CG  HG2  sing N N 25  
ARG CG  HG3  sing N N 26  
ARG CD  NE   sing N N 27  
ARG CD  HD2  sing N N 28  
ARG CD  HD3  sing N N 29  
ARG NE  CZ   sing N N 30  
ARG NE  HE   sing N N 31  
ARG CZ  NH1  sing N N 32  
ARG CZ  NH2  doub N N 33  
ARG NH1 HH11 sing N N 34  
ARG NH1 HH12 sing N N 35  
ARG NH2 HH21 sing N N 36  
ARG NH2 HH22 sing N N 37  
ARG OXT HXT  sing N N 38  
ASN N   CA   sing N N 39  
ASN N   H    sing N N 40  
ASN N   H2   sing N N 41  
ASN CA  C    sing N N 42  
ASN CA  CB   sing N N 43  
ASN CA  HA   sing N N 44  
ASN C   O    doub N N 45  
ASN C   OXT  sing N N 46  
ASN CB  CG   sing N N 47  
ASN CB  HB2  sing N N 48  
ASN CB  HB3  sing N N 49  
ASN CG  OD1  doub N N 50  
ASN CG  ND2  sing N N 51  
ASN ND2 HD21 sing N N 52  
ASN ND2 HD22 sing N N 53  
ASN OXT HXT  sing N N 54  
ASP N   CA   sing N N 55  
ASP N   H    sing N N 56  
ASP N   H2   sing N N 57  
ASP CA  C    sing N N 58  
ASP CA  CB   sing N N 59  
ASP CA  HA   sing N N 60  
ASP C   O    doub N N 61  
ASP C   OXT  sing N N 62  
ASP CB  CG   sing N N 63  
ASP CB  HB2  sing N N 64  
ASP CB  HB3  sing N N 65  
ASP CG  OD1  doub N N 66  
ASP CG  OD2  sing N N 67  
ASP OD2 HD2  sing N N 68  
ASP OXT HXT  sing N N 69  
B8P C8  C7   doub Y N 70  
B8P C8  C9   sing Y N 71  
B8P C7  C6   sing Y N 72  
B8P N1  C9   sing Y N 73  
B8P N1  C2   doub Y N 74  
B8P O2  C16  doub N N 75  
B8P C9  C4   doub Y N 76  
B8P C6  C5   doub Y N 77  
B8P C   C16  sing N N 78  
B8P C   C1   sing N N 79  
B8P C16 O1   sing N N 80  
B8P C2  C1   sing N N 81  
B8P C2  C3   sing Y N 82  
B8P C4  C5   sing Y N 83  
B8P C4  N    sing Y N 84  
B8P C3  N    doub Y N 85  
B8P C3  O    sing N N 86  
B8P O   C10  sing N N 87  
B8P C10 C11  sing N N 88  
B8P N2  C11  doub Y N 89  
B8P N2  C15  sing Y N 90  
B8P C11 C12  sing Y N 91  
B8P C15 C14  doub Y N 92  
B8P C12 C13  doub Y N 93  
B8P C14 C13  sing Y N 94  
B8P C6  H1   sing N N 95  
B8P C5  H2   sing N N 96  
B8P O1  H3   sing N N 97  
B8P C   H4   sing N N 98  
B8P C   H5   sing N N 99  
B8P C1  H6   sing N N 100 
B8P C1  H7   sing N N 101 
B8P C8  H8   sing N N 102 
B8P C7  H9   sing N N 103 
B8P C10 H10  sing N N 104 
B8P C10 H11  sing N N 105 
B8P C15 H12  sing N N 106 
B8P C14 H13  sing N N 107 
B8P C13 H14  sing N N 108 
B8P C12 H15  sing N N 109 
CYS N   CA   sing N N 110 
CYS N   H    sing N N 111 
CYS N   H2   sing N N 112 
CYS CA  C    sing N N 113 
CYS CA  CB   sing N N 114 
CYS CA  HA   sing N N 115 
CYS C   O    doub N N 116 
CYS C   OXT  sing N N 117 
CYS CB  SG   sing N N 118 
CYS CB  HB2  sing N N 119 
CYS CB  HB3  sing N N 120 
CYS SG  HG   sing N N 121 
CYS OXT HXT  sing N N 122 
GLN N   CA   sing N N 123 
GLN N   H    sing N N 124 
GLN N   H2   sing N N 125 
GLN CA  C    sing N N 126 
GLN CA  CB   sing N N 127 
GLN CA  HA   sing N N 128 
GLN C   O    doub N N 129 
GLN C   OXT  sing N N 130 
GLN CB  CG   sing N N 131 
GLN CB  HB2  sing N N 132 
GLN CB  HB3  sing N N 133 
GLN CG  CD   sing N N 134 
GLN CG  HG2  sing N N 135 
GLN CG  HG3  sing N N 136 
GLN CD  OE1  doub N N 137 
GLN CD  NE2  sing N N 138 
GLN NE2 HE21 sing N N 139 
GLN NE2 HE22 sing N N 140 
GLN OXT HXT  sing N N 141 
GLU N   CA   sing N N 142 
GLU N   H    sing N N 143 
GLU N   H2   sing N N 144 
GLU CA  C    sing N N 145 
GLU CA  CB   sing N N 146 
GLU CA  HA   sing N N 147 
GLU C   O    doub N N 148 
GLU C   OXT  sing N N 149 
GLU CB  CG   sing N N 150 
GLU CB  HB2  sing N N 151 
GLU CB  HB3  sing N N 152 
GLU CG  CD   sing N N 153 
GLU CG  HG2  sing N N 154 
GLU CG  HG3  sing N N 155 
GLU CD  OE1  doub N N 156 
GLU CD  OE2  sing N N 157 
GLU OE2 HE2  sing N N 158 
GLU OXT HXT  sing N N 159 
GLY N   CA   sing N N 160 
GLY N   H    sing N N 161 
GLY N   H2   sing N N 162 
GLY CA  C    sing N N 163 
GLY CA  HA2  sing N N 164 
GLY CA  HA3  sing N N 165 
GLY C   O    doub N N 166 
GLY C   OXT  sing N N 167 
GLY OXT HXT  sing N N 168 
HIS N   CA   sing N N 169 
HIS N   H    sing N N 170 
HIS N   H2   sing N N 171 
HIS CA  C    sing N N 172 
HIS CA  CB   sing N N 173 
HIS CA  HA   sing N N 174 
HIS C   O    doub N N 175 
HIS C   OXT  sing N N 176 
HIS CB  CG   sing N N 177 
HIS CB  HB2  sing N N 178 
HIS CB  HB3  sing N N 179 
HIS CG  ND1  sing Y N 180 
HIS CG  CD2  doub Y N 181 
HIS ND1 CE1  doub Y N 182 
HIS ND1 HD1  sing N N 183 
HIS CD2 NE2  sing Y N 184 
HIS CD2 HD2  sing N N 185 
HIS CE1 NE2  sing Y N 186 
HIS CE1 HE1  sing N N 187 
HIS NE2 HE2  sing N N 188 
HIS OXT HXT  sing N N 189 
HOH O   H1   sing N N 190 
HOH O   H2   sing N N 191 
ILE N   CA   sing N N 192 
ILE N   H    sing N N 193 
ILE N   H2   sing N N 194 
ILE CA  C    sing N N 195 
ILE CA  CB   sing N N 196 
ILE CA  HA   sing N N 197 
ILE C   O    doub N N 198 
ILE C   OXT  sing N N 199 
ILE CB  CG1  sing N N 200 
ILE CB  CG2  sing N N 201 
ILE CB  HB   sing N N 202 
ILE CG1 CD1  sing N N 203 
ILE CG1 HG12 sing N N 204 
ILE CG1 HG13 sing N N 205 
ILE CG2 HG21 sing N N 206 
ILE CG2 HG22 sing N N 207 
ILE CG2 HG23 sing N N 208 
ILE CD1 HD11 sing N N 209 
ILE CD1 HD12 sing N N 210 
ILE CD1 HD13 sing N N 211 
ILE OXT HXT  sing N N 212 
LEU N   CA   sing N N 213 
LEU N   H    sing N N 214 
LEU N   H2   sing N N 215 
LEU CA  C    sing N N 216 
LEU CA  CB   sing N N 217 
LEU CA  HA   sing N N 218 
LEU C   O    doub N N 219 
LEU C   OXT  sing N N 220 
LEU CB  CG   sing N N 221 
LEU CB  HB2  sing N N 222 
LEU CB  HB3  sing N N 223 
LEU CG  CD1  sing N N 224 
LEU CG  CD2  sing N N 225 
LEU CG  HG   sing N N 226 
LEU CD1 HD11 sing N N 227 
LEU CD1 HD12 sing N N 228 
LEU CD1 HD13 sing N N 229 
LEU CD2 HD21 sing N N 230 
LEU CD2 HD22 sing N N 231 
LEU CD2 HD23 sing N N 232 
LEU OXT HXT  sing N N 233 
LYS N   CA   sing N N 234 
LYS N   H    sing N N 235 
LYS N   H2   sing N N 236 
LYS CA  C    sing N N 237 
LYS CA  CB   sing N N 238 
LYS CA  HA   sing N N 239 
LYS C   O    doub N N 240 
LYS C   OXT  sing N N 241 
LYS CB  CG   sing N N 242 
LYS CB  HB2  sing N N 243 
LYS CB  HB3  sing N N 244 
LYS CG  CD   sing N N 245 
LYS CG  HG2  sing N N 246 
LYS CG  HG3  sing N N 247 
LYS CD  CE   sing N N 248 
LYS CD  HD2  sing N N 249 
LYS CD  HD3  sing N N 250 
LYS CE  NZ   sing N N 251 
LYS CE  HE2  sing N N 252 
LYS CE  HE3  sing N N 253 
LYS NZ  HZ1  sing N N 254 
LYS NZ  HZ2  sing N N 255 
LYS NZ  HZ3  sing N N 256 
LYS OXT HXT  sing N N 257 
MET N   CA   sing N N 258 
MET N   H    sing N N 259 
MET N   H2   sing N N 260 
MET CA  C    sing N N 261 
MET CA  CB   sing N N 262 
MET CA  HA   sing N N 263 
MET C   O    doub N N 264 
MET C   OXT  sing N N 265 
MET CB  CG   sing N N 266 
MET CB  HB2  sing N N 267 
MET CB  HB3  sing N N 268 
MET CG  SD   sing N N 269 
MET CG  HG2  sing N N 270 
MET CG  HG3  sing N N 271 
MET SD  CE   sing N N 272 
MET CE  HE1  sing N N 273 
MET CE  HE2  sing N N 274 
MET CE  HE3  sing N N 275 
MET OXT HXT  sing N N 276 
PHE N   CA   sing N N 277 
PHE N   H    sing N N 278 
PHE N   H2   sing N N 279 
PHE CA  C    sing N N 280 
PHE CA  CB   sing N N 281 
PHE CA  HA   sing N N 282 
PHE C   O    doub N N 283 
PHE C   OXT  sing N N 284 
PHE CB  CG   sing N N 285 
PHE CB  HB2  sing N N 286 
PHE CB  HB3  sing N N 287 
PHE CG  CD1  doub Y N 288 
PHE CG  CD2  sing Y N 289 
PHE CD1 CE1  sing Y N 290 
PHE CD1 HD1  sing N N 291 
PHE CD2 CE2  doub Y N 292 
PHE CD2 HD2  sing N N 293 
PHE CE1 CZ   doub Y N 294 
PHE CE1 HE1  sing N N 295 
PHE CE2 CZ   sing Y N 296 
PHE CE2 HE2  sing N N 297 
PHE CZ  HZ   sing N N 298 
PHE OXT HXT  sing N N 299 
PRO N   CA   sing N N 300 
PRO N   CD   sing N N 301 
PRO N   H    sing N N 302 
PRO CA  C    sing N N 303 
PRO CA  CB   sing N N 304 
PRO CA  HA   sing N N 305 
PRO C   O    doub N N 306 
PRO C   OXT  sing N N 307 
PRO CB  CG   sing N N 308 
PRO CB  HB2  sing N N 309 
PRO CB  HB3  sing N N 310 
PRO CG  CD   sing N N 311 
PRO CG  HG2  sing N N 312 
PRO CG  HG3  sing N N 313 
PRO CD  HD2  sing N N 314 
PRO CD  HD3  sing N N 315 
PRO OXT HXT  sing N N 316 
SER N   CA   sing N N 317 
SER N   H    sing N N 318 
SER N   H2   sing N N 319 
SER CA  C    sing N N 320 
SER CA  CB   sing N N 321 
SER CA  HA   sing N N 322 
SER C   O    doub N N 323 
SER C   OXT  sing N N 324 
SER CB  OG   sing N N 325 
SER CB  HB2  sing N N 326 
SER CB  HB3  sing N N 327 
SER OG  HG   sing N N 328 
SER OXT HXT  sing N N 329 
THR N   CA   sing N N 330 
THR N   H    sing N N 331 
THR N   H2   sing N N 332 
THR CA  C    sing N N 333 
THR CA  CB   sing N N 334 
THR CA  HA   sing N N 335 
THR C   O    doub N N 336 
THR C   OXT  sing N N 337 
THR CB  OG1  sing N N 338 
THR CB  CG2  sing N N 339 
THR CB  HB   sing N N 340 
THR OG1 HG1  sing N N 341 
THR CG2 HG21 sing N N 342 
THR CG2 HG22 sing N N 343 
THR CG2 HG23 sing N N 344 
THR OXT HXT  sing N N 345 
TRP N   CA   sing N N 346 
TRP N   H    sing N N 347 
TRP N   H2   sing N N 348 
TRP CA  C    sing N N 349 
TRP CA  CB   sing N N 350 
TRP CA  HA   sing N N 351 
TRP C   O    doub N N 352 
TRP C   OXT  sing N N 353 
TRP CB  CG   sing N N 354 
TRP CB  HB2  sing N N 355 
TRP CB  HB3  sing N N 356 
TRP CG  CD1  doub Y N 357 
TRP CG  CD2  sing Y N 358 
TRP CD1 NE1  sing Y N 359 
TRP CD1 HD1  sing N N 360 
TRP CD2 CE2  doub Y N 361 
TRP CD2 CE3  sing Y N 362 
TRP NE1 CE2  sing Y N 363 
TRP NE1 HE1  sing N N 364 
TRP CE2 CZ2  sing Y N 365 
TRP CE3 CZ3  doub Y N 366 
TRP CE3 HE3  sing N N 367 
TRP CZ2 CH2  doub Y N 368 
TRP CZ2 HZ2  sing N N 369 
TRP CZ3 CH2  sing Y N 370 
TRP CZ3 HZ3  sing N N 371 
TRP CH2 HH2  sing N N 372 
TRP OXT HXT  sing N N 373 
TYR N   CA   sing N N 374 
TYR N   H    sing N N 375 
TYR N   H2   sing N N 376 
TYR CA  C    sing N N 377 
TYR CA  CB   sing N N 378 
TYR CA  HA   sing N N 379 
TYR C   O    doub N N 380 
TYR C   OXT  sing N N 381 
TYR CB  CG   sing N N 382 
TYR CB  HB2  sing N N 383 
TYR CB  HB3  sing N N 384 
TYR CG  CD1  doub Y N 385 
TYR CG  CD2  sing Y N 386 
TYR CD1 CE1  sing Y N 387 
TYR CD1 HD1  sing N N 388 
TYR CD2 CE2  doub Y N 389 
TYR CD2 HD2  sing N N 390 
TYR CE1 CZ   doub Y N 391 
TYR CE1 HE1  sing N N 392 
TYR CE2 CZ   sing Y N 393 
TYR CE2 HE2  sing N N 394 
TYR CZ  OH   sing N N 395 
TYR OH  HH   sing N N 396 
TYR OXT HXT  sing N N 397 
VAL N   CA   sing N N 398 
VAL N   H    sing N N 399 
VAL N   H2   sing N N 400 
VAL CA  C    sing N N 401 
VAL CA  CB   sing N N 402 
VAL CA  HA   sing N N 403 
VAL C   O    doub N N 404 
VAL C   OXT  sing N N 405 
VAL CB  CG1  sing N N 406 
VAL CB  CG2  sing N N 407 
VAL CB  HB   sing N N 408 
VAL CG1 HG11 sing N N 409 
VAL CG1 HG12 sing N N 410 
VAL CG1 HG13 sing N N 411 
VAL CG2 HG21 sing N N 412 
VAL CG2 HG22 sing N N 413 
VAL CG2 HG23 sing N N 414 
VAL OXT HXT  sing N N 415 
# 
_atom_sites.entry_id                    5WPB 
_atom_sites.fract_transf_matrix[1][1]   0.01778834 
_atom_sites.fract_transf_matrix[1][2]   0.00500154 
_atom_sites.fract_transf_matrix[1][3]   -0.01605708 
_atom_sites.fract_transf_matrix[2][1]   0.01558116 
_atom_sites.fract_transf_matrix[2][2]   -0.00214983 
_atom_sites.fract_transf_matrix[2][3]   0.01659146 
_atom_sites.fract_transf_matrix[3][1]   0.00155296 
_atom_sites.fract_transf_matrix[3][2]   -0.01747451 
_atom_sites.fract_transf_matrix[3][3]   -0.00372265 
_atom_sites.fract_transf_vector[1]      0.179715 
_atom_sites.fract_transf_vector[2]      -0.096377 
_atom_sites.fract_transf_vector[3]      0.160412 
# 
loop_
_atom_type.symbol 
C  
N  
O  
S  
X  
ZN 
# 
loop_
_atom_site.group_PDB 
_atom_site.id 
_atom_site.type_symbol 
_atom_site.label_atom_id 
_atom_site.label_alt_id 
_atom_site.label_comp_id 
_atom_site.label_asym_id 
_atom_site.label_entity_id 
_atom_site.label_seq_id 
_atom_site.pdbx_PDB_ins_code 
_atom_site.Cartn_x 
_atom_site.Cartn_y 
_atom_site.Cartn_z 
_atom_site.occupancy 
_atom_site.B_iso_or_equiv 
_atom_site.pdbx_formal_charge 
_atom_site.auth_seq_id 
_atom_site.auth_comp_id 
_atom_site.auth_asym_id 
_atom_site.auth_atom_id 
_atom_site.pdbx_PDB_model_num 
ATOM   1   C  CA  . GLY A 1 1   ? -15.695 -6.134  10.950  1.00 22.14 ? 1107 GLY A CA  1 
ATOM   2   C  C   . GLY A 1 1   ? -15.515 -5.827  9.475   1.00 21.11 ? 1107 GLY A C   1 
ATOM   3   O  O   . GLY A 1 1   ? -15.534 -6.735  8.648   1.00 20.95 ? 1107 GLY A O   1 
ATOM   4   N  N   . SER A 1 2   ? -15.371 -4.540  9.136   1.00 18.48 ? 1108 SER A N   1 
ATOM   5   C  CA  . SER A 1 2   ? -15.132 -4.121  7.758   1.00 16.86 ? 1108 SER A CA  1 
ATOM   6   C  C   . SER A 1 2   ? -14.210 -2.891  7.747   1.00 16.06 ? 1108 SER A C   1 
ATOM   7   O  O   . SER A 1 2   ? -14.074 -2.199  8.771   1.00 15.28 ? 1108 SER A O   1 
ATOM   8   C  CB  . SER A 1 2   ? -16.462 -3.770  7.094   1.00 18.58 ? 1108 SER A CB  1 
ATOM   9   O  OG  . SER A 1 2   ? -16.997 -2.640  7.760   1.00 19.62 ? 1108 SER A OG  1 
ATOM   10  N  N   . PRO A 1 3   ? -13.576 -2.616  6.598   1.00 13.49 ? 1109 PRO A N   1 
ATOM   11  C  CA  . PRO A 1 3   ? -12.808 -1.371  6.509   1.00 12.19 ? 1109 PRO A CA  1 
ATOM   12  C  C   . PRO A 1 3   ? -13.731 -0.147  6.475   1.00 12.11 ? 1109 PRO A C   1 
ATOM   13  O  O   . PRO A 1 3   ? -14.962 -0.261  6.375   1.00 13.26 ? 1109 PRO A O   1 
ATOM   14  C  CB  . PRO A 1 3   ? -12.064 -1.534  5.190   1.00 12.29 ? 1109 PRO A CB  1 
ATOM   15  C  CG  . PRO A 1 3   ? -12.983 -2.395  4.361   1.00 13.51 ? 1109 PRO A CG  1 
ATOM   16  C  CD  . PRO A 1 3   ? -13.534 -3.385  5.344   1.00 13.84 ? 1109 PRO A CD  1 
ATOM   17  N  N   . LEU A 1 4   ? -13.156 1.036   6.585   1.00 10.23 ? 1110 LEU A N   1 
ATOM   18  C  CA  . LEU A 1 4   ? -13.927 2.249   6.326   1.00 9.74  ? 1110 LEU A CA  1 
ATOM   19  C  C   . LEU A 1 4   ? -14.318 2.285   4.846   1.00 9.50  ? 1110 LEU A C   1 
ATOM   20  O  O   . LEU A 1 4   ? -13.520 1.910   3.968   1.00 8.85  ? 1110 LEU A O   1 
ATOM   21  C  CB  . LEU A 1 4   ? -13.115 3.476   6.637   1.00 9.91  ? 1110 LEU A CB  1 
ATOM   22  C  CG  . LEU A 1 4   ? -12.642 3.760   8.048   1.00 10.31 ? 1110 LEU A CG  1 
ATOM   23  C  CD1 . LEU A 1 4   ? -11.649 4.910   8.058   1.00 10.84 ? 1110 LEU A CD1 1 
ATOM   24  C  CD2 . LEU A 1 4   ? -13.871 4.035   8.905   1.00 10.67 ? 1110 LEU A CD2 1 
ATOM   25  N  N   . PRO A 1 5   ? -15.533 2.765   4.547   1.00 8.91  ? 1111 PRO A N   1 
ATOM   26  C  CA  . PRO A 1 5   ? -15.945 2.862   3.140   1.00 8.91  ? 1111 PRO A CA  1 
ATOM   27  C  C   . PRO A 1 5   ? -15.408 4.073   2.401   1.00 8.47  ? 1111 PRO A C   1 
ATOM   28  O  O   . PRO A 1 5   ? -15.660 4.229   1.196   1.00 9.22  ? 1111 PRO A O   1 
ATOM   29  C  CB  . PRO A 1 5   ? -17.477 2.914   3.257   1.00 9.55  ? 1111 PRO A CB  1 
ATOM   30  C  CG  . PRO A 1 5   ? -17.731 3.531   4.571   1.00 9.71  ? 1111 PRO A CG  1 
ATOM   31  C  CD  . PRO A 1 5   ? -16.672 2.970   5.468   1.00 9.60  ? 1111 PRO A CD  1 
ATOM   32  N  N   . TRP A 1 6   ? -14.746 4.971   3.113   1.00 7.63  ? 1112 TRP A N   1 
ATOM   33  C  CA  . TRP A 1 6   ? -14.201 6.211   2.555   1.00 7.18  ? 1112 TRP A CA  1 
ATOM   34  C  C   . TRP A 1 6   ? -13.224 6.768   3.548   1.00 7.03  ? 1112 TRP A C   1 
ATOM   35  O  O   . TRP A 1 6   ? -13.343 6.518   4.739   1.00 6.90  ? 1112 TRP A O   1 
ATOM   36  C  CB  . TRP A 1 6   ? -15.330 7.221   2.347   1.00 7.70  ? 1112 TRP A CB  1 
ATOM   37  C  CG  . TRP A 1 6   ? -14.942 8.511   1.639   1.00 7.99  ? 1112 TRP A CG  1 
ATOM   38  C  CD1 . TRP A 1 6   ? -14.886 8.728   0.295   1.00 7.86  ? 1112 TRP A CD1 1 
ATOM   39  C  CD2 . TRP A 1 6   ? -14.533 9.745   2.253   1.00 7.56  ? 1112 TRP A CD2 1 
ATOM   40  N  NE1 . TRP A 1 6   ? -14.501 10.007  0.036   1.00 8.26  ? 1112 TRP A NE1 1 
ATOM   41  C  CE2 . TRP A 1 6   ? -14.266 10.659  1.213   1.00 7.86  ? 1112 TRP A CE2 1 
ATOM   42  C  CE3 . TRP A 1 6   ? -14.415 10.185  3.576   1.00 7.98  ? 1112 TRP A CE3 1 
ATOM   43  C  CZ2 . TRP A 1 6   ? -13.884 11.962  1.461   1.00 7.98  ? 1112 TRP A CZ2 1 
ATOM   44  C  CZ3 . TRP A 1 6   ? -13.993 11.491  3.810   1.00 7.84  ? 1112 TRP A CZ3 1 
ATOM   45  C  CH2 . TRP A 1 6   ? -13.775 12.358  2.761   1.00 7.97  ? 1112 TRP A CH2 1 
ATOM   46  N  N   . CYS A 1 7   ? -12.260 7.543   3.071   1.00 6.64  ? 1113 CYS A N   1 
ATOM   47  C  CA  . CYS A 1 7   ? -11.483 8.408   3.979   1.00 6.56  ? 1113 CYS A CA  1 
ATOM   48  C  C   . CYS A 1 7   ? -11.058 9.656   3.233   1.00 6.55  ? 1113 CYS A C   1 
ATOM   49  O  O   . CYS A 1 7   ? -11.058 9.674   1.993   1.00 6.55  ? 1113 CYS A O   1 
ATOM   50  C  CB  . CYS A 1 7   ? -10.304 7.659   4.671   1.00 6.15  ? 1113 CYS A CB  1 
ATOM   51  S  SG  . CYS A 1 7   ? -8.671  7.847   3.882   1.00 5.90  ? 1113 CYS A SG  1 
ATOM   52  N  N   . PRO A 1 8   ? -10.702 10.715  3.973   1.00 7.24  ? 1114 PRO A N   1 
ATOM   53  C  CA  . PRO A 1 8   ? -10.392 11.998  3.321   1.00 7.31  ? 1114 PRO A CA  1 
ATOM   54  C  C   . PRO A 1 8   ? -9.048  12.031  2.594   1.00 7.24  ? 1114 PRO A C   1 
ATOM   55  O  O   . PRO A 1 8   ? -8.688  13.065  2.005   1.00 7.77  ? 1114 PRO A O   1 
ATOM   56  C  CB  . PRO A 1 8   ? -10.427 13.000  4.463   1.00 7.77  ? 1114 PRO A CB  1 
ATOM   57  C  CG  . PRO A 1 8   ? -10.364 12.210  5.725   1.00 7.80  ? 1114 PRO A CG  1 
ATOM   58  C  CD  . PRO A 1 8   ? -10.786 10.828  5.441   1.00 7.35  ? 1114 PRO A CD  1 
ATOM   59  N  N   . HIS A 1 9   ? -8.346  10.904  2.594   1.00 6.71  ? 1115 HIS A N   1 
ATOM   60  C  CA  . HIS A 1 9   ? -7.050  10.818  1.919   1.00 6.64  ? 1115 HIS A CA  1 
ATOM   61  C  C   . HIS A 1 9   ? -7.104  10.109  0.625   1.00 6.96  ? 1115 HIS A C   1 
ATOM   62  O  O   . HIS A 1 9   ? -6.097  10.064  -0.084  1.00 7.09  ? 1115 HIS A O   1 
ATOM   63  C  CB  . HIS A 1 9   ? -5.990  10.229  2.879   1.00 6.38  ? 1115 HIS A CB  1 
ATOM   64  C  CG  . HIS A 1 9   ? -5.981  10.956  4.180   1.00 6.34  ? 1115 HIS A CG  1 
ATOM   65  N  ND1 . HIS A 1 9   ? -6.662  10.521  5.295   1.00 6.52  ? 1115 HIS A ND1 1 
ATOM   66  C  CD2 . HIS A 1 9   ? -5.475  12.173  4.494   1.00 6.58  ? 1115 HIS A CD2 1 
ATOM   67  C  CE1 . HIS A 1 9   ? -6.560  11.440  6.244   1.00 6.44  ? 1115 HIS A CE1 1 
ATOM   68  N  NE2 . HIS A 1 9   ? -5.847  12.464  5.783   1.00 6.48  ? 1115 HIS A NE2 1 
ATOM   69  N  N   . LEU A 1 10  ? -8.260  9.577   0.231   1.00 6.96  ? 1116 LEU A N   1 
ATOM   70  C  CA  . LEU A 1 10  ? -8.376  8.940   -1.075  1.00 7.38  ? 1116 LEU A CA  1 
ATOM   71  C  C   . LEU A 1 10  ? -8.007  9.853   -2.227  1.00 7.40  ? 1116 LEU A C   1 
ATOM   72  O  O   . LEU A 1 10  ? -7.496  9.378   -3.257  1.00 7.99  ? 1116 LEU A O   1 
ATOM   73  C  CB  . LEU A 1 10  ? -9.758  8.368   -1.288  1.00 7.33  ? 1116 LEU A CB  1 
ATOM   74  C  CG  . LEU A 1 10  ? -10.139 7.194   -0.383  1.00 7.78  ? 1116 LEU A CG  1 
ATOM   75  C  CD1 . LEU A 1 10  ? -11.641 6.952   -0.449  1.00 8.28  ? 1116 LEU A CD1 1 
ATOM   76  C  CD2 . LEU A 1 10  ? -9.402  5.924   -0.803  1.00 7.62  ? 1116 LEU A CD2 1 
ATOM   77  N  N   . VAL A 1 11  ? -8.199  11.154  -2.041  1.00 8.03  ? 1117 VAL A N   1 
ATOM   78  C  CA  . VAL A 1 11  ? -7.782  12.135  -3.046  1.00 9.28  ? 1117 VAL A CA  1 
ATOM   79  C  C   . VAL A 1 11  ? -6.294  12.111  -3.384  1.00 9.51  ? 1117 VAL A C   1 
ATOM   80  O  O   . VAL A 1 11  ? -5.908  12.589  -4.460  1.00 11.31 ? 1117 VAL A O   1 
ATOM   81  C  CB  . VAL A 1 11  ? -8.195  13.590  -2.672  1.00 9.91  ? 1117 VAL A CB  1 
ATOM   82  C  CG1 . VAL A 1 11  ? -9.702  13.738  -2.778  1.00 10.56 ? 1117 VAL A CG1 1 
ATOM   83  C  CG2 . VAL A 1 11  ? -7.625  14.018  -1.342  1.00 10.20 ? 1117 VAL A CG2 1 
ATOM   84  N  N   . ALA A 1 12  ? -5.460  11.555  -2.492  1.00 8.39  ? 1118 ALA A N   1 
ATOM   85  C  CA  . ALA A 1 12  ? -4.026  11.461  -2.691  1.00 8.02  ? 1118 ALA A CA  1 
ATOM   86  C  C   . ALA A 1 12  ? -3.597  10.186  -3.377  1.00 7.83  ? 1118 ALA A C   1 
ATOM   87  O  O   . ALA A 1 12  ? -2.380  9.997   -3.619  1.00 7.60  ? 1118 ALA A O   1 
ATOM   88  C  CB  . ALA A 1 12  ? -3.306  11.593  -1.368  1.00 8.51  ? 1118 ALA A CB  1 
ATOM   89  N  N   . VAL A 1 13  ? -4.534  9.308   -3.678  1.00 7.06  ? 1119 VAL A N   1 
ATOM   90  C  CA  . VAL A 1 13  ? -4.212  8.077   -4.444  1.00 7.55  ? 1119 VAL A CA  1 
ATOM   91  C  C   . VAL A 1 13  ? -3.940  8.497   -5.884  1.00 7.74  ? 1119 VAL A C   1 
ATOM   92  O  O   . VAL A 1 13  ? -4.771  9.169   -6.517  1.00 9.07  ? 1119 VAL A O   1 
ATOM   93  C  CB  . VAL A 1 13  ? -5.343  7.024   -4.347  1.00 7.67  ? 1119 VAL A CB  1 
ATOM   94  C  CG1 . VAL A 1 13  ? -5.077  5.859   -5.303  1.00 8.24  ? 1119 VAL A CG1 1 
ATOM   95  C  CG2 . VAL A 1 13  ? -5.431  6.562   -2.902  1.00 7.91  ? 1119 VAL A CG2 1 
ATOM   96  N  N   . CYS A 1 14  ? -2.769  8.117   -6.393  1.00 7.07  ? 1120 CYS A N   1 
ATOM   97  C  CA  . CYS A 1 14  ? -2.325  8.563   -7.716  1.00 7.20  ? 1120 CYS A CA  1 
ATOM   98  C  C   . CYS A 1 14  ? -2.462  7.463   -8.751  1.00 7.34  ? 1120 CYS A C   1 
ATOM   99  O  O   . CYS A 1 14  ? -2.669  6.290   -8.445  1.00 7.20  ? 1120 CYS A O   1 
ATOM   100 C  CB  . CYS A 1 14  ? -0.893  9.085   -7.637  1.00 7.27  ? 1120 CYS A CB  1 
ATOM   101 S  SG  . CYS A 1 14  ? -0.748  10.562  -6.612  1.00 7.47  ? 1120 CYS A SG  1 
ATOM   102 N  N   . PRO A 1 15  ? -2.376  7.848   -10.044 1.00 7.72  ? 1121 PRO A N   1 
ATOM   103 C  CA  . PRO A 1 15  ? -2.599  6.863   -11.071 1.00 7.83  ? 1121 PRO A CA  1 
ATOM   104 C  C   . PRO A 1 15  ? -1.572  5.726   -11.066 1.00 8.17  ? 1121 PRO A C   1 
ATOM   105 O  O   . PRO A 1 15  ? -0.409  5.941   -10.767 1.00 8.21  ? 1121 PRO A O   1 
ATOM   106 C  CB  . PRO A 1 15  ? -2.563  7.716   -12.352 1.00 7.97  ? 1121 PRO A CB  1 
ATOM   107 C  CG  . PRO A 1 15  ? -3.004  9.054   -11.909 1.00 8.07  ? 1121 PRO A CG  1 
ATOM   108 C  CD  . PRO A 1 15  ? -2.301  9.202   -10.604 1.00 8.22  ? 1121 PRO A CD  1 
ATOM   109 N  N   . ILE A 1 16  ? -2.045  4.547   -11.425 1.00 9.12  ? 1122 ILE A N   1 
ATOM   110 C  CA  . ILE A 1 16  ? -1.251  3.353   -11.363 1.00 9.76  ? 1122 ILE A CA  1 
ATOM   111 C  C   . ILE A 1 16  ? -0.203  3.427   -12.468 1.00 9.76  ? 1122 ILE A C   1 
ATOM   112 O  O   . ILE A 1 16  ? -0.545  3.724   -13.639 1.00 11.21 ? 1122 ILE A O   1 
ATOM   113 C  CB  . ILE A 1 16  ? -2.097  2.082   -11.521 1.00 11.21 ? 1122 ILE A CB  1 
ATOM   114 C  CG1 . ILE A 1 16  ? -3.270  2.032   -10.513 1.00 12.19 ? 1122 ILE A CG1 1 
ATOM   115 C  CG2 . ILE A 1 16  ? -1.207  0.871   -11.367 1.00 11.60 ? 1122 ILE A CG2 1 
ATOM   116 C  CD1 . ILE A 1 16  ? -4.451  1.157   -10.922 1.00 12.65 ? 1122 ILE A CD1 1 
ATOM   117 N  N   . PRO A 1 17  ? 1.045   3.118   -12.136 1.00 9.24  ? 1123 PRO A N   1 
ATOM   118 C  CA  . PRO A 1 17  ? 2.035   3.051   -13.228 1.00 9.84  ? 1123 PRO A CA  1 
ATOM   119 C  C   . PRO A 1 17  ? 1.687   2.046   -14.317 1.00 10.17 ? 1123 PRO A C   1 
ATOM   120 O  O   . PRO A 1 17  ? 1.208   0.947   -14.049 1.00 10.91 ? 1123 PRO A O   1 
ATOM   121 C  CB  . PRO A 1 17  ? 3.316   2.628   -12.514 1.00 9.79  ? 1123 PRO A CB  1 
ATOM   122 C  CG  . PRO A 1 17  ? 3.098   2.999   -11.066 1.00 10.42 ? 1123 PRO A CG  1 
ATOM   123 C  CD  . PRO A 1 17  ? 1.659   2.843   -10.817 1.00 9.89  ? 1123 PRO A CD  1 
ATOM   124 N  N   . ALA A 1 18  ? 2.009   2.395   -15.551 1.00 11.64 ? 1124 ALA A N   1 
ATOM   125 C  CA  . ALA A 1 18  ? 1.795   1.489   -16.676 1.00 12.20 ? 1124 ALA A CA  1 
ATOM   126 C  C   . ALA A 1 18  ? 2.666   0.230   -16.548 1.00 13.62 ? 1124 ALA A C   1 
ATOM   127 O  O   . ALA A 1 18  ? 2.334   -0.809  -17.107 1.00 16.04 ? 1124 ALA A O   1 
ATOM   128 C  CB  . ALA A 1 18  ? 2.044   2.206   -18.005 1.00 12.73 ? 1124 ALA A CB  1 
ATOM   129 N  N   . ALA A 1 19  ? 3.744   0.327   -15.792 1.00 13.63 ? 1125 ALA A N   1 
ATOM   130 C  CA  . ALA A 1 19  ? 4.570   -0.834  -15.465 1.00 16.56 ? 1125 ALA A CA  1 
ATOM   131 C  C   . ALA A 1 19  ? 3.772   -1.870  -14.631 1.00 17.92 ? 1125 ALA A C   1 
ATOM   132 O  O   . ALA A 1 19  ? 4.098   -3.087  -14.623 1.00 20.78 ? 1125 ALA A O   1 
ATOM   133 C  CB  . ALA A 1 19  ? 5.817   -0.366  -14.749 1.00 17.22 ? 1125 ALA A CB  1 
ATOM   134 N  N   . GLY A 1 20  ? 2.699   -1.432  -13.977 1.00 15.68 ? 1126 GLY A N   1 
ATOM   135 C  CA  . GLY A 1 20  ? 1.875   -2.291  -13.164 1.00 15.48 ? 1126 GLY A CA  1 
ATOM   136 C  C   . GLY A 1 20  ? 2.540   -2.397  -11.795 1.00 14.41 ? 1126 GLY A C   1 
ATOM   137 O  O   . GLY A 1 20  ? 3.396   -1.589  -11.422 1.00 17.80 ? 1126 GLY A O   1 
ATOM   138 N  N   . LEU A 1 21  ? 2.154   -3.431  -11.077 1.00 12.26 ? 1127 LEU A N   1 
ATOM   139 C  CA  . LEU A 1 21  ? 2.702   -3.703  -9.738  1.00 11.06 ? 1127 LEU A CA  1 
ATOM   140 C  C   . LEU A 1 21  ? 3.406   -5.035  -9.718  1.00 10.76 ? 1127 LEU A C   1 
ATOM   141 O  O   . LEU A 1 21  ? 3.009   -5.941  -10.442 1.00 12.37 ? 1127 LEU A O   1 
ATOM   142 C  CB  . LEU A 1 21  ? 1.568   -3.747  -8.720  1.00 11.07 ? 1127 LEU A CB  1 
ATOM   143 C  CG  . LEU A 1 21  ? 0.785   -2.438  -8.607  1.00 11.59 ? 1127 LEU A CG  1 
ATOM   144 C  CD1 . LEU A 1 21  ? -0.396  -2.649  -7.683  1.00 11.56 ? 1127 LEU A CD1 1 
ATOM   145 C  CD2 . LEU A 1 21  ? 1.651   -1.330  -8.091  1.00 11.93 ? 1127 LEU A CD2 1 
ATOM   146 N  N   . ASP A 1 22  ? 4.432   -5.168  -8.889  1.00 9.97  ? 1128 ASP A N   1 
ATOM   147 C  CA  . ASP A 1 22  ? 5.130   -6.424  -8.680  1.00 10.45 ? 1128 ASP A CA  1 
ATOM   148 C  C   . ASP A 1 22  ? 4.984   -6.763  -7.208  1.00 9.26  ? 1128 ASP A C   1 
ATOM   149 O  O   . ASP A 1 22  ? 5.652   -6.178  -6.344  1.00 8.52  ? 1128 ASP A O   1 
ATOM   150 C  CB  . ASP A 1 22  ? 6.611   -6.292  -9.036  1.00 12.27 ? 1128 ASP A CB  1 
ATOM   151 C  CG  . ASP A 1 22  ? 7.386   -7.559  -8.782  1.00 14.14 ? 1128 ASP A CG  1 
ATOM   152 O  OD1 . ASP A 1 22  ? 6.815   -8.571  -8.352  1.00 13.60 ? 1128 ASP A OD1 1 
ATOM   153 O  OD2 . ASP A 1 22  ? 8.639   -7.490  -8.975  1.00 19.92 ? 1128 ASP A OD2 1 
ATOM   154 N  N   . VAL A 1 23  ? 4.086   -7.704  -6.904  1.00 8.28  ? 1129 VAL A N   1 
ATOM   155 C  CA  . VAL A 1 23  ? 3.801   -7.999  -5.523  1.00 8.21  ? 1129 VAL A CA  1 
ATOM   156 C  C   . VAL A 1 23  ? 4.942   -8.722  -4.803  1.00 8.09  ? 1129 VAL A C   1 
ATOM   157 O  O   . VAL A 1 23  ? 4.901   -8.842  -3.576  1.00 8.04  ? 1129 VAL A O   1 
ATOM   158 C  CB  . VAL A 1 23  ? 2.495   -8.812  -5.312  1.00 8.54  ? 1129 VAL A CB  1 
ATOM   159 C  CG1 . VAL A 1 23  ? 1.301   -8.077  -5.926  1.00 9.03  ? 1129 VAL A CG1 1 
ATOM   160 C  CG2 . VAL A 1 23  ? 2.650   -10.222 -5.868  1.00 9.14  ? 1129 VAL A CG2 1 
ATOM   161 N  N   . THR A 1 24  ? 5.939   -9.175  -5.573  1.00 8.28  ? 1130 THR A N   1 
ATOM   162 C  CA  . THR A 1 24  ? 7.149   -9.750  -4.986  1.00 8.59  ? 1130 THR A CA  1 
ATOM   163 C  C   . THR A 1 24  ? 8.312   -8.770  -4.918  1.00 9.24  ? 1130 THR A C   1 
ATOM   164 O  O   . THR A 1 24  ? 9.417   -9.161  -4.537  1.00 10.29 ? 1130 THR A O   1 
ATOM   165 C  CB  . THR A 1 24  ? 7.609   -11.034 -5.699  1.00 8.78  ? 1130 THR A CB  1 
ATOM   166 O  OG1 . THR A 1 24  ? 8.107   -10.736 -6.998  1.00 8.97  ? 1130 THR A OG1 1 
ATOM   167 C  CG2 . THR A 1 24  ? 6.491   -12.025 -5.782  1.00 9.14  ? 1130 THR A CG2 1 
ATOM   168 N  N   . GLN A 1 25  ? 8.065   -7.487  -5.179  1.00 8.75  ? 1131 GLN A N   1 
ATOM   169 C  CA  . GLN A 1 25  ? 9.114   -6.488  -5.083  1.00 8.64  ? 1131 GLN A CA  1 
ATOM   170 C  C   . GLN A 1 25  ? 9.545   -6.347  -3.616  1.00 8.79  ? 1131 GLN A C   1 
ATOM   171 O  O   . GLN A 1 25  ? 8.689   -6.210  -2.736  1.00 8.64  ? 1131 GLN A O   1 
ATOM   172 C  CB  . GLN A 1 25  ? 8.597   -5.149  -5.565  1.00 9.03  ? 1131 GLN A CB  1 
ATOM   173 C  CG  . GLN A 1 25  ? 9.633   -4.038  -5.585  1.00 8.74  ? 1131 GLN A CG  1 
ATOM   174 C  CD  . GLN A 1 25  ? 9.148   -2.795  -6.315  1.00 9.13  ? 1131 GLN A CD  1 
ATOM   175 O  OE1 . GLN A 1 25  ? 8.296   -2.864  -7.203  1.00 10.55 ? 1131 GLN A OE1 1 
ATOM   176 N  NE2 . GLN A 1 25  ? 9.677   -1.665  -5.951  1.00 9.72  ? 1131 GLN A NE2 1 
ATOM   177 N  N   . PRO A 1 26  ? 10.849  -6.338  -3.346  1.00 8.07  ? 1132 PRO A N   1 
ATOM   178 C  CA  . PRO A 1 26  ? 11.317  -6.222  -1.967  1.00 7.86  ? 1132 PRO A CA  1 
ATOM   179 C  C   . PRO A 1 26  ? 11.277  -4.802  -1.442  1.00 7.26  ? 1132 PRO A C   1 
ATOM   180 O  O   . PRO A 1 26  ? 11.123  -3.835  -2.197  1.00 7.49  ? 1132 PRO A O   1 
ATOM   181 C  CB  . PRO A 1 26  ? 12.766  -6.698  -2.054  1.00 8.04  ? 1132 PRO A CB  1 
ATOM   182 C  CG  . PRO A 1 26  ? 13.172  -6.359  -3.403  1.00 8.57  ? 1132 PRO A CG  1 
ATOM   183 C  CD  . PRO A 1 26  ? 11.961  -6.553  -4.281  1.00 8.23  ? 1132 PRO A CD  1 
ATOM   184 N  N   . CYS A 1 27  ? 11.482  -4.688  -0.126  1.00 7.05  ? 1133 CYS A N   1 
ATOM   185 C  CA  . CYS A 1 27  ? 11.562  -3.389  0.521   1.00 7.04  ? 1133 CYS A CA  1 
ATOM   186 C  C   . CYS A 1 27  ? 12.690  -2.555  -0.074  1.00 7.70  ? 1133 CYS A C   1 
ATOM   187 O  O   . CYS A 1 27  ? 13.824  -3.026  -0.172  1.00 8.59  ? 1133 CYS A O   1 
ATOM   188 C  CB  . CYS A 1 27  ? 11.807  -3.546  2.010   1.00 6.93  ? 1133 CYS A CB  1 
ATOM   189 S  SG  . CYS A 1 27  ? 11.934  -1.981  2.903   1.00 6.66  ? 1133 CYS A SG  1 
ATOM   190 N  N   . GLY A 1 28  ? 12.359  -1.319  -0.457  1.00 8.08  ? 1134 GLY A N   1 
ATOM   191 C  CA  . GLY A 1 28  ? 13.333  -0.375  -1.012  1.00 9.35  ? 1134 GLY A CA  1 
ATOM   192 C  C   . GLY A 1 28  ? 14.463  0.002   -0.090  1.00 10.57 ? 1134 GLY A C   1 
ATOM   193 O  O   . GLY A 1 28  ? 15.489  0.485   -0.571  1.00 13.18 ? 1134 GLY A O   1 
ATOM   194 N  N   . ASP A 1 29  ? 14.282  -0.162  1.204   1.00 10.38 ? 1135 ASP A N   1 
ATOM   195 C  CA  . ASP A 1 29  ? 15.337  0.169   2.196   1.00 11.37 ? 1135 ASP A CA  1 
ATOM   196 C  C   . ASP A 1 29  ? 16.120  -1.045  2.584   1.00 11.48 ? 1135 ASP A C   1 
ATOM   197 O  O   . ASP A 1 29  ? 17.335  -1.083  2.312   1.00 12.43 ? 1135 ASP A O   1 
ATOM   198 C  CB  . ASP A 1 29  ? 14.748  0.860   3.418   1.00 13.03 ? 1135 ASP A CB  1 
ATOM   199 C  CG  . ASP A 1 29  ? 14.344  2.293   3.154   1.00 15.92 ? 1135 ASP A CG  1 
ATOM   200 O  OD1 . ASP A 1 29  ? 14.884  2.931   2.212   1.00 18.37 ? 1135 ASP A OD1 1 
ATOM   201 O  OD2 . ASP A 1 29  ? 13.507  2.802   3.937   1.00 19.33 ? 1135 ASP A OD2 1 
ATOM   202 N  N   . CYS A 1 30  ? 15.476  -2.067  3.146   1.00 9.12  ? 1136 CYS A N   1 
ATOM   203 C  CA  . CYS A 1 30  ? 16.235  -3.198  3.723   1.00 9.20  ? 1136 CYS A CA  1 
ATOM   204 C  C   . CYS A 1 30  ? 16.261  -4.420  2.842   1.00 9.01  ? 1136 CYS A C   1 
ATOM   205 O  O   . CYS A 1 30  ? 16.902  -5.404  3.191   1.00 9.76  ? 1136 CYS A O   1 
ATOM   206 C  CB  . CYS A 1 30  ? 15.704  -3.575  5.095   1.00 8.73  ? 1136 CYS A CB  1 
ATOM   207 S  SG  . CYS A 1 30  ? 14.017  -4.278  5.124   1.00 7.76  ? 1136 CYS A SG  1 
ATOM   208 N  N   . GLY A 1 31  ? 15.523  -4.425  1.735   1.00 8.68  ? 1137 GLY A N   1 
ATOM   209 C  CA  . GLY A 1 31  ? 15.505  -5.598  0.851   1.00 9.00  ? 1137 GLY A CA  1 
ATOM   210 C  C   . GLY A 1 31  ? 14.716  -6.803  1.307   1.00 8.94  ? 1137 GLY A C   1 
ATOM   211 O  O   . GLY A 1 31  ? 14.699  -7.813  0.620   1.00 9.48  ? 1137 GLY A O   1 
ATOM   212 N  N   . THR A 1 32  ? 13.999  -6.719  2.432   1.00 8.64  ? 1138 THR A N   1 
ATOM   213 C  CA  . THR A 1 32  ? 13.222  -7.862  2.858   1.00 8.68  ? 1138 THR A CA  1 
ATOM   214 C  C   . THR A 1 32  ? 12.149  -8.214  1.860   1.00 8.69  ? 1138 THR A C   1 
ATOM   215 O  O   . THR A 1 32  ? 11.546  -7.323  1.222   1.00 8.11  ? 1138 THR A O   1 
ATOM   216 C  CB  . THR A 1 32  ? 12.570  -7.685  4.246   1.00 8.71  ? 1138 THR A CB  1 
ATOM   217 O  OG1 . THR A 1 32  ? 11.993  -8.915  4.638   1.00 8.92  ? 1138 THR A OG1 1 
ATOM   218 C  CG2 . THR A 1 32  ? 11.506  -6.595  4.288   1.00 8.86  ? 1138 THR A CG2 1 
ATOM   219 N  N   . ILE A 1 33  ? 11.918  -9.506  1.682   1.00 9.30  ? 1139 ILE A N   1 
ATOM   220 C  CA  . ILE A 1 33  ? 10.749  -9.986  0.928   1.00 9.89  ? 1139 ILE A CA  1 
ATOM   221 C  C   . ILE A 1 33  ? 9.459   -10.063 1.729   1.00 9.79  ? 1139 ILE A C   1 
ATOM   222 O  O   . ILE A 1 33  ? 8.400   -10.344 1.170   1.00 10.29 ? 1139 ILE A O   1 
ATOM   223 C  CB  . ILE A 1 33  ? 11.009  -11.365 0.302   1.00 11.31 ? 1139 ILE A CB  1 
ATOM   224 C  CG1 . ILE A 1 33  ? 11.105  -12.471 1.364   1.00 12.21 ? 1139 ILE A CG1 1 
ATOM   225 C  CG2 . ILE A 1 33  ? 12.257  -11.305 -0.575  1.00 11.92 ? 1139 ILE A CG2 1 
ATOM   226 C  CD1 . ILE A 1 33  ? 11.316  -13.856 0.782   1.00 13.32 ? 1139 ILE A CD1 1 
ATOM   227 N  N   . GLN A 1 34  ? 9.531   -9.798  3.028   1.00 9.22  ? 1140 GLN A N   1 
ATOM   228 C  CA  . GLN A 1 34  ? 8.410   -9.998  3.904   1.00 9.18  ? 1140 GLN A CA  1 
ATOM   229 C  C   . GLN A 1 34  ? 7.538   -8.767  4.195   1.00 8.66  ? 1140 GLN A C   1 
ATOM   230 O  O   . GLN A 1 34  ? 8.048   -7.708  4.441   1.00 9.38  ? 1140 GLN A O   1 
ATOM   231 C  CB  . GLN A 1 34  ? 8.943   -10.487 5.235   1.00 9.27  ? 1140 GLN A CB  1 
ATOM   232 C  CG  . GLN A 1 34  ? 9.674   -11.803 5.139   1.00 9.97  ? 1140 GLN A CG  1 
ATOM   233 C  CD  . GLN A 1 34  ? 10.233  -12.231 6.487   1.00 10.80 ? 1140 GLN A CD  1 
ATOM   234 O  OE1 . GLN A 1 34  ? 9.473   -12.422 7.464   1.00 13.30 ? 1140 GLN A OE1 1 
ATOM   235 N  NE2 . GLN A 1 34  ? 11.527  -12.344 6.558   1.00 12.38 ? 1140 GLN A NE2 1 
ATOM   236 N  N   A GLU A 1 35  ? 6.227   -8.976  4.216   0.60 8.38  ? 1141 GLU A N   1 
ATOM   237 N  N   B GLU A 1 35  ? 6.227   -8.974  4.169   0.40 8.80  ? 1141 GLU A N   1 
ATOM   238 C  CA  A GLU A 1 35  ? 5.241   -7.983  4.638   0.60 8.21  ? 1141 GLU A CA  1 
ATOM   239 C  CA  B GLU A 1 35  ? 5.262   -8.001  4.645   0.40 8.81  ? 1141 GLU A CA  1 
ATOM   240 C  C   A GLU A 1 35  ? 5.430   -6.631  3.963   0.60 7.67  ? 1141 GLU A C   1 
ATOM   241 C  C   B GLU A 1 35  ? 5.382   -6.649  3.961   0.40 8.06  ? 1141 GLU A C   1 
ATOM   242 O  O   A GLU A 1 35  ? 5.384   -5.591  4.603   0.60 7.92  ? 1141 GLU A O   1 
ATOM   243 O  O   B GLU A 1 35  ? 5.236   -5.623  4.611   0.40 8.17  ? 1141 GLU A O   1 
ATOM   244 C  CB  A GLU A 1 35  ? 5.177   -7.843  6.181   0.60 8.54  ? 1141 GLU A CB  1 
ATOM   245 C  CB  B GLU A 1 35  ? 5.395   -7.810  6.162   0.40 9.62  ? 1141 GLU A CB  1 
ATOM   246 C  CG  A GLU A 1 35  ? 3.893   -7.198  6.718   0.60 8.49  ? 1141 GLU A CG  1 
ATOM   247 C  CG  B GLU A 1 35  ? 5.243   -9.091  6.982   0.40 10.14 ? 1141 GLU A CG  1 
ATOM   248 C  CD  A GLU A 1 35  ? 3.770   -7.176  8.260   0.60 8.58  ? 1141 GLU A CD  1 
ATOM   249 C  CD  B GLU A 1 35  ? 3.816   -9.316  7.457   0.40 10.67 ? 1141 GLU A CD  1 
ATOM   250 O  OE1 A GLU A 1 35  ? 3.183   -8.173  8.762   0.60 9.45  ? 1141 GLU A OE1 1 
ATOM   251 O  OE1 B GLU A 1 35  ? 3.214   -8.356  7.948   0.40 11.06 ? 1141 GLU A OE1 1 
ATOM   252 O  OE2 A GLU A 1 35  ? 4.202   -6.178  8.956   0.60 7.74  ? 1141 GLU A OE2 1 
ATOM   253 O  OE2 B GLU A 1 35  ? 3.289   -10.437 7.395   0.40 11.42 ? 1141 GLU A OE2 1 
ATOM   254 N  N   . ASN A 1 36  ? 5.640   -6.651  2.655   1.00 7.52  ? 1142 ASN A N   1 
ATOM   255 C  CA  . ASN A 1 36  ? 5.761   -5.409  1.929   1.00 6.94  ? 1142 ASN A CA  1 
ATOM   256 C  C   . ASN A 1 36  ? 4.429   -4.775  1.558   1.00 6.44  ? 1142 ASN A C   1 
ATOM   257 O  O   . ASN A 1 36  ? 3.383   -5.446  1.404   1.00 6.28  ? 1142 ASN A O   1 
ATOM   258 C  CB  . ASN A 1 36  ? 6.669   -5.580  0.705   1.00 6.97  ? 1142 ASN A CB  1 
ATOM   259 C  CG  . ASN A 1 36  ? 8.116   -5.753  1.129   1.00 7.24  ? 1142 ASN A CG  1 
ATOM   260 O  OD1 . ASN A 1 36  ? 8.655   -4.914  1.831   1.00 7.59  ? 1142 ASN A OD1 1 
ATOM   261 N  ND2 . ASN A 1 36  ? 8.728   -6.878  0.725   1.00 7.62  ? 1142 ASN A ND2 1 
ATOM   262 N  N   . TRP A 1 37  ? 4.498   -3.467  1.420   1.00 6.07  ? 1143 TRP A N   1 
ATOM   263 C  CA  . TRP A 1 37  ? 3.377   -2.597  1.046   1.00 5.99  ? 1143 TRP A CA  1 
ATOM   264 C  C   . TRP A 1 37  ? 3.841   -1.730  -0.090  1.00 5.68  ? 1143 TRP A C   1 
ATOM   265 O  O   . TRP A 1 37  ? 5.044   -1.452  -0.202  1.00 5.81  ? 1143 TRP A O   1 
ATOM   266 C  CB  . TRP A 1 37  ? 3.007   -1.698  2.229   1.00 6.28  ? 1143 TRP A CB  1 
ATOM   267 C  CG  . TRP A 1 37  ? 2.475   -2.414  3.421   1.00 6.51  ? 1143 TRP A CG  1 
ATOM   268 C  CD1 . TRP A 1 37  ? 3.192   -3.154  4.350   1.00 6.92  ? 1143 TRP A CD1 1 
ATOM   269 C  CD2 . TRP A 1 37  ? 1.115   -2.448  3.858   1.00 6.90  ? 1143 TRP A CD2 1 
ATOM   270 N  NE1 . TRP A 1 37  ? 2.353   -3.649  5.298   1.00 7.37  ? 1143 TRP A NE1 1 
ATOM   271 C  CE2 . TRP A 1 37  ? 1.077   -3.222  5.037   1.00 7.13  ? 1143 TRP A CE2 1 
ATOM   272 C  CE3 . TRP A 1 37  ? -0.078  -1.940  3.349   1.00 7.13  ? 1143 TRP A CE3 1 
ATOM   273 C  CZ2 . TRP A 1 37  ? -0.102  -3.491  5.710   1.00 7.40  ? 1143 TRP A CZ2 1 
ATOM   274 C  CZ3 . TRP A 1 37  ? -1.260  -2.161  4.050   1.00 7.37  ? 1143 TRP A CZ3 1 
ATOM   275 C  CH2 . TRP A 1 37  ? -1.258  -2.935  5.227   1.00 7.70  ? 1143 TRP A CH2 1 
ATOM   276 N  N   . VAL A 1 38  ? 2.885   -1.282  -0.915  1.00 5.36  ? 1144 VAL A N   1 
ATOM   277 C  CA  . VAL A 1 38  ? 3.182   -0.302  -1.976  1.00 5.37  ? 1144 VAL A CA  1 
ATOM   278 C  C   . VAL A 1 38  ? 2.436   0.984   -1.654  1.00 5.26  ? 1144 VAL A C   1 
ATOM   279 O  O   . VAL A 1 38  ? 1.238   0.986   -1.270  1.00 5.14  ? 1144 VAL A O   1 
ATOM   280 C  CB  . VAL A 1 38  ? 2.862   -0.844  -3.396  1.00 5.38  ? 1144 VAL A CB  1 
ATOM   281 C  CG1 . VAL A 1 38  ? 1.396   -1.237  -3.568  1.00 5.57  ? 1144 VAL A CG1 1 
ATOM   282 C  CG2 . VAL A 1 38  ? 3.344   0.109   -4.476  1.00 5.53  ? 1144 VAL A CG2 1 
ATOM   283 N  N   . CYS A 1 39  ? 3.132   2.102   -1.825  1.00 5.16  ? 1145 CYS A N   1 
ATOM   284 C  CA  . CYS A 1 39  ? 2.521   3.389   -1.576  1.00 5.39  ? 1145 CYS A CA  1 
ATOM   285 C  C   . CYS A 1 39  ? 1.607   3.783   -2.726  1.00 5.47  ? 1145 CYS A C   1 
ATOM   286 O  O   . CYS A 1 39  ? 2.002   3.764   -3.890  1.00 5.41  ? 1145 CYS A O   1 
ATOM   287 C  CB  . CYS A 1 39  ? 3.613   4.440   -1.425  1.00 5.47  ? 1145 CYS A CB  1 
ATOM   288 S  SG  . CYS A 1 39  ? 2.965   6.093   -1.080  1.00 5.57  ? 1145 CYS A SG  1 
ATOM   289 N  N   . LEU A 1 40  ? 0.359   4.099   -2.422  1.00 5.37  ? 1146 LEU A N   1 
ATOM   290 C  CA  . LEU A 1 40  ? -0.604  4.446   -3.481  1.00 5.84  ? 1146 LEU A CA  1 
ATOM   291 C  C   . LEU A 1 40  ? -0.508  5.877   -3.951  1.00 6.00  ? 1146 LEU A C   1 
ATOM   292 O  O   . LEU A 1 40  ? -1.290  6.265   -4.820  1.00 6.23  ? 1146 LEU A O   1 
ATOM   293 C  CB  . LEU A 1 40  ? -2.005  4.125   -2.974  1.00 6.11  ? 1146 LEU A CB  1 
ATOM   294 C  CG  . LEU A 1 40  ? -2.252  2.639   -2.711  1.00 6.41  ? 1146 LEU A CG  1 
ATOM   295 C  CD1 . LEU A 1 40  ? -3.694  2.411   -2.264  1.00 6.98  ? 1146 LEU A CD1 1 
ATOM   296 C  CD2 . LEU A 1 40  ? -1.891  1.781   -3.919  1.00 6.69  ? 1146 LEU A CD2 1 
ATOM   297 N  N   . SER A 1 41  ? 0.451   6.631   -3.429  1.00 5.98  ? 1147 SER A N   1 
ATOM   298 C  CA  . SER A 1 41  ? 0.812   7.951   -4.018  1.00 6.20  ? 1147 SER A CA  1 
ATOM   299 C  C   . SER A 1 41  ? 2.001   7.818   -4.973  1.00 6.64  ? 1147 SER A C   1 
ATOM   300 O  O   . SER A 1 41  ? 1.876   8.185   -6.147  1.00 7.59  ? 1147 SER A O   1 
ATOM   301 C  CB  . SER A 1 41  ? 1.034   9.015   -2.971  1.00 6.14  ? 1147 SER A CB  1 
ATOM   302 O  OG  . SER A 1 41  ? -0.138  9.233   -2.187  1.00 6.13  ? 1147 SER A OG  1 
ATOM   303 N  N   . CYS A 1 42  ? 3.123   7.280   -4.490  1.00 6.70  ? 1148 CYS A N   1 
ATOM   304 C  CA  . CYS A 1 42  ? 4.379   7.265   -5.260  1.00 6.62  ? 1148 CYS A CA  1 
ATOM   305 C  C   . CYS A 1 42  ? 4.851   5.886   -5.732  1.00 6.65  ? 1148 CYS A C   1 
ATOM   306 O  O   . CYS A 1 42  ? 5.825   5.800   -6.462  1.00 7.29  ? 1148 CYS A O   1 
ATOM   307 C  CB  . CYS A 1 42  ? 5.482   7.982   -4.488  1.00 6.95  ? 1148 CYS A CB  1 
ATOM   308 S  SG  . CYS A 1 42  ? 6.148   7.022   -3.111  1.00 6.99  ? 1148 CYS A SG  1 
ATOM   309 N  N   . TYR A 1 43  ? 4.144   4.829   -5.314  1.00 6.37  ? 1149 TYR A N   1 
ATOM   310 C  CA  . TYR A 1 43  ? 4.370   3.441   -5.793  1.00 6.38  ? 1149 TYR A CA  1 
ATOM   311 C  C   . TYR A 1 43  ? 5.753   2.849   -5.441  1.00 6.59  ? 1149 TYR A C   1 
ATOM   312 O  O   . TYR A 1 43  ? 6.178   1.821   -5.998  1.00 7.14  ? 1149 TYR A O   1 
ATOM   313 C  CB  . TYR A 1 43  ? 3.969   3.296   -7.274  1.00 6.48  ? 1149 TYR A CB  1 
ATOM   314 C  CG  . TYR A 1 43  ? 2.468   3.459   -7.392  1.00 6.21  ? 1149 TYR A CG  1 
ATOM   315 C  CD1 . TYR A 1 43  ? 1.620   2.351   -7.247  1.00 6.48  ? 1149 TYR A CD1 1 
ATOM   316 C  CD2 . TYR A 1 43  ? 1.886   4.725   -7.536  1.00 6.36  ? 1149 TYR A CD2 1 
ATOM   317 C  CE1 . TYR A 1 43  ? 0.259   2.483   -7.308  1.00 6.48  ? 1149 TYR A CE1 1 
ATOM   318 C  CE2 . TYR A 1 43  ? 0.508   4.876   -7.598  1.00 6.43  ? 1149 TYR A CE2 1 
ATOM   319 C  CZ  . TYR A 1 43  ? -0.312  3.765   -7.485  1.00 6.56  ? 1149 TYR A CZ  1 
ATOM   320 O  OH  . TYR A 1 43  ? -1.683  3.884   -7.531  1.00 7.46  ? 1149 TYR A OH  1 
ATOM   321 N  N   . GLN A 1 44  ? 6.394   3.467   -4.446  1.00 6.61  ? 1150 GLN A N   1 
ATOM   322 C  CA  . GLN A 1 44  ? 7.531   2.845   -3.775  1.00 7.22  ? 1150 GLN A CA  1 
ATOM   323 C  C   . GLN A 1 44  ? 7.039   1.725   -2.873  1.00 6.64  ? 1150 GLN A C   1 
ATOM   324 O  O   . GLN A 1 44  ? 5.927   1.766   -2.360  1.00 7.33  ? 1150 GLN A O   1 
ATOM   325 C  CB  . GLN A 1 44  ? 8.352   3.890   -3.042  1.00 7.94  ? 1150 GLN A CB  1 
ATOM   326 C  CG  . GLN A 1 44  ? 9.036   4.853   -4.017  1.00 9.11  ? 1150 GLN A CG  1 
ATOM   327 C  CD  . GLN A 1 44  ? 9.699   6.044   -3.336  1.00 10.60 ? 1150 GLN A CD  1 
ATOM   328 O  OE1 . GLN A 1 44  ? 10.055  6.011   -2.179  1.00 14.14 ? 1150 GLN A OE1 1 
ATOM   329 N  NE2 . GLN A 1 44  ? 9.844   7.145   -4.087  1.00 12.96 ? 1150 GLN A NE2 1 
ATOM   330 N  N   . VAL A 1 45  ? 7.888   0.726   -2.665  1.00 6.32  ? 1151 VAL A N   1 
ATOM   331 C  CA  . VAL A 1 45  ? 7.580   -0.453  -1.888  1.00 6.28  ? 1151 VAL A CA  1 
ATOM   332 C  C   . VAL A 1 45  ? 8.482   -0.526  -0.663  1.00 6.22  ? 1151 VAL A C   1 
ATOM   333 O  O   . VAL A 1 45  ? 9.703   -0.451  -0.802  1.00 6.89  ? 1151 VAL A O   1 
ATOM   334 C  CB  . VAL A 1 45  ? 7.756   -1.733  -2.749  1.00 6.14  ? 1151 VAL A CB  1 
ATOM   335 C  CG1 . VAL A 1 45  ? 7.599   -2.997  -1.911  1.00 6.24  ? 1151 VAL A CG1 1 
ATOM   336 C  CG2 . VAL A 1 45  ? 6.766   -1.755  -3.901  1.00 6.30  ? 1151 VAL A CG2 1 
ATOM   337 N  N   . TYR A 1 46  ? 7.866   -0.711  0.514   1.00 5.91  ? 1152 TYR A N   1 
ATOM   338 C  CA  . TYR A 1 46  ? 8.577   -0.753  1.786   1.00 5.92  ? 1152 TYR A CA  1 
ATOM   339 C  C   . TYR A 1 46  ? 7.890   -1.713  2.739   1.00 5.98  ? 1152 TYR A C   1 
ATOM   340 O  O   . TYR A 1 46  ? 6.702   -1.971  2.619   1.00 5.52  ? 1152 TYR A O   1 
ATOM   341 C  CB  . TYR A 1 46  ? 8.672   0.640   2.436   1.00 6.21  ? 1152 TYR A CB  1 
ATOM   342 C  CG  . TYR A 1 46  ? 9.436   1.677   1.636   1.00 6.72  ? 1152 TYR A CG  1 
ATOM   343 C  CD1 . TYR A 1 46  ? 10.816  1.639   1.571   1.00 7.41  ? 1152 TYR A CD1 1 
ATOM   344 C  CD2 . TYR A 1 46  ? 8.770   2.732   1.029   1.00 7.23  ? 1152 TYR A CD2 1 
ATOM   345 C  CE1 . TYR A 1 46  ? 11.518  2.571   0.849   1.00 8.14  ? 1152 TYR A CE1 1 
ATOM   346 C  CE2 . TYR A 1 46  ? 9.476   3.688   0.305   1.00 7.53  ? 1152 TYR A CE2 1 
ATOM   347 C  CZ  . TYR A 1 46  ? 10.842  3.598   0.238   1.00 8.60  ? 1152 TYR A CZ  1 
ATOM   348 O  OH  . TYR A 1 46  ? 11.584  4.525   -0.490  1.00 10.37 ? 1152 TYR A OH  1 
ATOM   349 N  N   . CYS A 1 47  ? 8.642   -2.199  3.716   1.00 6.08  ? 1153 CYS A N   1 
ATOM   350 C  CA  . CYS A 1 47  ? 8.148   -3.237  4.604   1.00 6.51  ? 1153 CYS A CA  1 
ATOM   351 C  C   . CYS A 1 47  ? 7.251   -2.746  5.746   1.00 6.76  ? 1153 CYS A C   1 
ATOM   352 O  O   . CYS A 1 47  ? 7.277   -1.585  6.159   1.00 6.52  ? 1153 CYS A O   1 
ATOM   353 C  CB  . CYS A 1 47  ? 9.320   -4.071  5.122   1.00 6.88  ? 1153 CYS A CB  1 
ATOM   354 S  SG  . CYS A 1 47  ? 10.430  -3.234  6.285   1.00 6.87  ? 1153 CYS A SG  1 
ATOM   355 N  N   . GLY A 1 48  ? 6.470   -3.704  6.236   1.00 7.24  ? 1154 GLY A N   1 
ATOM   356 C  CA  . GLY A 1 48  ? 5.494   -3.474  7.284   1.00 7.74  ? 1154 GLY A CA  1 
ATOM   357 C  C   . GLY A 1 48  ? 6.073   -3.318  8.675   1.00 8.79  ? 1154 GLY A C   1 
ATOM   358 O  O   . GLY A 1 48  ? 7.242   -3.592  8.946   1.00 8.77  ? 1154 GLY A O   1 
ATOM   359 N  N   . ARG A 1 49  ? 5.170   -2.915  9.571   1.00 10.00 ? 1155 ARG A N   1 
ATOM   360 C  CA  . ARG A 1 49  ? 5.593   -2.573  10.927  1.00 12.02 ? 1155 ARG A CA  1 
ATOM   361 C  C   . ARG A 1 49  ? 6.109   -3.750  11.745  1.00 11.62 ? 1155 ARG A C   1 
ATOM   362 O  O   . ARG A 1 49  ? 6.965   -3.553  12.586  1.00 12.96 ? 1155 ARG A O   1 
ATOM   363 C  CB  . ARG A 1 49  ? 4.523   -1.763  11.666  1.00 15.05 ? 1155 ARG A CB  1 
ATOM   364 C  CG  . ARG A 1 49  ? 3.305   -2.491  12.161  1.00 17.93 ? 1155 ARG A CG  1 
ATOM   365 C  CD  A ARG A 1 49  ? 3.206   -2.529  13.691  0.80 18.94 ? 1155 ARG A CD  1 
ATOM   366 N  N   . TYR A 1 50  ? 5.726   -4.976  11.396  1.00 10.94 ? 1156 TYR A N   1 
ATOM   367 C  CA  . TYR A 1 50  ? 6.229   -6.153  12.095  1.00 11.30 ? 1156 TYR A CA  1 
ATOM   368 C  C   . TYR A 1 50  ? 7.577   -6.650  11.575  1.00 11.05 ? 1156 TYR A C   1 
ATOM   369 O  O   . TYR A 1 50  ? 8.188   -7.544  12.169  1.00 12.12 ? 1156 TYR A O   1 
ATOM   370 C  CB  . TYR A 1 50  ? 5.161   -7.282  12.098  1.00 11.10 ? 1156 TYR A CB  1 
ATOM   371 C  CG  . TYR A 1 50  ? 3.924   -6.916  12.907  1.00 11.37 ? 1156 TYR A CG  1 
ATOM   372 C  CD1 . TYR A 1 50  ? 4.047   -6.651  14.274  1.00 11.89 ? 1156 TYR A CD1 1 
ATOM   373 C  CD2 . TYR A 1 50  ? 2.677   -6.779  12.339  1.00 11.69 ? 1156 TYR A CD2 1 
ATOM   374 C  CE1 . TYR A 1 50  ? 2.942   -6.290  15.052  1.00 11.53 ? 1156 TYR A CE1 1 
ATOM   375 C  CE2 . TYR A 1 50  ? 1.564   -6.418  13.096  1.00 12.19 ? 1156 TYR A CE2 1 
ATOM   376 C  CZ  . TYR A 1 50  ? 1.682   -6.201  14.474  1.00 12.41 ? 1156 TYR A CZ  1 
ATOM   377 O  OH  . TYR A 1 50  ? 0.542   -5.836  15.220  1.00 13.49 ? 1156 TYR A OH  1 
ATOM   378 N  N   . ILE A 1 51  ? 8.092   -6.062  10.484  1.00 10.31 ? 1157 ILE A N   1 
ATOM   379 C  CA  . ILE A 1 51  ? 9.419   -6.362  9.999   1.00 10.24 ? 1157 ILE A CA  1 
ATOM   380 C  C   . ILE A 1 51  ? 10.333  -5.205  10.433  1.00 10.90 ? 1157 ILE A C   1 
ATOM   381 O  O   . ILE A 1 51  ? 10.679  -5.135  11.623  1.00 11.68 ? 1157 ILE A O   1 
ATOM   382 C  CB  . ILE A 1 51  ? 9.433   -6.670  8.466   1.00 10.31 ? 1157 ILE A CB  1 
ATOM   383 C  CG1 . ILE A 1 51  ? 8.350   -7.722  8.131   1.00 10.42 ? 1157 ILE A CG1 1 
ATOM   384 C  CG2 . ILE A 1 51  ? 10.823  -7.099  8.033   1.00 10.54 ? 1157 ILE A CG2 1 
ATOM   385 C  CD1 . ILE A 1 51  ? 8.548   -9.057  8.837   1.00 11.50 ? 1157 ILE A CD1 1 
ATOM   386 N  N   . ASN A 1 52  ? 10.686  -4.273  9.544   1.00 9.50  ? 1158 ASN A N   1 
ATOM   387 C  CA  . ASN A 1 52  ? 11.526  -3.149  9.896   1.00 9.64  ? 1158 ASN A CA  1 
ATOM   388 C  C   . ASN A 1 52  ? 10.861  -1.772  9.827   1.00 9.03  ? 1158 ASN A C   1 
ATOM   389 O  O   . ASN A 1 52  ? 11.527  -0.759  10.032  1.00 9.95  ? 1158 ASN A O   1 
ATOM   390 C  CB  . ASN A 1 52  ? 12.811  -3.202  9.088   1.00 10.05 ? 1158 ASN A CB  1 
ATOM   391 C  CG  . ASN A 1 52  ? 13.620  -4.421  9.425   1.00 10.71 ? 1158 ASN A CG  1 
ATOM   392 O  OD1 . ASN A 1 52  ? 13.802  -4.711  10.626  1.00 12.36 ? 1158 ASN A OD1 1 
ATOM   393 N  ND2 . ASN A 1 52  ? 14.134  -5.125  8.415   1.00 10.61 ? 1158 ASN A ND2 1 
ATOM   394 N  N   . GLY A 1 53  ? 9.576   -1.748  9.571   1.00 8.40  ? 1159 GLY A N   1 
ATOM   395 C  CA  . GLY A 1 53  ? 8.817   -0.502  9.646   1.00 8.14  ? 1159 GLY A CA  1 
ATOM   396 C  C   . GLY A 1 53  ? 9.147   0.539   8.608   1.00 8.01  ? 1159 GLY A C   1 
ATOM   397 O  O   . GLY A 1 53  ? 8.965   1.740   8.833   1.00 8.36  ? 1159 GLY A O   1 
ATOM   398 N  N   . HIS A 1 54  ? 9.633   0.127   7.448   1.00 7.71  ? 1160 HIS A N   1 
ATOM   399 C  CA  . HIS A 1 54  ? 10.070  1.099   6.457   1.00 7.53  ? 1160 HIS A CA  1 
ATOM   400 C  C   . HIS A 1 54  ? 8.911   1.821   5.780   1.00 7.40  ? 1160 HIS A C   1 
ATOM   401 O  O   . HIS A 1 54  ? 9.069   2.964   5.371   1.00 7.25  ? 1160 HIS A O   1 
ATOM   402 C  CB  . HIS A 1 54  ? 11.077  0.504   5.472   1.00 7.60  ? 1160 HIS A CB  1 
ATOM   403 C  CG  . HIS A 1 54  ? 12.378  0.228   6.139   1.00 8.19  ? 1160 HIS A CG  1 
ATOM   404 N  ND1 . HIS A 1 54  ? 12.982  -1.013  6.147   1.00 8.17  ? 1160 HIS A ND1 1 
ATOM   405 C  CD2 . HIS A 1 54  ? 13.139  1.043   6.897   1.00 8.98  ? 1160 HIS A CD2 1 
ATOM   406 C  CE1 . HIS A 1 54  ? 14.091  -0.922  6.862   1.00 8.42  ? 1160 HIS A CE1 1 
ATOM   407 N  NE2 . HIS A 1 54  ? 14.201  0.305   7.346   1.00 8.98  ? 1160 HIS A NE2 1 
ATOM   408 N  N   . MET A 1 55  ? 7.731   1.192   5.664   1.00 6.84  ? 1161 MET A N   1 
ATOM   409 C  CA  . MET A 1 55  ? 6.617   1.951   5.089   1.00 6.92  ? 1161 MET A CA  1 
ATOM   410 C  C   . MET A 1 55  ? 6.119   3.015   6.084   1.00 7.23  ? 1161 MET A C   1 
ATOM   411 O  O   . MET A 1 55  ? 5.760   4.110   5.680   1.00 7.40  ? 1161 MET A O   1 
ATOM   412 C  CB  . MET A 1 55  ? 5.493   1.060   4.568   1.00 6.58  ? 1161 MET A CB  1 
ATOM   413 C  CG  . MET A 1 55  ? 4.416   1.864   3.809   1.00 6.34  ? 1161 MET A CG  1 
ATOM   414 S  SD  . MET A 1 55  ? 5.080   2.686   2.351   1.00 6.24  ? 1161 MET A SD  1 
ATOM   415 C  CE  . MET A 1 55  ? 4.928   1.371   1.152   1.00 6.59  ? 1161 MET A CE  1 
ATOM   416 N  N   . LEU A 1 56  ? 6.112   2.688   7.371   1.00 7.74  ? 1162 LEU A N   1 
ATOM   417 C  CA  . LEU A 1 56  ? 5.782   3.678   8.373   1.00 9.05  ? 1162 LEU A CA  1 
ATOM   418 C  C   . LEU A 1 56  ? 6.765   4.845   8.293   1.00 8.79  ? 1162 LEU A C   1 
ATOM   419 O  O   . LEU A 1 56  ? 6.349   6.003   8.387   1.00 9.72  ? 1162 LEU A O   1 
ATOM   420 C  CB  . LEU A 1 56  ? 5.755   3.048   9.767   1.00 10.63 ? 1162 LEU A CB  1 
ATOM   421 C  CG  . LEU A 1 56  ? 5.444   4.023   10.898  1.00 12.75 ? 1162 LEU A CG  1 
ATOM   422 C  CD1 . LEU A 1 56  ? 4.049   4.590   10.781  1.00 13.52 ? 1162 LEU A CD1 1 
ATOM   423 C  CD2 . LEU A 1 56  ? 5.611   3.274   12.208  1.00 13.81 ? 1162 LEU A CD2 1 
ATOM   424 N  N   . GLN A 1 57  ? 8.054   4.550   8.103   1.00 8.56  ? 1163 GLN A N   1 
ATOM   425 C  CA  . GLN A 1 57  ? 9.070   5.574   7.932   1.00 9.09  ? 1163 GLN A CA  1 
ATOM   426 C  C   . GLN A 1 57  ? 8.776   6.415   6.683   1.00 8.14  ? 1163 GLN A C   1 
ATOM   427 O  O   . GLN A 1 57  ? 8.880   7.645   6.707   1.00 8.77  ? 1163 GLN A O   1 
ATOM   428 C  CB  . GLN A 1 57  ? 10.469  4.938   7.867   1.00 11.25 ? 1163 GLN A CB  1 
ATOM   429 C  CG  . GLN A 1 57  ? 11.614  5.922   7.773   1.00 14.35 ? 1163 GLN A CG  1 
ATOM   430 C  CD  . GLN A 1 57  ? 12.995  5.244   7.956   1.00 18.35 ? 1163 GLN A CD  1 
ATOM   431 O  OE1 . GLN A 1 57  ? 13.078  4.109   8.429   1.00 22.54 ? 1163 GLN A OE1 1 
ATOM   432 N  NE2 . GLN A 1 57  ? 14.077  5.955   7.603   1.00 22.87 ? 1163 GLN A NE2 1 
ATOM   433 N  N   . HIS A 1 58  ? 8.393   5.755   5.583   1.00 7.65  ? 1164 HIS A N   1 
ATOM   434 C  CA  . HIS A 1 58  ? 8.053   6.444   4.360   1.00 7.22  ? 1164 HIS A CA  1 
ATOM   435 C  C   . HIS A 1 58  ? 6.885   7.392   4.563   1.00 7.13  ? 1164 HIS A C   1 
ATOM   436 O  O   . HIS A 1 58  ? 6.901   8.520   4.101   1.00 7.34  ? 1164 HIS A O   1 
ATOM   437 C  CB  . HIS A 1 58  ? 7.753   5.463   3.249   1.00 7.22  ? 1164 HIS A CB  1 
ATOM   438 C  CG  . HIS A 1 58  ? 7.319   6.122   1.969   1.00 6.79  ? 1164 HIS A CG  1 
ATOM   439 N  ND1 . HIS A 1 58  ? 8.164   6.925   1.213   1.00 7.56  ? 1164 HIS A ND1 1 
ATOM   440 C  CD2 . HIS A 1 58  ? 6.122   6.146   1.337   1.00 6.94  ? 1164 HIS A CD2 1 
ATOM   441 C  CE1 . HIS A 1 58  ? 7.500   7.355   0.148   1.00 7.19  ? 1164 HIS A CE1 1 
ATOM   442 N  NE2 . HIS A 1 58  ? 6.248   6.931   0.218   1.00 6.98  ? 1164 HIS A NE2 1 
ATOM   443 N  N   . HIS A 1 59  ? 5.868   6.927   5.254   1.00 7.14  ? 1165 HIS A N   1 
ATOM   444 C  CA  . HIS A 1 59  ? 4.754   7.831   5.587   1.00 7.37  ? 1165 HIS A CA  1 
ATOM   445 C  C   . HIS A 1 59  ? 5.250   9.058   6.377   1.00 7.87  ? 1165 HIS A C   1 
ATOM   446 O  O   . HIS A 1 59  ? 4.850   10.180  6.093   1.00 7.98  ? 1165 HIS A O   1 
ATOM   447 C  CB  . HIS A 1 59  ? 3.711   7.130   6.409   1.00 7.74  ? 1165 HIS A CB  1 
ATOM   448 C  CG  . HIS A 1 59  ? 2.747   8.072   7.053   1.00 7.62  ? 1165 HIS A CG  1 
ATOM   449 N  ND1 . HIS A 1 59  ? 1.809   8.772   6.324   1.00 7.67  ? 1165 HIS A ND1 1 
ATOM   450 C  CD2 . HIS A 1 59  ? 2.631   8.497   8.337   1.00 7.89  ? 1165 HIS A CD2 1 
ATOM   451 C  CE1 . HIS A 1 59  ? 1.158   9.588   7.148   1.00 7.69  ? 1165 HIS A CE1 1 
ATOM   452 N  NE2 . HIS A 1 59  ? 1.629   9.440   8.368   1.00 8.28  ? 1165 HIS A NE2 1 
ATOM   453 N  N   . GLY A 1 60  ? 6.114   8.809   7.351   1.00 7.96  ? 1166 GLY A N   1 
ATOM   454 C  CA  . GLY A 1 60  ? 6.603   9.902   8.163   1.00 8.34  ? 1166 GLY A CA  1 
ATOM   455 C  C   . GLY A 1 60  ? 7.396   10.903  7.357   1.00 8.65  ? 1166 GLY A C   1 
ATOM   456 O  O   . GLY A 1 60  ? 7.299   12.121  7.623   1.00 9.52  ? 1166 GLY A O   1 
ATOM   457 N  N   . ASN A 1 61  ? 8.167   10.465  6.363   1.00 9.57  ? 1167 ASN A N   1 
ATOM   458 C  CA  . ASN A 1 61  ? 9.036   11.396  5.671   1.00 10.87 ? 1167 ASN A CA  1 
ATOM   459 C  C   . ASN A 1 61  ? 8.483   11.955  4.394   1.00 9.52  ? 1167 ASN A C   1 
ATOM   460 O  O   . ASN A 1 61  ? 9.047   12.899  3.828   1.00 10.72 ? 1167 ASN A O   1 
ATOM   461 C  CB  . ASN A 1 61  ? 10.461  10.861  5.518   1.00 13.03 ? 1167 ASN A CB  1 
ATOM   462 C  CG  . ASN A 1 61  ? 10.564  9.680   4.606   1.00 14.52 ? 1167 ASN A CG  1 
ATOM   463 O  OD1 . ASN A 1 61  ? 9.942   9.663   3.542   1.00 18.38 ? 1167 ASN A OD1 1 
ATOM   464 N  ND2 . ASN A 1 61  ? 11.443  8.701   4.972   1.00 15.57 ? 1167 ASN A ND2 1 
ATOM   465 N  N   . SER A 1 62  ? 7.313   11.441  3.972   1.00 8.36  ? 1168 SER A N   1 
ATOM   466 C  CA  . SER A 1 62  ? 6.643   11.908  2.754   1.00 8.17  ? 1168 SER A CA  1 
ATOM   467 C  C   . SER A 1 62  ? 5.267   12.523  3.007   1.00 7.74  ? 1168 SER A C   1 
ATOM   468 O  O   . SER A 1 62  ? 4.795   13.325  2.195   1.00 8.25  ? 1168 SER A O   1 
ATOM   469 C  CB  . SER A 1 62  ? 6.461   10.766  1.739   1.00 8.01  ? 1168 SER A CB  1 
ATOM   470 O  OG  . SER A 1 62  ? 5.489   9.838   2.176   1.00 7.84  ? 1168 SER A OG  1 
ATOM   471 N  N   . GLY A 1 63  ? 4.603   12.067  4.062   1.00 7.70  ? 1169 GLY A N   1 
ATOM   472 C  CA  . GLY A 1 63  ? 3.189   12.334  4.313   1.00 7.71  ? 1169 GLY A CA  1 
ATOM   473 C  C   . GLY A 1 63  ? 2.211   11.561  3.449   1.00 7.57  ? 1169 GLY A C   1 
ATOM   474 O  O   . GLY A 1 63  ? 0.998   11.778  3.541   1.00 7.82  ? 1169 GLY A O   1 
ATOM   475 N  N   . HIS A 1 64  ? 2.695   10.622  2.634   1.00 6.90  ? 1170 HIS A N   1 
ATOM   476 C  CA  . HIS A 1 64  ? 1.776   9.871   1.780   1.00 6.40  ? 1170 HIS A CA  1 
ATOM   477 C  C   . HIS A 1 64  ? 0.883   9.006   2.653   1.00 6.34  ? 1170 HIS A C   1 
ATOM   478 O  O   . HIS A 1 64  ? 1.339   8.354   3.575   1.00 6.72  ? 1170 HIS A O   1 
ATOM   479 C  CB  . HIS A 1 64  ? 2.535   9.030   0.762   1.00 6.53  ? 1170 HIS A CB  1 
ATOM   480 C  CG  . HIS A 1 64  ? 3.298   9.852   -0.214  1.00 6.41  ? 1170 HIS A CG  1 
ATOM   481 N  ND1 . HIS A 1 64  ? 4.287   9.330   -1.017  1.00 6.64  ? 1170 HIS A ND1 1 
ATOM   482 C  CD2 . HIS A 1 64  ? 3.269   11.188  -0.448  1.00 7.02  ? 1170 HIS A CD2 1 
ATOM   483 C  CE1 . HIS A 1 64  ? 4.786   10.311  -1.759  1.00 6.88  ? 1170 HIS A CE1 1 
ATOM   484 N  NE2 . HIS A 1 64  ? 4.182   11.442  -1.441  1.00 7.29  ? 1170 HIS A NE2 1 
ATOM   485 N  N   . PRO A 1 65  ? -0.448  9.022   2.379   1.00 5.87  ? 1171 PRO A N   1 
ATOM   486 C  CA  . PRO A 1 65  ? -1.383  8.488   3.350   1.00 5.75  ? 1171 PRO A CA  1 
ATOM   487 C  C   . PRO A 1 65  ? -1.695  6.998   3.283   1.00 5.55  ? 1171 PRO A C   1 
ATOM   488 O  O   . PRO A 1 65  ? -1.817  6.348   4.334   1.00 5.61  ? 1171 PRO A O   1 
ATOM   489 C  CB  . PRO A 1 65  ? -2.686  9.260   3.024   1.00 5.83  ? 1171 PRO A CB  1 
ATOM   490 C  CG  . PRO A 1 65  ? -2.586  9.590   1.589   1.00 5.94  ? 1171 PRO A CG  1 
ATOM   491 C  CD  . PRO A 1 65  ? -1.136  9.906   1.407   1.00 6.02  ? 1171 PRO A CD  1 
ATOM   492 N  N   . LEU A 1 66  ? -1.889  6.507   2.068   1.00 5.56  ? 1172 LEU A N   1 
ATOM   493 C  CA  . LEU A 1 66  ? -2.517  5.204   1.840   1.00 5.46  ? 1172 LEU A CA  1 
ATOM   494 C  C   . LEU A 1 66  ? -1.571  4.220   1.202   1.00 5.44  ? 1172 LEU A C   1 
ATOM   495 O  O   . LEU A 1 66  ? -0.871  4.568   0.216   1.00 5.57  ? 1172 LEU A O   1 
ATOM   496 C  CB  . LEU A 1 66  ? -3.758  5.360   0.952   1.00 5.92  ? 1172 LEU A CB  1 
ATOM   497 C  CG  . LEU A 1 66  ? -4.995  5.804   1.711   1.00 6.34  ? 1172 LEU A CG  1 
ATOM   498 C  CD1 . LEU A 1 66  ? -5.891  6.691   0.854   1.00 6.70  ? 1172 LEU A CD1 1 
ATOM   499 C  CD2 . LEU A 1 66  ? -5.722  4.578   2.247   1.00 6.38  ? 1172 LEU A CD2 1 
ATOM   500 N  N   . VAL A 1 67  ? -1.543  3.005   1.738   1.00 5.13  ? 1173 VAL A N   1 
ATOM   501 C  CA  . VAL A 1 67  ? -0.627  1.960   1.279   1.00 5.41  ? 1173 VAL A CA  1 
ATOM   502 C  C   . VAL A 1 67  ? -1.389  0.658   1.122   1.00 5.94  ? 1173 VAL A C   1 
ATOM   503 O  O   . VAL A 1 67  ? -2.342  0.420   1.838   1.00 6.34  ? 1173 VAL A O   1 
ATOM   504 C  CB  . VAL A 1 67  ? 0.594   1.831   2.241   1.00 5.53  ? 1173 VAL A CB  1 
ATOM   505 C  CG1 . VAL A 1 67  ? 1.370   3.122   2.256   1.00 5.82  ? 1173 VAL A CG1 1 
ATOM   506 C  CG2 . VAL A 1 67  ? 0.169   1.487   3.657   1.00 5.65  ? 1173 VAL A CG2 1 
ATOM   507 N  N   . LEU A 1 68  ? -0.955  -0.158  0.156   1.00 5.93  ? 1174 LEU A N   1 
ATOM   508 C  CA  . LEU A 1 68  ? -1.616  -1.398  -0.213  1.00 6.65  ? 1174 LEU A CA  1 
ATOM   509 C  C   . LEU A 1 68  ? -0.719  -2.588  0.160   1.00 6.51  ? 1174 LEU A C   1 
ATOM   510 O  O   . LEU A 1 68  ? 0.480   -2.633  -0.207  1.00 6.19  ? 1174 LEU A O   1 
ATOM   511 C  CB  . LEU A 1 68  ? -1.907  -1.404  -1.708  1.00 7.36  ? 1174 LEU A CB  1 
ATOM   512 C  CG  . LEU A 1 68  ? -2.479  -2.709  -2.315  1.00 8.05  ? 1174 LEU A CG  1 
ATOM   513 C  CD1 . LEU A 1 68  ? -3.865  -2.929  -1.772  1.00 8.70  ? 1174 LEU A CD1 1 
ATOM   514 C  CD2 . LEU A 1 68  ? -2.507  -2.613  -3.834  1.00 8.74  ? 1174 LEU A CD2 1 
ATOM   515 N  N   . SER A 1 69  ? -1.295  -3.561  0.872   1.00 6.77  ? 1175 SER A N   1 
ATOM   516 C  CA  . SER A 1 69  ? -0.543  -4.744  1.327   1.00 7.18  ? 1175 SER A CA  1 
ATOM   517 C  C   . SER A 1 69  ? -0.383  -5.764  0.209   1.00 7.94  ? 1175 SER A C   1 
ATOM   518 O  O   . SER A 1 69  ? -1.355  -6.204  -0.439  1.00 8.02  ? 1175 SER A O   1 
ATOM   519 C  CB  . SER A 1 69  ? -1.279  -5.455  2.467   1.00 7.42  ? 1175 SER A CB  1 
ATOM   520 O  OG  . SER A 1 69  ? -0.586  -6.660  2.756   1.00 7.97  ? 1175 SER A OG  1 
ATOM   521 N  N   . TYR A 1 70  ? 0.866   -6.184  0.012   1.00 7.83  ? 1176 TYR A N   1 
ATOM   522 C  CA  . TYR A 1 70  ? 1.134   -7.301  -0.872  1.00 8.34  ? 1176 TYR A CA  1 
ATOM   523 C  C   . TYR A 1 70  ? 0.869   -8.663  -0.265  1.00 9.32  ? 1176 TYR A C   1 
ATOM   524 O  O   . TYR A 1 70  ? 1.043   -9.681  -0.960  1.00 10.89 ? 1176 TYR A O   1 
ATOM   525 C  CB  . TYR A 1 70  ? 2.543   -7.168  -1.402  1.00 7.84  ? 1176 TYR A CB  1 
ATOM   526 C  CG  . TYR A 1 70  ? 2.744   -6.099  -2.480  1.00 7.78  ? 1176 TYR A CG  1 
ATOM   527 C  CD1 . TYR A 1 70  ? 1.679   -5.594  -3.265  1.00 7.90  ? 1176 TYR A CD1 1 
ATOM   528 C  CD2 . TYR A 1 70  ? 4.022   -5.629  -2.747  1.00 7.70  ? 1176 TYR A CD2 1 
ATOM   529 C  CE1 . TYR A 1 70  ? 1.909   -4.700  -4.293  1.00 7.71  ? 1176 TYR A CE1 1 
ATOM   530 C  CE2 . TYR A 1 70  ? 4.254   -4.729  -3.774  1.00 7.66  ? 1176 TYR A CE2 1 
ATOM   531 C  CZ  . TYR A 1 70  ? 3.185   -4.267  -4.554  1.00 7.52  ? 1176 TYR A CZ  1 
ATOM   532 O  OH  . TYR A 1 70  ? 3.340   -3.408  -5.601  1.00 8.50  ? 1176 TYR A OH  1 
ATOM   533 N  N   A ILE A 1 71  ? 0.472   -8.706  1.005   0.50 9.58  ? 1177 ILE A N   1 
ATOM   534 N  N   B ILE A 1 71  ? 0.394   -8.709  0.969   0.50 9.23  ? 1177 ILE A N   1 
ATOM   535 C  CA  A ILE A 1 71  ? 0.000   -9.929  1.659   0.50 9.92  ? 1177 ILE A CA  1 
ATOM   536 C  CA  B ILE A 1 71  ? -0.003  -9.965  1.584   0.50 9.36  ? 1177 ILE A CA  1 
ATOM   537 C  C   A ILE A 1 71  ? -1.466  -10.157 1.241   0.50 10.12 ? 1177 ILE A C   1 
ATOM   538 C  C   B ILE A 1 71  ? -1.483  -10.249 1.436   0.50 9.81  ? 1177 ILE A C   1 
ATOM   539 O  O   A ILE A 1 71  ? -1.798  -11.127 0.544   0.50 9.68  ? 1177 ILE A O   1 
ATOM   540 O  O   B ILE A 1 71  ? -1.842  -11.403 1.166   0.50 9.26  ? 1177 ILE A O   1 
ATOM   541 C  CB  A ILE A 1 71  ? 0.132   -9.823  3.200   0.50 10.86 ? 1177 ILE A CB  1 
ATOM   542 C  CB  B ILE A 1 71  ? 0.348   -9.986  3.053   0.50 9.71  ? 1177 ILE A CB  1 
ATOM   543 C  CG1 A ILE A 1 71  ? 1.596   -9.590  3.623   0.50 11.32 ? 1177 ILE A CG1 1 
ATOM   544 C  CG1 B ILE A 1 71  ? 1.860   -10.005 3.208   0.50 9.81  ? 1177 ILE A CG1 1 
ATOM   545 C  CG2 A ILE A 1 71  ? -0.447  -11.051 3.879   0.50 10.95 ? 1177 ILE A CG2 1 
ATOM   546 C  CG2 B ILE A 1 71  ? -0.292  -11.194 3.718   0.50 9.86  ? 1177 ILE A CG2 1 
ATOM   547 C  CD1 A ILE A 1 71  ? 2.533   -10.761 3.381   0.50 11.70 ? 1177 ILE A CD1 1 
ATOM   548 C  CD1 B ILE A 1 71  ? 2.276   -10.191 4.644   0.50 9.69  ? 1177 ILE A CD1 1 
ATOM   549 N  N   . ASP A 1 72  ? -2.340  -9.245  1.639   1.00 9.83  ? 1178 ASP A N   1 
ATOM   550 C  CA  . ASP A 1 72  ? -3.787  -9.483  1.560   1.00 9.91  ? 1178 ASP A CA  1 
ATOM   551 C  C   . ASP A 1 72  ? -4.569  -8.451  0.756   1.00 9.77  ? 1178 ASP A C   1 
ATOM   552 O  O   . ASP A 1 72  ? -5.779  -8.543  0.702   1.00 9.57  ? 1178 ASP A O   1 
ATOM   553 C  CB  . ASP A 1 72  ? -4.384  -9.641  2.974   1.00 11.21 ? 1178 ASP A CB  1 
ATOM   554 C  CG  . ASP A 1 72  ? -4.439  -8.365  3.748   1.00 12.08 ? 1178 ASP A CG  1 
ATOM   555 O  OD1 . ASP A 1 72  ? -3.912  -7.363  3.309   1.00 11.29 ? 1178 ASP A OD1 1 
ATOM   556 O  OD2 . ASP A 1 72  ? -5.075  -8.351  4.824   1.00 15.99 ? 1178 ASP A OD2 1 
ATOM   557 N  N   . LEU A 1 73  ? -3.877  -7.502  0.111   1.00 8.74  ? 1179 LEU A N   1 
ATOM   558 C  CA  . LEU A 1 73  ? -4.500  -6.489  -0.740  1.00 9.40  ? 1179 LEU A CA  1 
ATOM   559 C  C   . LEU A 1 73  ? -5.429  -5.581  0.056   1.00 9.15  ? 1179 LEU A C   1 
ATOM   560 O  O   . LEU A 1 73  ? -6.305  -4.947  -0.532  1.00 9.38  ? 1179 LEU A O   1 
ATOM   561 C  CB  . LEU A 1 73  ? -5.248  -7.132  -1.938  1.00 10.09 ? 1179 LEU A CB  1 
ATOM   562 C  CG  . LEU A 1 73  ? -4.438  -8.176  -2.728  1.00 11.09 ? 1179 LEU A CG  1 
ATOM   563 C  CD1 . LEU A 1 73  ? -5.209  -8.661  -3.938  1.00 11.80 ? 1179 LEU A CD1 1 
ATOM   564 C  CD2 . LEU A 1 73  ? -3.106  -7.608  -3.156  1.00 11.20 ? 1179 LEU A CD2 1 
ATOM   565 N  N   . SER A 1 74  ? -5.204  -5.449  1.352   1.00 8.84  ? 1180 SER A N   1 
ATOM   566 C  CA  . SER A 1 74  ? -5.899  -4.419  2.119   1.00 8.87  ? 1180 SER A CA  1 
ATOM   567 C  C   . SER A 1 74  ? -5.162  -3.100  1.956   1.00 8.19  ? 1180 SER A C   1 
ATOM   568 O  O   . SER A 1 74  ? -3.972  -3.074  1.678   1.00 9.46  ? 1180 SER A O   1 
ATOM   569 C  CB  . SER A 1 74  ? -5.974  -4.761  3.584   1.00 10.28 ? 1180 SER A CB  1 
ATOM   570 O  OG  . SER A 1 74  ? -4.702  -4.907  4.142   1.00 12.33 ? 1180 SER A OG  1 
ATOM   571 N  N   . ALA A 1 75  ? -5.863  -2.007  2.152   1.00 7.43  ? 1181 ALA A N   1 
ATOM   572 C  CA  . ALA A 1 75  ? -5.297  -0.660  2.089   1.00 7.11  ? 1181 ALA A CA  1 
ATOM   573 C  C   . ALA A 1 75  ? -5.425  -0.010  3.455   1.00 7.27  ? 1181 ALA A C   1 
ATOM   574 O  O   . ALA A 1 75  ? -6.495  -0.017  4.051   1.00 7.41  ? 1181 ALA A O   1 
ATOM   575 C  CB  . ALA A 1 75  ? -5.975  0.187   1.029   1.00 7.12  ? 1181 ALA A CB  1 
ATOM   576 N  N   . TRP A 1 76  ? -4.323  0.551   3.936   1.00 6.88  ? 1182 TRP A N   1 
ATOM   577 C  CA  . TRP A 1 76  ? -4.218  1.187   5.240   1.00 6.89  ? 1182 TRP A CA  1 
ATOM   578 C  C   . TRP A 1 76  ? -3.933  2.668   5.049   1.00 6.42  ? 1182 TRP A C   1 
ATOM   579 O  O   . TRP A 1 76  ? -3.079  3.045   4.239   1.00 6.10  ? 1182 TRP A O   1 
ATOM   580 C  CB  . TRP A 1 76  ? -3.047  0.568   6.031   1.00 7.41  ? 1182 TRP A CB  1 
ATOM   581 C  CG  . TRP A 1 76  ? -2.788  1.158   7.378   1.00 7.85  ? 1182 TRP A CG  1 
ATOM   582 C  CD1 . TRP A 1 76  ? -1.810  2.053   7.713   1.00 8.69  ? 1182 TRP A CD1 1 
ATOM   583 C  CD2 . TRP A 1 76  ? -3.521  0.891   8.577   1.00 8.59  ? 1182 TRP A CD2 1 
ATOM   584 N  NE1 . TRP A 1 76  ? -1.894  2.360   9.048   1.00 9.01  ? 1182 TRP A NE1 1 
ATOM   585 C  CE2 . TRP A 1 76  ? -2.919  1.653   9.613   1.00 8.79  ? 1182 TRP A CE2 1 
ATOM   586 C  CE3 . TRP A 1 76  ? -4.614  0.074   8.873   1.00 8.82  ? 1182 TRP A CE3 1 
ATOM   587 C  CZ2 . TRP A 1 76  ? -3.385  1.602   10.938  1.00 9.17  ? 1182 TRP A CZ2 1 
ATOM   588 C  CZ3 . TRP A 1 76  ? -5.075  0.029   10.175  1.00 9.46  ? 1182 TRP A CZ3 1 
ATOM   589 C  CH2 . TRP A 1 76  ? -4.457  0.807   11.192  1.00 9.44  ? 1182 TRP A CH2 1 
ATOM   590 N  N   . CYS A 1 77  ? -4.627  3.500   5.826   1.00 6.13  ? 1183 CYS A N   1 
ATOM   591 C  CA  . CYS A 1 77  ? -4.365  4.932   5.886   1.00 5.99  ? 1183 CYS A CA  1 
ATOM   592 C  C   . CYS A 1 77  ? -3.655  5.250   7.205   1.00 6.11  ? 1183 CYS A C   1 
ATOM   593 O  O   . CYS A 1 77  ? -4.200  4.983   8.273   1.00 6.26  ? 1183 CYS A O   1 
ATOM   594 C  CB  . CYS A 1 77  ? -5.644  5.747   5.789   1.00 6.07  ? 1183 CYS A CB  1 
ATOM   595 S  SG  . CYS A 1 77  ? -5.299  7.516   5.831   1.00 5.45  ? 1183 CYS A SG  1 
ATOM   596 N  N   . TYR A 1 78  ? -2.487  5.825   7.116   1.00 6.44  ? 1184 TYR A N   1 
ATOM   597 C  CA  . TYR A 1 78  ? -1.699  6.186   8.299   1.00 6.69  ? 1184 TYR A CA  1 
ATOM   598 C  C   . TYR A 1 78  ? -2.249  7.379   9.048   1.00 7.29  ? 1184 TYR A C   1 
ATOM   599 O  O   . TYR A 1 78  ? -1.926  7.524   10.234  1.00 8.42  ? 1184 TYR A O   1 
ATOM   600 C  CB  . TYR A 1 78  ? -0.263  6.500   7.907   1.00 7.10  ? 1184 TYR A CB  1 
ATOM   601 C  CG  . TYR A 1 78  ? 0.544   5.268   7.521   1.00 7.46  ? 1184 TYR A CG  1 
ATOM   602 C  CD1 . TYR A 1 78  ? 1.026   4.389   8.485   1.00 7.94  ? 1184 TYR A CD1 1 
ATOM   603 C  CD2 . TYR A 1 78  ? 0.842   4.978   6.205   1.00 7.52  ? 1184 TYR A CD2 1 
ATOM   604 C  CE1 . TYR A 1 78  ? 1.781   3.264   8.124   1.00 7.92  ? 1184 TYR A CE1 1 
ATOM   605 C  CE2 . TYR A 1 78  ? 1.586   3.854   5.856   1.00 7.58  ? 1184 TYR A CE2 1 
ATOM   606 C  CZ  . TYR A 1 78  ? 2.035   3.003   6.804   1.00 8.05  ? 1184 TYR A CZ  1 
ATOM   607 O  OH  . TYR A 1 78  ? 2.780   1.913   6.457   1.00 7.69  ? 1184 TYR A OH  1 
ATOM   608 N  N   . TYR A 1 79  ? -3.048  8.235   8.408   1.00 6.98  ? 1185 TYR A N   1 
ATOM   609 C  CA  . TYR A 1 79  ? -3.659  9.383   9.107   1.00 7.06  ? 1185 TYR A CA  1 
ATOM   610 C  C   . TYR A 1 79  ? -4.877  8.914   9.874   1.00 7.20  ? 1185 TYR A C   1 
ATOM   611 O  O   . TYR A 1 79  ? -5.028  9.206   11.084  1.00 7.85  ? 1185 TYR A O   1 
ATOM   612 C  CB  . TYR A 1 79  ? -4.078  10.457  8.124   1.00 7.35  ? 1185 TYR A CB  1 
ATOM   613 C  CG  . TYR A 1 79  ? -2.957  11.177  7.482   1.00 7.66  ? 1185 TYR A CG  1 
ATOM   614 C  CD1 . TYR A 1 79  ? -2.396  12.278  8.082   1.00 8.50  ? 1185 TYR A CD1 1 
ATOM   615 C  CD2 . TYR A 1 79  ? -2.477  10.797  6.245   1.00 7.79  ? 1185 TYR A CD2 1 
ATOM   616 C  CE1 . TYR A 1 79  ? -1.365  12.988  7.443   1.00 8.85  ? 1185 TYR A CE1 1 
ATOM   617 C  CE2 . TYR A 1 79  ? -1.455  11.489  5.623   1.00 7.94  ? 1185 TYR A CE2 1 
ATOM   618 C  CZ  . TYR A 1 79  ? -0.904  12.587  6.222   1.00 8.32  ? 1185 TYR A CZ  1 
ATOM   619 O  OH  . TYR A 1 79  ? 0.110   13.252  5.543   1.00 8.52  ? 1185 TYR A OH  1 
ATOM   620 N  N   . CYS A 1 80  ? -5.748  8.158   9.183   1.00 7.32  ? 1186 CYS A N   1 
ATOM   621 C  CA  . CYS A 1 80  ? -6.997  7.664   9.792   1.00 7.75  ? 1186 CYS A CA  1 
ATOM   622 C  C   . CYS A 1 80  ? -6.722  6.460   10.696  1.00 8.26  ? 1186 CYS A C   1 
ATOM   623 O  O   . CYS A 1 80  ? -7.578  6.104   11.530  1.00 9.93  ? 1186 CYS A O   1 
ATOM   624 C  CB  . CYS A 1 80  ? -7.991  7.294   8.686   1.00 7.24  ? 1186 CYS A CB  1 
ATOM   625 S  SG  . CYS A 1 80  ? -8.500  8.701   7.676   1.00 6.97  ? 1186 CYS A SG  1 
ATOM   626 N  N   . GLN A 1 81  ? -5.559  5.832   10.540  1.00 9.38  ? 1187 GLN A N   1 
ATOM   627 C  CA  . GLN A 1 81  ? -5.192  4.639   11.324  1.00 10.07 ? 1187 GLN A CA  1 
ATOM   628 C  C   . GLN A 1 81  ? -6.267  3.569   11.237  1.00 9.80  ? 1187 GLN A C   1 
ATOM   629 O  O   . GLN A 1 81  ? -6.810  3.045   12.229  1.00 10.58 ? 1187 GLN A O   1 
ATOM   630 C  CB  . GLN A 1 81  ? -4.799  5.012   12.741  1.00 12.00 ? 1187 GLN A CB  1 
ATOM   631 C  CG  . GLN A 1 81  ? -3.571  5.905   12.742  1.00 14.32 ? 1187 GLN A CG  1 
ATOM   632 C  CD  . GLN A 1 81  ? -3.056  6.210   14.115  1.00 18.54 ? 1187 GLN A CD  1 
ATOM   633 O  OE1 . GLN A 1 81  ? -3.826  6.408   15.055  1.00 23.13 ? 1187 GLN A OE1 1 
ATOM   634 N  NE2 . GLN A 1 81  ? -1.750  6.317   14.220  1.00 21.36 ? 1187 GLN A NE2 1 
ATOM   635 N  N   . ALA A 1 82  ? -6.565  3.247   9.994   1.00 8.95  ? 1188 ALA A N   1 
ATOM   636 C  CA  . ALA A 1 82  ? -7.639  2.327   9.659   1.00 8.71  ? 1188 ALA A CA  1 
ATOM   637 C  C   . ALA A 1 82  ? -7.461  1.785   8.250   1.00 8.47  ? 1188 ALA A C   1 
ATOM   638 O  O   . ALA A 1 82  ? -6.827  2.431   7.413   1.00 7.84  ? 1188 ALA A O   1 
ATOM   639 C  CB  . ALA A 1 82  ? -8.982  3.015   9.761   1.00 9.83  ? 1188 ALA A CB  1 
ATOM   640 N  N   . TYR A 1 83  ? -8.043  0.612   8.002   1.00 8.51  ? 1189 TYR A N   1 
ATOM   641 C  CA  . TYR A 1 83  ? -8.205  0.093   6.673   1.00 8.30  ? 1189 TYR A CA  1 
ATOM   642 C  C   . TYR A 1 83  ? -9.339  0.776   5.963   1.00 7.98  ? 1189 TYR A C   1 
ATOM   643 O  O   . TYR A 1 83  ? -10.343 1.187   6.585   1.00 7.79  ? 1189 TYR A O   1 
ATOM   644 C  CB  . TYR A 1 83  ? -8.435  -1.423  6.677   1.00 8.59  ? 1189 TYR A CB  1 
ATOM   645 C  CG  . TYR A 1 83  ? -7.262  -2.194  7.243   1.00 9.70  ? 1189 TYR A CG  1 
ATOM   646 C  CD1 . TYR A 1 83  ? -6.139  -2.477  6.463   1.00 10.21 ? 1189 TYR A CD1 1 
ATOM   647 C  CD2 . TYR A 1 83  ? -7.286  -2.639  8.554   1.00 10.92 ? 1189 TYR A CD2 1 
ATOM   648 C  CE1 . TYR A 1 83  ? -5.085  -3.200  7.002   1.00 11.02 ? 1189 TYR A CE1 1 
ATOM   649 C  CE2 . TYR A 1 83  ? -6.209  -3.340  9.106   1.00 11.49 ? 1189 TYR A CE2 1 
ATOM   650 C  CZ  . TYR A 1 83  ? -5.138  -3.624  8.313   1.00 12.08 ? 1189 TYR A CZ  1 
ATOM   651 O  OH  . TYR A 1 83  ? -4.109  -4.321  8.898   1.00 14.78 ? 1189 TYR A OH  1 
ATOM   652 N  N   . VAL A 1 84  ? -9.150  0.991   4.662   1.00 7.87  ? 1190 VAL A N   1 
ATOM   653 C  CA  . VAL A 1 84  ? -10.107 1.717   3.830   1.00 7.97  ? 1190 VAL A CA  1 
ATOM   654 C  C   . VAL A 1 84  ? -10.349 0.908   2.579   1.00 8.38  ? 1190 VAL A C   1 
ATOM   655 O  O   . VAL A 1 84  ? -9.398  0.381   1.983   1.00 7.89  ? 1190 VAL A O   1 
ATOM   656 C  CB  . VAL A 1 84  ? -9.556  3.118   3.458   1.00 8.03  ? 1190 VAL A CB  1 
ATOM   657 C  CG1 . VAL A 1 84  ? -10.565 3.903   2.631   1.00 8.34  ? 1190 VAL A CG1 1 
ATOM   658 C  CG2 . VAL A 1 84  ? -9.126  3.885   4.690   1.00 8.39  ? 1190 VAL A CG2 1 
ATOM   659 N  N   . HIS A 1 85  ? -11.597 0.800   2.153   1.00 8.48  ? 1191 HIS A N   1 
ATOM   660 C  CA  . HIS A 1 85  ? -11.893 0.247   0.850   1.00 9.37  ? 1191 HIS A CA  1 
ATOM   661 C  C   . HIS A 1 85  ? -12.901 1.105   0.157   1.00 10.17 ? 1191 HIS A C   1 
ATOM   662 O  O   . HIS A 1 85  ? -13.887 1.488   0.775   1.00 10.81 ? 1191 HIS A O   1 
ATOM   663 C  CB  . HIS A 1 85  ? -12.394 -1.194  0.953   1.00 9.60  ? 1191 HIS A CB  1 
ATOM   664 C  CG  . HIS A 1 85  ? -12.639 -1.803  -0.383  1.00 9.94  ? 1191 HIS A CG  1 
ATOM   665 N  ND1 . HIS A 1 85  ? -11.623 -2.086  -1.262  1.00 9.75  ? 1191 HIS A ND1 1 
ATOM   666 C  CD2 . HIS A 1 85  ? -13.784 -2.056  -1.041  1.00 10.68 ? 1191 HIS A CD2 1 
ATOM   667 C  CE1 . HIS A 1 85  ? -12.132 -2.532  -2.390  1.00 10.91 ? 1191 HIS A CE1 1 
ATOM   668 N  NE2 . HIS A 1 85  ? -13.446 -2.573  -2.262  1.00 11.73 ? 1191 HIS A NE2 1 
ATOM   669 N  N   . HIS A 1 86  ? -12.658 1.395   -1.109  1.00 10.01 ? 1192 HIS A N   1 
ATOM   670 C  CA  . HIS A 1 86  ? -13.544 2.242   -1.893  1.00 11.20 ? 1192 HIS A CA  1 
ATOM   671 C  C   . HIS A 1 86  ? -13.346 1.914   -3.334  1.00 12.28 ? 1192 HIS A C   1 
ATOM   672 O  O   . HIS A 1 86  ? -12.303 1.393   -3.705  1.00 11.25 ? 1192 HIS A O   1 
ATOM   673 C  CB  . HIS A 1 86  ? -13.153 3.699   -1.582  1.00 11.31 ? 1192 HIS A CB  1 
ATOM   674 C  CG  . HIS A 1 86  ? -14.017 4.740   -2.212  1.00 12.51 ? 1192 HIS A CG  1 
ATOM   675 N  ND1 . HIS A 1 86  ? -13.770 5.245   -3.469  1.00 13.91 ? 1192 HIS A ND1 1 
ATOM   676 C  CD2 . HIS A 1 86  ? -15.100 5.396   -1.743  1.00 13.74 ? 1192 HIS A CD2 1 
ATOM   677 C  CE1 . HIS A 1 86  ? -14.676 6.167   -3.749  1.00 15.00 ? 1192 HIS A CE1 1 
ATOM   678 N  NE2 . HIS A 1 86  ? -15.506 6.267   -2.725  1.00 14.75 ? 1192 HIS A NE2 1 
ATOM   679 N  N   . GLN A 1 87  ? -14.315 2.275   -4.177  1.00 14.31 ? 1193 GLN A N   1 
ATOM   680 C  CA  . GLN A 1 87  ? -14.182 2.092   -5.623  1.00 15.60 ? 1193 GLN A CA  1 
ATOM   681 C  C   . GLN A 1 87  ? -12.907 2.693   -6.213  1.00 15.86 ? 1193 GLN A C   1 
ATOM   682 O  O   . GLN A 1 87  ? -12.328 2.110   -7.141  1.00 17.54 ? 1193 GLN A O   1 
ATOM   683 C  CB  . GLN A 1 87  ? -15.451 2.651   -6.340  1.00 17.44 ? 1193 GLN A CB  1 
ATOM   684 N  N   . ALA A 1 88  ? -12.413 3.809   -5.673  1.00 15.40 ? 1194 ALA A N   1 
ATOM   685 C  CA  . ALA A 1 88  ? -11.178 4.446   -6.113  1.00 15.26 ? 1194 ALA A CA  1 
ATOM   686 C  C   . ALA A 1 88  ? -9.951  3.540   -5.949  1.00 15.24 ? 1194 ALA A C   1 
ATOM   687 O  O   . ALA A 1 88  ? -8.882  3.817   -6.502  1.00 17.12 ? 1194 ALA A O   1 
ATOM   688 C  CB  . ALA A 1 88  ? -10.950 5.755   -5.378  1.00 16.16 ? 1194 ALA A CB  1 
ATOM   689 N  N   . LEU A 1 89  ? -10.088 2.498   -5.121  1.00 13.54 ? 1195 LEU A N   1 
ATOM   690 C  CA  . LEU A 1 89  ? -9.022  1.512   -4.943  1.00 12.55 ? 1195 LEU A CA  1 
ATOM   691 C  C   . LEU A 1 89  ? -9.178  0.199   -5.702  1.00 12.69 ? 1195 LEU A C   1 
ATOM   692 O  O   . LEU A 1 89  ? -8.282  -0.637  -5.636  1.00 11.27 ? 1195 LEU A O   1 
ATOM   693 C  CB  . LEU A 1 89  ? -8.900  1.189   -3.447  1.00 11.78 ? 1195 LEU A CB  1 
ATOM   694 C  CG  . LEU A 1 89  ? -8.742  2.374   -2.500  1.00 11.66 ? 1195 LEU A CG  1 
ATOM   695 C  CD1 . LEU A 1 89  ? -8.606  1.932   -1.041  1.00 11.40 ? 1195 LEU A CD1 1 
ATOM   696 C  CD2 . LEU A 1 89  ? -7.560  3.220   -2.935  1.00 13.06 ? 1195 LEU A CD2 1 
ATOM   697 N  N   . LEU A 1 90  ? -10.303 -0.021  -6.382  1.00 12.57 ? 1196 LEU A N   1 
ATOM   698 C  CA  . LEU A 1 90  ? -10.561 -1.301  -7.004  1.00 12.88 ? 1196 LEU A CA  1 
ATOM   699 C  C   . LEU A 1 90  ? -9.562  -1.571  -8.109  1.00 12.54 ? 1196 LEU A C   1 
ATOM   700 O  O   . LEU A 1 90  ? -9.082  -2.691  -8.193  1.00 11.47 ? 1196 LEU A O   1 
ATOM   701 C  CB  . LEU A 1 90  ? -12.003 -1.443  -7.518  1.00 13.67 ? 1196 LEU A CB  1 
ATOM   702 C  CG  . LEU A 1 90  ? -12.320 -2.875  -7.968  1.00 16.52 ? 1196 LEU A CG  1 
ATOM   703 N  N   . ASP A 1 91  ? -9.233  -0.590  -8.945  1.00 12.76 ? 1197 ASP A N   1 
ATOM   704 C  CA  . ASP A 1 91  ? -8.328  -0.883  -10.066 1.00 13.99 ? 1197 ASP A CA  1 
ATOM   705 C  C   . ASP A 1 91  ? -6.930  -1.313  -9.584  1.00 12.54 ? 1197 ASP A C   1 
ATOM   706 O  O   . ASP A 1 91  ? -6.369  -2.284  -10.079 1.00 12.81 ? 1197 ASP A O   1 
ATOM   707 C  CB  . ASP A 1 91  ? -8.190  0.296   -11.043 1.00 15.79 ? 1197 ASP A CB  1 
ATOM   708 C  CG  . ASP A 1 91  ? -9.461  0.569   -11.858 1.00 17.99 ? 1197 ASP A CG  1 
ATOM   709 O  OD1 . ASP A 1 91  ? -10.324 -0.322  -11.988 1.00 20.49 ? 1197 ASP A OD1 1 
ATOM   710 O  OD2 . ASP A 1 91  ? -9.587  1.702   -12.392 1.00 22.31 ? 1197 ASP A OD2 1 
ATOM   711 N  N   . VAL A 1 92  ? -6.381  -0.602  -8.596  1.00 11.18 ? 1198 VAL A N   1 
ATOM   712 C  CA  . VAL A 1 92  ? -5.031  -0.897  -8.118  1.00 10.73 ? 1198 VAL A CA  1 
ATOM   713 C  C   . VAL A 1 92  ? -5.054  -2.270  -7.404  1.00 9.85  ? 1198 VAL A C   1 
ATOM   714 O  O   . VAL A 1 92  ? -4.124  -3.074  -7.537  1.00 9.96  ? 1198 VAL A O   1 
ATOM   715 C  CB  . VAL A 1 92  ? -4.421  0.243   -7.273  1.00 11.26 ? 1198 VAL A CB  1 
ATOM   716 C  CG1 . VAL A 1 92  ? -5.124  0.442   -5.919  1.00 10.83 ? 1198 VAL A CG1 1 
ATOM   717 C  CG2 . VAL A 1 92  ? -2.957  -0.014  -7.060  1.00 11.42 ? 1198 VAL A CG2 1 
ATOM   718 N  N   . LYS A 1 93  ? -6.099  -2.542  -6.627  1.00 9.32  ? 1199 LYS A N   1 
ATOM   719 C  CA  . LYS A 1 93  ? -6.226  -3.846  -5.961  1.00 9.22  ? 1199 LYS A CA  1 
ATOM   720 C  C   . LYS A 1 93  ? -6.300  -4.957  -6.990  1.00 9.92  ? 1199 LYS A C   1 
ATOM   721 O  O   . LYS A 1 93  ? -5.661  -6.010  -6.827  1.00 9.13  ? 1199 LYS A O   1 
ATOM   722 C  CB  . LYS A 1 93  ? -7.427  -3.896  -5.012  1.00 8.83  ? 1199 LYS A CB  1 
ATOM   723 C  CG  . LYS A 1 93  ? -7.211  -3.091  -3.731  1.00 8.59  ? 1199 LYS A CG  1 
ATOM   724 C  CD  . LYS A 1 93  ? -8.288  -3.310  -2.710  1.00 8.47  ? 1199 LYS A CD  1 
ATOM   725 C  CE  . LYS A 1 93  ? -8.046  -2.522  -1.442  1.00 8.53  ? 1199 LYS A CE  1 
ATOM   726 N  NZ  . LYS A 1 93  ? -8.992  -2.926  -0.377  1.00 8.79  ? 1199 LYS A NZ  1 
ATOM   727 N  N   . ASN A 1 94  ? -7.109  -4.761  -8.036  1.00 10.24 ? 1200 ASN A N   1 
ATOM   728 C  CA  . ASN A 1 94  ? -7.243  -5.791  -9.053  1.00 11.36 ? 1200 ASN A CA  1 
ATOM   729 C  C   . ASN A 1 94  ? -5.926  -6.026  -9.800  1.00 10.96 ? 1200 ASN A C   1 
ATOM   730 O  O   . ASN A 1 94  ? -5.623  -7.169  -10.104 1.00 10.89 ? 1200 ASN A O   1 
ATOM   731 C  CB  . ASN A 1 94  ? -8.381  -5.459  -10.047 1.00 12.38 ? 1200 ASN A CB  1 
ATOM   732 C  CG  . ASN A 1 94  ? -9.784  -5.628  -9.469  1.00 13.62 ? 1200 ASN A CG  1 
ATOM   733 O  OD1 . ASN A 1 94  ? -10.020 -6.311  -8.489  1.00 15.12 ? 1200 ASN A OD1 1 
ATOM   734 N  ND2 . ASN A 1 94  ? -10.755 -4.988  -10.132 1.00 16.16 ? 1200 ASN A ND2 1 
ATOM   735 N  N   . ILE A 1 95  ? -5.144  -4.990  -10.074 1.00 10.48 ? 1201 ILE A N   1 
ATOM   736 C  CA  . ILE A 1 95  ? -3.838  -5.150  -10.726 1.00 11.27 ? 1201 ILE A CA  1 
ATOM   737 C  C   . ILE A 1 95  ? -2.923  -5.971  -9.822  1.00 10.81 ? 1201 ILE A C   1 
ATOM   738 O  O   . ILE A 1 95  ? -2.211  -6.893  -10.266 1.00 11.18 ? 1201 ILE A O   1 
ATOM   739 C  CB  . ILE A 1 95  ? -3.185  -3.777  -11.051 1.00 12.75 ? 1201 ILE A CB  1 
ATOM   740 C  CG1 . ILE A 1 95  ? -3.922  -3.057  -12.199 1.00 14.97 ? 1201 ILE A CG1 1 
ATOM   741 C  CG2 . ILE A 1 95  ? -1.708  -3.917  -11.378 1.00 12.84 ? 1201 ILE A CG2 1 
ATOM   742 C  CD1 . ILE A 1 95  ? -3.927  -3.802  -13.500 1.00 16.39 ? 1201 ILE A CD1 1 
ATOM   743 N  N   . ALA A 1 96  ? -2.884  -5.629  -8.545  1.00 9.60  ? 1202 ALA A N   1 
ATOM   744 C  CA  . ALA A 1 96  ? -2.118  -6.430  -7.589  1.00 9.42  ? 1202 ALA A CA  1 
ATOM   745 C  C   . ALA A 1 96  ? -2.592  -7.882  -7.523  1.00 9.56  ? 1202 ALA A C   1 
ATOM   746 O  O   . ALA A 1 96  ? -1.796  -8.824  -7.522  1.00 9.53  ? 1202 ALA A O   1 
ATOM   747 C  CB  . ALA A 1 96  ? -2.196  -5.801  -6.221  1.00 9.31  ? 1202 ALA A CB  1 
ATOM   748 N  N   . HIS A 1 97  ? -3.913  -8.074  -7.491  1.00 9.53  ? 1203 HIS A N   1 
ATOM   749 C  CA  . HIS A 1 97  ? -4.493  -9.425  -7.461  1.00 10.77 ? 1203 HIS A CA  1 
ATOM   750 C  C   . HIS A 1 97  ? -4.038  -10.223 -8.676  1.00 11.19 ? 1203 HIS A C   1 
ATOM   751 O  O   . HIS A 1 97  ? -3.616  -11.385 -8.538  1.00 10.34 ? 1203 HIS A O   1 
ATOM   752 C  CB  . HIS A 1 97  ? -6.024  -9.389  -7.422  1.00 11.84 ? 1203 HIS A CB  1 
ATOM   753 C  CG  . HIS A 1 97  ? -6.622  -10.734 -7.191  1.00 12.72 ? 1203 HIS A CG  1 
ATOM   754 N  ND1 . HIS A 1 97  ? -6.717  -11.672 -8.202  1.00 15.04 ? 1203 HIS A ND1 1 
ATOM   755 C  CD2 . HIS A 1 97  ? -7.105  -11.326 -6.079  1.00 14.38 ? 1203 HIS A CD2 1 
ATOM   756 C  CE1 . HIS A 1 97  ? -7.238  -12.778 -7.718  1.00 13.27 ? 1203 HIS A CE1 1 
ATOM   757 N  NE2 . HIS A 1 97  ? -7.469  -12.605 -6.431  1.00 14.26 ? 1203 HIS A NE2 1 
ATOM   758 N  N   . GLN A 1 98  ? -4.121  -9.621  -9.859  1.00 11.24 ? 1204 GLN A N   1 
ATOM   759 C  CA  . GLN A 1 98  ? -3.720  -10.316 -11.104 1.00 12.07 ? 1204 GLN A CA  1 
ATOM   760 C  C   . GLN A 1 98  ? -2.232  -10.689 -11.077 1.00 12.24 ? 1204 GLN A C   1 
ATOM   761 O  O   . GLN A 1 98  ? -1.848  -11.764 -11.506 1.00 13.34 ? 1204 GLN A O   1 
ATOM   762 C  CB  . GLN A 1 98  ? -4.000  -9.461  -12.316 1.00 12.96 ? 1204 GLN A CB  1 
ATOM   763 C  CG  . GLN A 1 98  ? -5.479  -9.375  -12.620 1.00 14.05 ? 1204 GLN A CG  1 
ATOM   764 N  N   . ASN A 1 99  ? -1.397  -9.823  -10.511 1.00 10.91 ? 1205 ASN A N   1 
ATOM   765 C  CA  . ASN A 1 99  ? 0.038   -10.132 -10.418 1.00 11.26 ? 1205 ASN A CA  1 
ATOM   766 C  C   . ASN A 1 99  ? 0.314   -11.212 -9.389  1.00 11.31 ? 1205 ASN A C   1 
ATOM   767 O  O   . ASN A 1 99  ? 1.209   -12.093 -9.591  1.00 12.27 ? 1205 ASN A O   1 
ATOM   768 C  CB  . ASN A 1 99  ? 0.817   -8.854  -10.120 1.00 11.44 ? 1205 ASN A CB  1 
ATOM   769 C  CG  . ASN A 1 99  ? 2.303   -9.074  -10.182 1.00 12.67 ? 1205 ASN A CG  1 
ATOM   770 O  OD1 . ASN A 1 99  ? 2.986   -9.126  -9.151  1.00 13.16 ? 1205 ASN A OD1 1 
ATOM   771 N  ND2 . ASN A 1 99  ? 2.822   -9.239  -11.391 1.00 13.88 ? 1205 ASN A ND2 1 
ATOM   772 N  N   . LYS A 1 100 ? -0.457  -11.212 -8.310  1.00 10.46 ? 1206 LYS A N   1 
ATOM   773 C  CA  . LYS A 1 100 ? -0.241  -12.145 -7.195  1.00 10.67 ? 1206 LYS A CA  1 
ATOM   774 C  C   . LYS A 1 100 ? -0.779  -13.531 -7.472  1.00 11.57 ? 1206 LYS A C   1 
ATOM   775 O  O   . LYS A 1 100 ? -0.138  -14.524 -7.129  1.00 12.13 ? 1206 LYS A O   1 
ATOM   776 C  CB  . LYS A 1 100 ? -0.873  -11.597 -5.901  1.00 10.12 ? 1206 LYS A CB  1 
ATOM   777 C  CG  . LYS A 1 100 ? -0.567  -12.382 -4.633  1.00 10.11 ? 1206 LYS A CG  1 
ATOM   778 C  CD  . LYS A 1 100 ? -0.951  -11.646 -3.364  1.00 10.00 ? 1206 LYS A CD  1 
ATOM   779 C  CE  . LYS A 1 100 ? -0.697  -12.469 -2.132  1.00 10.09 ? 1206 LYS A CE  1 
ATOM   780 N  NZ  . LYS A 1 100 ? 0.704   -12.359 -1.627  1.00 10.01 ? 1206 LYS A NZ  1 
ATOM   781 N  N   . PHE A 1 101 ? -1.985  -13.609 -8.040  1.00 13.74 ? 1207 PHE A N   1 
ATOM   782 C  CA  . PHE A 1 101 ? -2.739  -14.895 -8.089  1.00 15.17 ? 1207 PHE A CA  1 
ATOM   783 C  C   . PHE A 1 101 ? -2.961  -15.447 -9.473  1.00 18.05 ? 1207 PHE A C   1 
ATOM   784 O  O   . PHE A 1 101 ? -3.295  -16.633 -9.616  1.00 21.62 ? 1207 PHE A O   1 
ATOM   785 C  CB  . PHE A 1 101 ? -4.099  -14.779 -7.383  1.00 15.34 ? 1207 PHE A CB  1 
ATOM   786 C  CG  . PHE A 1 101 ? -4.008  -14.475 -5.917  1.00 15.49 ? 1207 PHE A CG  1 
ATOM   787 C  CD1 . PHE A 1 101 ? -3.580  -15.458 -5.005  1.00 16.04 ? 1207 PHE A CD1 1 
ATOM   788 C  CD2 . PHE A 1 101 ? -4.351  -13.223 -5.414  1.00 16.42 ? 1207 PHE A CD2 1 
ATOM   789 C  CE1 . PHE A 1 101 ? -3.488  -15.173 -3.653  1.00 15.80 ? 1207 PHE A CE1 1 
ATOM   790 C  CE2 . PHE A 1 101 ? -4.275  -12.951 -4.055  1.00 16.46 ? 1207 PHE A CE2 1 
ATOM   791 C  CZ  . PHE A 1 101 ? -3.844  -13.919 -3.171  1.00 17.61 ? 1207 PHE A CZ  1 
ATOM   792 N  N   . GLY A 1 102 ? -2.748  -14.643 -10.497 1.00 18.85 ? 1208 GLY A N   1 
HETATM 793 ZN ZN  . ZN  B 2 .   ? 4.861   7.358   -1.255  1.00 7.56  ? 1301 ZN  A ZN  1 
HETATM 794 ZN ZN  . ZN  C 2 .   ? 12.367  -2.689  5.107   1.00 8.53  ? 1302 ZN  A ZN  1 
HETATM 795 ZN ZN  . ZN  D 2 .   ? -7.364  8.545   5.659   1.00 7.31  ? 1303 ZN  A ZN  1 
HETATM 796 C  C4  A B8P E 3 .   ? -0.403  -2.428  12.254  0.80 16.87 ? 1304 B8P A C4  1 
HETATM 797 C  C2  A B8P E 3 .   ? -0.258  -1.620  9.668   0.80 13.24 ? 1304 B8P A C2  1 
HETATM 798 N  N1  A B8P E 3 .   ? -0.176  -0.680  10.571  0.80 14.39 ? 1304 B8P A N1  1 
HETATM 799 C  C6  A B8P E 3 .   ? -0.430  -1.780  14.565  0.80 18.78 ? 1304 B8P A C6  1 
HETATM 800 C  C5  A B8P E 3 .   ? -0.492  -2.761  13.621  0.80 17.84 ? 1304 B8P A C5  1 
HETATM 801 O  O2  A B8P E 3 .   ? 3.324   0.080   8.183   0.80 7.96  ? 1304 B8P A O2  1 
HETATM 802 C  C16 A B8P E 3 .   ? 2.452   -0.716  8.280   0.80 9.27  ? 1304 B8P A C16 1 
HETATM 803 O  O1  A B8P E 3 .   ? 2.682   -1.955  8.665   0.80 9.84  ? 1304 B8P A O1  1 
HETATM 804 C  C   A B8P E 3 .   ? 1.037   -0.278  7.971   0.80 10.50 ? 1304 B8P A C   1 
HETATM 805 C  C1  A B8P E 3 .   ? -0.066  -1.302  8.213   0.80 11.59 ? 1304 B8P A C1  1 
HETATM 806 C  C9  A B8P E 3 .   ? -0.237  -1.066  11.886  0.80 16.38 ? 1304 B8P A C9  1 
HETATM 807 C  C8  A B8P E 3 .   ? -0.142  -0.086  12.898  0.80 17.61 ? 1304 B8P A C8  1 
HETATM 808 C  C7  A B8P E 3 .   ? -0.227  -0.448  14.205  0.80 17.79 ? 1304 B8P A C7  1 
HETATM 809 N  N   A B8P E 3 .   ? -0.509  -3.419  11.314  0.80 14.61 ? 1304 B8P A N   1 
HETATM 810 C  C3  A B8P E 3 .   ? -0.446  -3.018  10.080  0.80 13.33 ? 1304 B8P A C3  1 
HETATM 811 O  O   A B8P E 3 .   ? -0.600  -3.896  9.076   0.80 13.34 ? 1304 B8P A O   1 
HETATM 812 C  C10 A B8P E 3 .   ? -0.768  -5.285  9.432   0.80 13.01 ? 1304 B8P A C10 1 
HETATM 813 C  C11 A B8P E 3 .   ? -1.054  -6.035  8.165   0.80 12.23 ? 1304 B8P A C11 1 
HETATM 814 N  N2  A B8P E 3 .   ? -2.224  -5.737  7.576   0.80 11.58 ? 1304 B8P A N2  1 
HETATM 815 C  C15 A B8P E 3 .   ? -2.494  -6.325  6.403   0.80 12.10 ? 1304 B8P A C15 1 
HETATM 816 C  C14 A B8P E 3 .   ? -1.647  -7.216  5.786   0.80 11.89 ? 1304 B8P A C14 1 
HETATM 817 C  C13 A B8P E 3 .   ? -0.452  -7.499  6.395   0.80 11.90 ? 1304 B8P A C13 1 
HETATM 818 C  C12 A B8P E 3 .   ? -0.140  -6.907  7.601   0.80 11.89 ? 1304 B8P A C12 1 
HETATM 819 X  UNK . UNX F 4 .   ? 18.653  0.588   0.367   1.00 23.06 ? 1305 UNX A UNK 1 
HETATM 820 X  UNK . UNX G 4 .   ? 12.594  2.710   -2.824  1.00 23.42 ? 1306 UNX A UNK 1 
HETATM 821 X  UNK . UNX H 4 .   ? 10.664  1.140   -3.793  1.00 10.95 ? 1307 UNX A UNK 1 
HETATM 822 X  UNK . UNX I 4 .   ? -18.140 7.759   -2.157  1.00 20.95 ? 1308 UNX A UNK 1 
HETATM 823 X  UNK . UNX J 4 .   ? 10.850  6.704   2.293   1.00 14.50 ? 1309 UNX A UNK 1 
HETATM 824 X  UNK . UNX K 4 .   ? -11.070 -3.072  9.256   1.00 23.70 ? 1310 UNX A UNK 1 
HETATM 825 X  UNK . UNX L 4 .   ? -4.660  15.040  -4.280  1.00 18.71 ? 1311 UNX A UNK 1 
HETATM 826 X  UNK . UNX M 4 .   ? -5.032  14.778  7.100   1.00 22.29 ? 1312 UNX A UNK 1 
HETATM 827 X  UNK . UNX N 4 .   ? -9.568  -4.048  4.331   1.00 10.46 ? 1313 UNX A UNK 1 
HETATM 828 X  UNK . UNX O 4 .   ? -4.619  16.137  0.422   1.00 10.79 ? 1314 UNX A UNK 1 
HETATM 829 X  UNK . UNX P 4 .   ? 10.535  -9.123  -7.494  1.00 17.24 ? 1315 UNX A UNK 1 
HETATM 830 X  UNK . UNX Q 4 .   ? -9.741  -0.500  10.257  1.00 16.87 ? 1316 UNX A UNK 1 
HETATM 831 X  UNK . UNX R 4 .   ? 17.080  -8.637  3.388   1.00 28.61 ? 1317 UNX A UNK 1 
HETATM 832 X  UNK . UNX S 4 .   ? 16.579  -2.397  8.521   1.00 15.46 ? 1318 UNX A UNK 1 
HETATM 833 X  UNK . UNX T 4 .   ? -8.297  14.939  6.079   1.00 15.35 ? 1319 UNX A UNK 1 
HETATM 834 X  UNK . UNX U 4 .   ? -2.744  -13.399 5.095   1.00 26.04 ? 1320 UNX A UNK 1 
HETATM 835 X  UNK . UNX V 4 .   ? 7.753   -11.236 -1.469  1.00 12.45 ? 1321 UNX A UNK 1 
HETATM 836 O  O   . HOH W 5 .   ? 7.907   -0.985  -8.866  1.00 27.98 ? 1401 HOH A O   1 
HETATM 837 O  O   . HOH W 5 .   ? 4.627   -12.290 6.198   1.00 20.37 ? 1402 HOH A O   1 
HETATM 838 O  O   . HOH W 5 .   ? 12.215  2.431   10.240  1.00 38.48 ? 1403 HOH A O   1 
HETATM 839 O  O   . HOH W 5 .   ? -4.742  -6.411  10.374  1.00 29.25 ? 1404 HOH A O   1 
HETATM 840 O  O   . HOH W 5 .   ? 16.369  -0.125  -2.982  1.00 27.16 ? 1405 HOH A O   1 
HETATM 841 O  O   . HOH W 5 .   ? 13.490  -3.664  13.027  1.00 31.94 ? 1406 HOH A O   1 
HETATM 842 O  O   . HOH W 5 .   ? 1.859   -6.277  3.693   1.00 11.60 ? 1407 HOH A O   1 
HETATM 843 O  O   . HOH W 5 .   ? 1.774   -0.991  -19.689 1.00 30.78 ? 1408 HOH A O   1 
HETATM 844 O  O   . HOH W 5 .   ? 2.218   -4.492  7.995   1.00 14.87 ? 1409 HOH A O   1 
HETATM 845 O  O   . HOH W 5 .   ? 5.065   0.187   -10.319 1.00 23.19 ? 1410 HOH A O   1 
HETATM 846 O  O   . HOH W 5 .   ? 5.997   -0.056  8.156   1.00 6.87  ? 1411 HOH A O   1 
HETATM 847 O  O   . HOH W 5 .   ? 5.767   15.646  1.283   1.00 21.67 ? 1412 HOH A O   1 
HETATM 848 O  O   . HOH W 5 .   ? 11.325  4.337   4.243   1.00 16.85 ? 1413 HOH A O   1 
HETATM 849 O  O   . HOH W 5 .   ? -8.705  -2.188  2.371   1.00 8.64  ? 1414 HOH A O   1 
HETATM 850 O  O   . HOH W 5 .   ? 11.570  -1.621  -3.657  1.00 11.65 ? 1415 HOH A O   1 
HETATM 851 O  O   . HOH W 5 .   ? 15.557  -9.781  -0.999  1.00 16.34 ? 1416 HOH A O   1 
HETATM 852 O  O   . HOH W 5 .   ? 5.480   -2.941  -7.180  1.00 9.00  ? 1417 HOH A O   1 
HETATM 853 O  O   . HOH W 5 .   ? -0.311  5.333   -15.794 1.00 25.70 ? 1418 HOH A O   1 
HETATM 854 O  O   . HOH W 5 .   ? -8.097  -7.557  1.683   1.00 17.95 ? 1419 HOH A O   1 
HETATM 855 O  O   . HOH W 5 .   ? 3.536   -12.626 -8.318  1.00 14.25 ? 1420 HOH A O   1 
HETATM 856 O  O   . HOH W 5 .   ? 6.871   -7.994  -1.786  1.00 10.03 ? 1421 HOH A O   1 
HETATM 857 O  O   . HOH W 5 .   ? 5.632   7.392   10.612  1.00 26.85 ? 1422 HOH A O   1 
HETATM 858 O  O   . HOH W 5 .   ? -8.310  0.944   13.083  1.00 31.35 ? 1423 HOH A O   1 
HETATM 859 O  O   . HOH W 5 .   ? 0.963   11.090  10.429  1.00 19.98 ? 1424 HOH A O   1 
HETATM 860 O  O   . HOH W 5 .   ? -7.330  9.955   -5.998  1.00 23.05 ? 1425 HOH A O   1 
HETATM 861 O  O   . HOH W 5 .   ? 11.233  7.959   -0.661  1.00 29.84 ? 1426 HOH A O   1 
HETATM 862 O  O   . HOH W 5 .   ? -8.116  6.000   -7.970  1.00 25.58 ? 1427 HOH A O   1 
HETATM 863 O  O   . HOH W 5 .   ? 0.656   -16.757 -8.512  1.00 18.58 ? 1428 HOH A O   1 
HETATM 864 O  O   . HOH W 5 .   ? 4.509   14.095  -2.090  1.00 25.32 ? 1429 HOH A O   1 
HETATM 865 O  O   . HOH W 5 .   ? 2.910   -12.766 -3.233  1.00 11.31 ? 1430 HOH A O   1 
HETATM 866 O  O   . HOH W 5 .   ? 13.444  8.630   7.293   1.00 28.61 ? 1431 HOH A O   1 
HETATM 867 O  O   . HOH W 5 .   ? -1.098  -7.140  -12.789 1.00 15.94 ? 1432 HOH A O   1 
HETATM 868 O  O   . HOH W 5 .   ? 9.427   2.852   11.327  1.00 21.94 ? 1433 HOH A O   1 
HETATM 869 O  O   . HOH W 5 .   ? -10.509 2.057   -9.231  1.00 19.69 ? 1434 HOH A O   1 
HETATM 870 O  O   . HOH W 5 .   ? 8.712   -4.658  14.437  1.00 24.01 ? 1435 HOH A O   1 
HETATM 871 O  O   . HOH W 5 .   ? -7.433  12.924  -6.755  1.00 25.78 ? 1436 HOH A O   1 
HETATM 872 O  O   . HOH W 5 .   ? 8.563   0.881   -7.069  1.00 18.53 ? 1437 HOH A O   1 
HETATM 873 O  O   . HOH W 5 .   ? -6.110  -6.352  6.458   1.00 25.99 ? 1438 HOH A O   1 
HETATM 874 O  O   . HOH W 5 .   ? 8.268   7.106   -6.720  1.00 13.26 ? 1439 HOH A O   1 
HETATM 875 O  O   . HOH W 5 .   ? -1.260  7.227   -0.619  1.00 8.39  ? 1440 HOH A O   1 
HETATM 876 O  O   . HOH W 5 .   ? 16.227  -5.672  11.643  1.00 33.90 ? 1441 HOH A O   1 
HETATM 877 O  O   . HOH W 5 .   ? -5.498  8.993   -9.218  1.00 18.03 ? 1442 HOH A O   1 
HETATM 878 O  O   . HOH W 5 .   ? 5.262   -10.783 -9.124  1.00 23.99 ? 1443 HOH A O   1 
HETATM 879 O  O   . HOH W 5 .   ? -8.149  4.567   14.177  1.00 26.43 ? 1444 HOH A O   1 
HETATM 880 O  O   . HOH W 5 .   ? 5.107   -11.295 -2.207  1.00 9.79  ? 1445 HOH A O   1 
HETATM 881 O  O   . HOH W 5 .   ? -1.239  9.840   11.686  1.00 24.70 ? 1446 HOH A O   1 
HETATM 882 O  O   . HOH W 5 .   ? -9.540  -5.414  0.841   1.00 14.64 ? 1447 HOH A O   1 
HETATM 883 O  O   . HOH W 5 .   ? 5.362   -0.280  -7.706  1.00 13.10 ? 1448 HOH A O   1 
HETATM 884 O  O   . HOH W 5 .   ? 15.923  1.394   9.309   1.00 32.42 ? 1449 HOH A O   1 
HETATM 885 O  O   . HOH W 5 .   ? -3.766  11.421  12.323  1.00 34.73 ? 1450 HOH A O   1 
HETATM 886 O  O   . HOH W 5 .   ? 2.842   -5.624  -14.786 1.00 25.57 ? 1451 HOH A O   1 
HETATM 887 O  O   . HOH W 5 .   ? 0.188   6.324   11.704  1.00 17.86 ? 1452 HOH A O   1 
HETATM 888 O  O   . HOH W 5 .   ? -7.178  2.201   -8.108  1.00 14.31 ? 1453 HOH A O   1 
HETATM 889 O  O   . HOH W 5 .   ? 7.322   4.386   -8.426  1.00 16.45 ? 1454 HOH A O   1 
HETATM 890 O  O   . HOH W 5 .   ? -7.382  -2.786  -12.692 1.00 23.62 ? 1455 HOH A O   1 
HETATM 891 O  O   . HOH W 5 .   ? 2.198   14.264  1.499   1.00 21.78 ? 1456 HOH A O   1 
HETATM 892 O  O   . HOH W 5 .   ? 5.895   -9.014  0.899   1.00 10.31 ? 1457 HOH A O   1 
HETATM 893 O  O   . HOH W 5 .   ? -10.813 11.548  -0.158  1.00 10.75 ? 1458 HOH A O   1 
HETATM 894 O  O   . HOH W 5 .   ? 19.051  -5.017  5.058   1.00 23.76 ? 1459 HOH A O   1 
HETATM 895 O  O   . HOH W 5 .   ? -6.214  14.526  2.085   1.00 12.28 ? 1460 HOH A O   1 
HETATM 896 O  O   . HOH W 5 .   ? 0.849   -13.664 0.931   1.00 24.23 ? 1461 HOH A O   1 
HETATM 897 O  O   . HOH W 5 .   ? -1.006  -0.800  -14.719 1.00 28.63 ? 1462 HOH A O   1 
HETATM 898 O  O   . HOH W 5 .   ? -10.007 -3.181  -12.461 1.00 25.15 ? 1463 HOH A O   1 
HETATM 899 O  O   . HOH W 5 .   ? -16.933 2.898   -3.044  1.00 20.09 ? 1464 HOH A O   1 
HETATM 900 O  O   . HOH W 5 .   ? 12.998  -7.326  11.663  1.00 23.51 ? 1465 HOH A O   1 
HETATM 901 O  O   . HOH W 5 .   ? 1.108   -5.487  -12.891 1.00 17.99 ? 1466 HOH A O   1 
HETATM 902 O  O   . HOH W 5 .   ? 1.876   1.408   10.928  1.00 27.31 ? 1467 HOH A O   1 
HETATM 903 O  O   . HOH W 5 .   ? 5.476   -11.851 3.700   1.00 17.03 ? 1468 HOH A O   1 
HETATM 904 O  O   . HOH W 5 .   ? -11.031 14.297  0.533   1.00 18.52 ? 1469 HOH A O   1 
HETATM 905 O  O   . HOH W 5 .   ? -16.951 -2.293  10.823  1.00 28.34 ? 1470 HOH A O   1 
HETATM 906 O  O   . HOH W 5 .   ? 0.641   -9.218  -13.588 1.00 23.42 ? 1471 HOH A O   1 
HETATM 907 O  O   . HOH W 5 .   ? -5.666  5.762   -9.110  1.00 25.30 ? 1472 HOH A O   1 
HETATM 908 O  O   . HOH W 5 .   ? 5.251   3.052   -15.524 1.00 20.81 ? 1473 HOH A O   1 
HETATM 909 O  O   . HOH W 5 .   ? 3.762   -10.871 0.070   1.00 20.33 ? 1474 HOH A O   1 
HETATM 910 O  O   . HOH W 5 .   ? 5.892   -8.834  -12.032 1.00 35.79 ? 1475 HOH A O   1 
HETATM 911 O  O   . HOH W 5 .   ? -0.289  3.548   11.528  1.00 22.59 ? 1476 HOH A O   1 
HETATM 912 O  O   . HOH W 5 .   ? -12.638 11.217  -2.259  1.00 22.82 ? 1477 HOH A O   1 
HETATM 913 O  O   . HOH W 5 .   ? -5.078  4.599   -12.487 1.00 23.32 ? 1478 HOH A O   1 
HETATM 914 O  O   . HOH W 5 .   ? 16.188  -7.246  5.851   1.00 33.69 ? 1479 HOH A O   1 
HETATM 915 O  O   . HOH W 5 .   ? -5.773  12.502  10.879  1.00 21.59 ? 1480 HOH A O   1 
HETATM 916 O  O   . HOH W 5 .   ? 11.045  1.582   -6.432  1.00 29.77 ? 1481 HOH A O   1 
HETATM 917 O  O   . HOH W 5 .   ? -0.273  -3.383  -15.267 1.00 32.15 ? 1482 HOH A O   1 
HETATM 918 O  O   . HOH W 5 .   ? 19.623  -2.347  5.125   1.00 31.22 ? 1483 HOH A O   1 
HETATM 919 O  O   . HOH W 5 .   ? -8.030  11.263  9.624   1.00 12.23 ? 1484 HOH A O   1 
HETATM 920 O  O   . HOH W 5 .   ? 17.786  -0.703  6.197   1.00 30.96 ? 1485 HOH A O   1 
HETATM 921 O  O   . HOH W 5 .   ? 7.228   -12.595 -10.381 1.00 29.35 ? 1486 HOH A O   1 
HETATM 922 O  O   . HOH W 5 .   ? 9.637   3.464   -7.546  1.00 39.19 ? 1487 HOH A O   1 
HETATM 923 O  O   . HOH W 5 .   ? 2.505   15.284  -0.840  1.00 20.65 ? 1488 HOH A O   1 
HETATM 924 O  O   . HOH W 5 .   ? 14.125  -1.978  -4.561  1.00 26.29 ? 1489 HOH A O   1 
HETATM 925 O  O   . HOH W 5 .   ? 5.009   9.891   11.428  1.00 29.66 ? 1490 HOH A O   1 
HETATM 926 O  O   . HOH W 5 .   ? 2.613   7.432   12.231  1.00 31.34 ? 1491 HOH A O   1 
HETATM 927 O  O   . HOH W 5 .   ? -2.960  -6.953  -14.706 1.00 30.68 ? 1492 HOH A O   1 
HETATM 928 O  O   . HOH W 5 .   ? -12.253 5.670   12.014  1.00 26.89 ? 1493 HOH A O   1 
# 
